data_8Y9U
#
_entry.id   8Y9U
#
_cell.length_a   59.420
_cell.length_b   65.892
_cell.length_c   118.713
_cell.angle_alpha   104.85
_cell.angle_beta   103.41
_cell.angle_gamma   91.73
#
_symmetry.space_group_name_H-M   'P 1'
#
loop_
_entity.id
_entity.type
_entity.pdbx_description
1 polymer Albumin
2 polymer 'nanobody MY6323'
#
loop_
_entity_poly.entity_id
_entity_poly.type
_entity_poly.pdbx_seq_one_letter_code
_entity_poly.pdbx_strand_id
1 'polypeptide(L)'
;RGVFRRDAHKSEVAHRFKDLGEENFKALVLIAFAQYLQQCPFEDHVKLVNEVTEFAKTCVADESAENCDKSLHTLFGDKL
CTVATLRETYGEMADCCAKQEPERNECFLQHKDDNPNLPRLVRPEVDVMCTAFHDNEETFLKKYLYEIARRHPYFYAPEL
LFFAKRYKAAFTECCQAADKAACLLPKLDELRDEGKASSAKQRLKCASLQKFGERAFKAWAVARLSQRFPKAEFAEVSKL
VTDLTKVHTECCHGDLLECADDRADLAKYICENQDSISSKLKECCEKPLLEKSHCIAEVENDEMPADLPSLAADFVESKD
VCKNYAEAKDVFLGMFLYEYARRHPDYSVVLLLRLAKTYETTLEKCCAAADPHECYAKVFDEFKPLVEEPQNLIKQNCEL
FEQLGEYKFQNALLVRYTKKVPQVSTPTLVEVSRNLGKVGSKCCKHPEAKRMPCAEDYLSVVLNQLCVLHEKTPVSDRVT
KCCTESLVNRRPCFSALEVDETYVPKEFNAETFTFHADICTLSEKERQIKKQTALVELVKHKPKATKEQLKAVMDDFAAF
VEKCCKADDKETCFAEEGKKLVAASQAALGL
;
A,C
2 'polypeptide(L)'
;EVQLQESGGGLVQPGGSLRLSCAASGFRFSSYWMYWVRQAPGKGLEWVSAINSSGGYTRYADSVKGRFTISRDNAKNTLY
LQMNSLRAEDTAVYYCATDSGDGKRYWSGEYFYRSRGQGTLVTVSS
;
B,D
#
# COMPACT_ATOMS: atom_id res chain seq x y z
N HIS A 9 -15.08 -50.91 21.22
CA HIS A 9 -15.68 -51.78 22.25
C HIS A 9 -15.77 -53.21 21.73
N LYS A 10 -16.88 -53.87 22.01
CA LYS A 10 -17.11 -55.23 21.46
C LYS A 10 -17.32 -55.07 19.95
N SER A 11 -16.92 -56.04 19.14
CA SER A 11 -17.23 -55.84 17.70
C SER A 11 -16.67 -54.51 17.21
N GLU A 12 -15.40 -54.21 17.47
CA GLU A 12 -14.91 -52.88 17.10
C GLU A 12 -15.06 -52.74 15.59
N VAL A 13 -14.79 -53.78 14.81
CA VAL A 13 -15.11 -53.69 13.36
C VAL A 13 -16.51 -53.09 13.26
N ALA A 14 -17.46 -53.64 14.03
CA ALA A 14 -18.82 -53.14 14.05
C ALA A 14 -18.83 -51.64 14.33
N HIS A 15 -17.99 -51.21 15.29
CA HIS A 15 -17.91 -49.81 15.65
C HIS A 15 -17.39 -48.95 14.49
N ARG A 16 -16.42 -49.47 13.74
CA ARG A 16 -15.84 -48.73 12.63
C ARG A 16 -16.72 -48.73 11.39
N PHE A 17 -17.44 -49.83 11.17
CA PHE A 17 -18.43 -49.92 10.10
C PHE A 17 -19.54 -48.90 10.36
N LYS A 18 -20.07 -48.89 11.58
CA LYS A 18 -21.14 -47.98 11.92
C LYS A 18 -20.69 -46.53 11.91
N ASP A 19 -19.41 -46.27 12.20
CA ASP A 19 -18.89 -44.91 12.19
C ASP A 19 -18.60 -44.43 10.76
N LEU A 20 -18.04 -45.30 9.93
CA LEU A 20 -17.68 -44.95 8.56
C LEU A 20 -18.83 -44.98 7.58
N GLY A 21 -19.82 -45.83 7.84
CA GLY A 21 -20.84 -46.16 6.85
C GLY A 21 -20.30 -47.15 5.81
N GLU A 22 -21.17 -48.03 5.32
CA GLU A 22 -20.79 -49.13 4.44
C GLU A 22 -19.91 -48.74 3.26
N GLU A 23 -20.27 -47.66 2.55
CA GLU A 23 -19.53 -47.33 1.34
C GLU A 23 -18.12 -46.87 1.64
N ASN A 24 -17.93 -45.94 2.59
CA ASN A 24 -16.61 -45.51 3.02
C ASN A 24 -15.75 -46.65 3.58
N PHE A 25 -16.40 -47.54 4.34
CA PHE A 25 -15.75 -48.73 4.84
C PHE A 25 -15.15 -49.49 3.66
N LYS A 26 -16.01 -49.88 2.70
CA LYS A 26 -15.63 -50.69 1.53
C LYS A 26 -14.48 -50.07 0.74
N ALA A 27 -14.54 -48.76 0.56
CA ALA A 27 -13.47 -48.02 -0.13
C ALA A 27 -12.15 -48.13 0.61
N LEU A 28 -12.18 -47.93 1.93
CA LEU A 28 -10.98 -47.94 2.74
C LEU A 28 -10.37 -49.34 2.80
N VAL A 29 -11.22 -50.36 2.97
CA VAL A 29 -10.77 -51.74 2.99
C VAL A 29 -10.02 -52.06 1.70
N LEU A 30 -10.62 -51.69 0.56
CA LEU A 30 -10.01 -51.89 -0.74
C LEU A 30 -8.64 -51.23 -0.79
N ILE A 31 -8.57 -49.96 -0.35
CA ILE A 31 -7.32 -49.22 -0.45
C ILE A 31 -6.27 -49.96 0.37
N ALA A 32 -6.62 -50.30 1.61
CA ALA A 32 -5.74 -51.00 2.54
C ALA A 32 -5.11 -52.25 1.96
N PHE A 33 -5.96 -53.13 1.40
CA PHE A 33 -5.52 -54.36 0.75
C PHE A 33 -4.71 -54.04 -0.51
N ALA A 34 -5.18 -53.10 -1.31
CA ALA A 34 -4.49 -52.73 -2.53
C ALA A 34 -3.04 -52.34 -2.23
N GLN A 35 -2.83 -51.68 -1.08
CA GLN A 35 -1.53 -51.19 -0.70
C GLN A 35 -0.59 -52.30 -0.24
N TYR A 36 -1.08 -53.29 0.50
CA TYR A 36 -0.23 -54.40 0.91
C TYR A 36 -0.05 -55.41 -0.23
N LEU A 37 -1.17 -55.97 -0.71
CA LEU A 37 -1.17 -56.94 -1.78
C LEU A 37 -1.22 -56.26 -3.15
N GLN A 38 -0.10 -55.60 -3.51
CA GLN A 38 -0.01 -54.70 -4.66
C GLN A 38 -0.10 -55.43 -5.99
N GLN A 39 0.39 -56.68 -6.01
CA GLN A 39 0.42 -57.47 -7.22
C GLN A 39 -0.68 -58.52 -7.21
N CYS A 40 -1.90 -58.13 -6.83
CA CYS A 40 -3.07 -58.97 -7.01
C CYS A 40 -4.07 -58.26 -7.91
N PRO A 41 -4.80 -59.00 -8.77
CA PRO A 41 -5.74 -58.37 -9.71
C PRO A 41 -6.94 -57.72 -9.05
N PHE A 42 -7.58 -56.81 -9.79
CA PHE A 42 -8.70 -56.04 -9.28
C PHE A 42 -9.81 -56.93 -8.74
N GLU A 43 -10.13 -57.97 -9.51
CA GLU A 43 -11.28 -58.82 -9.23
C GLU A 43 -11.08 -59.60 -7.93
N ASP A 44 -9.82 -59.84 -7.54
CA ASP A 44 -9.52 -60.54 -6.31
C ASP A 44 -9.70 -59.61 -5.11
N HIS A 45 -9.18 -58.38 -5.19
CA HIS A 45 -9.39 -57.41 -4.14
C HIS A 45 -10.87 -57.17 -3.88
N VAL A 46 -11.68 -57.09 -4.94
CA VAL A 46 -13.10 -56.83 -4.76
C VAL A 46 -13.69 -57.95 -3.91
N LYS A 47 -13.26 -59.18 -4.15
CA LYS A 47 -13.81 -60.32 -3.44
C LYS A 47 -13.37 -60.31 -1.98
N LEU A 48 -12.10 -59.97 -1.72
CA LEU A 48 -11.62 -59.80 -0.36
C LEU A 48 -12.45 -58.76 0.40
N VAL A 49 -12.68 -57.61 -0.23
CA VAL A 49 -13.47 -56.55 0.38
C VAL A 49 -14.88 -57.04 0.67
N ASN A 50 -15.51 -57.75 -0.26
CA ASN A 50 -16.88 -58.22 -0.06
C ASN A 50 -16.97 -59.24 1.08
N GLU A 51 -15.94 -60.07 1.23
CA GLU A 51 -15.84 -60.98 2.36
C GLU A 51 -15.83 -60.21 3.67
N VAL A 52 -14.92 -59.23 3.75
CA VAL A 52 -14.79 -58.40 4.93
C VAL A 52 -16.11 -57.67 5.21
N THR A 53 -16.61 -56.92 4.23
CA THR A 53 -17.89 -56.24 4.35
C THR A 53 -19.02 -57.12 4.85
N GLU A 54 -19.20 -58.32 4.28
CA GLU A 54 -20.27 -59.21 4.70
C GLU A 54 -20.10 -59.67 6.14
N PHE A 55 -18.85 -59.93 6.55
CA PHE A 55 -18.53 -60.21 7.94
C PHE A 55 -18.84 -59.04 8.86
N ALA A 56 -18.34 -57.86 8.48
CA ALA A 56 -18.60 -56.63 9.22
C ALA A 56 -20.08 -56.57 9.57
N LYS A 57 -20.92 -56.75 8.55
CA LYS A 57 -22.35 -56.66 8.70
C LYS A 57 -22.89 -57.63 9.75
N THR A 58 -22.30 -58.83 9.83
CA THR A 58 -22.76 -59.81 10.80
C THR A 58 -22.50 -59.30 12.21
N CYS A 59 -21.36 -58.64 12.40
CA CYS A 59 -20.99 -58.09 13.69
C CYS A 59 -21.92 -56.94 14.08
N VAL A 60 -22.31 -56.10 13.12
CA VAL A 60 -23.26 -55.04 13.37
C VAL A 60 -24.57 -55.66 13.85
N ALA A 61 -25.13 -56.56 13.04
CA ALA A 61 -26.34 -57.30 13.38
C ALA A 61 -26.26 -57.88 14.78
N ASP A 62 -25.12 -58.52 15.07
CA ASP A 62 -24.92 -59.14 16.40
C ASP A 62 -23.45 -58.99 16.77
N GLU A 63 -23.17 -58.23 17.81
CA GLU A 63 -21.76 -57.98 18.24
C GLU A 63 -21.19 -59.28 18.80
N SER A 64 -22.07 -60.24 19.11
CA SER A 64 -21.66 -61.44 19.89
C SER A 64 -21.19 -62.57 18.96
N ALA A 65 -21.27 -62.34 17.65
CA ALA A 65 -21.12 -63.44 16.68
C ALA A 65 -19.65 -63.82 16.52
N GLU A 66 -19.39 -64.99 15.94
CA GLU A 66 -18.03 -65.53 15.94
C GLU A 66 -17.09 -64.49 15.34
N ASN A 67 -15.90 -64.39 15.94
CA ASN A 67 -14.82 -63.49 15.57
C ASN A 67 -15.05 -61.97 15.69
N CYS A 68 -16.25 -61.56 16.09
CA CYS A 68 -16.60 -60.15 16.01
C CYS A 68 -15.82 -59.35 17.04
N ASP A 69 -15.37 -60.04 18.09
CA ASP A 69 -14.65 -59.43 19.19
C ASP A 69 -13.16 -59.22 18.93
N LYS A 70 -12.63 -59.85 17.87
CA LYS A 70 -11.25 -59.62 17.49
C LYS A 70 -11.00 -58.15 17.18
N SER A 71 -9.72 -57.75 17.31
CA SER A 71 -9.25 -56.46 16.85
C SER A 71 -9.16 -56.38 15.32
N LEU A 72 -9.03 -55.15 14.81
CA LEU A 72 -8.92 -54.92 13.39
C LEU A 72 -7.59 -55.39 12.83
N HIS A 73 -6.54 -55.40 13.65
CA HIS A 73 -5.25 -55.91 13.20
C HIS A 73 -5.33 -57.42 13.04
N THR A 74 -5.97 -58.10 13.99
CA THR A 74 -6.09 -59.55 13.88
C THR A 74 -6.89 -59.88 12.63
N LEU A 75 -8.07 -59.27 12.50
CA LEU A 75 -8.95 -59.60 11.42
C LEU A 75 -8.24 -59.25 10.11
N PHE A 76 -7.48 -58.15 10.08
CA PHE A 76 -6.83 -57.74 8.85
C PHE A 76 -5.79 -58.78 8.43
N GLY A 77 -4.84 -59.07 9.32
CA GLY A 77 -3.80 -60.03 9.00
C GLY A 77 -4.33 -61.42 8.67
N ASP A 78 -5.33 -61.87 9.42
CA ASP A 78 -5.99 -63.13 9.15
C ASP A 78 -6.44 -63.21 7.70
N LYS A 79 -7.07 -62.12 7.25
CA LYS A 79 -7.58 -62.05 5.91
C LYS A 79 -6.45 -62.13 4.89
N LEU A 80 -5.35 -61.37 5.10
CA LEU A 80 -4.21 -61.45 4.20
C LEU A 80 -3.65 -62.85 4.07
N CYS A 81 -3.68 -63.63 5.15
CA CYS A 81 -2.98 -64.90 5.18
C CYS A 81 -3.80 -66.00 4.52
N THR A 82 -5.08 -65.71 4.25
CA THR A 82 -5.93 -66.63 3.50
C THR A 82 -5.53 -66.69 2.03
N VAL A 83 -4.86 -65.64 1.54
CA VAL A 83 -4.53 -65.52 0.13
C VAL A 83 -3.67 -66.66 -0.42
N ALA A 84 -4.19 -67.32 -1.47
CA ALA A 84 -3.60 -68.48 -2.10
C ALA A 84 -2.20 -68.23 -2.67
N THR A 85 -2.04 -67.11 -3.38
CA THR A 85 -0.80 -66.79 -4.08
C THR A 85 0.29 -66.14 -3.21
N LEU A 86 0.15 -66.16 -1.88
CA LEU A 86 0.83 -65.22 -1.02
C LEU A 86 2.34 -65.49 -0.95
N ARG A 87 2.71 -66.76 -1.10
CA ARG A 87 4.10 -67.19 -1.15
C ARG A 87 4.62 -67.07 -2.57
N GLU A 88 3.84 -67.59 -3.52
CA GLU A 88 4.26 -67.58 -4.91
C GLU A 88 4.59 -66.14 -5.31
N THR A 89 3.64 -65.24 -5.08
CA THR A 89 3.73 -63.87 -5.54
C THR A 89 4.65 -62.99 -4.71
N TYR A 90 4.44 -62.98 -3.38
CA TYR A 90 5.12 -62.02 -2.53
C TYR A 90 6.26 -62.64 -1.71
N GLY A 91 6.56 -63.91 -1.94
CA GLY A 91 7.71 -64.55 -1.29
C GLY A 91 7.66 -64.54 0.23
N GLU A 92 8.61 -63.85 0.87
CA GLU A 92 8.72 -63.90 2.35
C GLU A 92 7.46 -63.36 3.03
N MET A 93 6.70 -62.47 2.40
CA MET A 93 5.55 -61.96 3.10
C MET A 93 4.80 -63.11 3.76
N ALA A 94 4.84 -64.28 3.12
CA ALA A 94 4.21 -65.49 3.64
C ALA A 94 4.75 -65.96 4.98
N ASP A 95 6.04 -65.72 5.25
CA ASP A 95 6.66 -66.06 6.52
C ASP A 95 6.05 -65.28 7.69
N CYS A 96 5.53 -64.08 7.43
CA CYS A 96 4.81 -63.31 8.42
C CYS A 96 3.62 -64.08 9.01
N CYS A 97 3.00 -64.95 8.20
CA CYS A 97 1.81 -65.66 8.62
C CYS A 97 2.07 -66.64 9.75
N ALA A 98 3.33 -67.04 9.92
CA ALA A 98 3.73 -67.91 11.01
C ALA A 98 3.78 -67.19 12.36
N LYS A 99 3.85 -65.85 12.35
CA LYS A 99 3.99 -65.07 13.57
C LYS A 99 2.64 -64.66 14.16
N GLN A 100 2.62 -64.56 15.49
CA GLN A 100 1.49 -64.02 16.24
C GLN A 100 1.52 -62.50 16.22
N GLU A 101 0.41 -61.86 16.59
CA GLU A 101 0.40 -60.41 16.71
C GLU A 101 1.01 -59.99 18.03
N PRO A 102 1.61 -58.77 18.16
CA PRO A 102 1.68 -57.78 17.07
C PRO A 102 2.90 -57.86 16.16
N GLU A 103 3.70 -58.93 16.29
CA GLU A 103 4.91 -59.09 15.48
C GLU A 103 4.49 -59.27 14.02
N ARG A 104 3.35 -59.95 13.83
CA ARG A 104 2.86 -60.28 12.50
C ARG A 104 2.62 -59.01 11.69
N ASN A 105 1.92 -58.04 12.31
CA ASN A 105 1.59 -56.80 11.62
C ASN A 105 2.91 -56.15 11.20
N GLU A 106 3.81 -55.99 12.17
CA GLU A 106 5.15 -55.48 11.94
C GLU A 106 5.78 -56.14 10.72
N CYS A 107 5.80 -57.47 10.75
CA CYS A 107 6.44 -58.22 9.69
C CYS A 107 5.84 -57.84 8.33
N PHE A 108 4.52 -57.56 8.30
CA PHE A 108 3.83 -57.23 7.06
C PHE A 108 4.21 -55.84 6.56
N LEU A 109 4.42 -54.91 7.51
CA LEU A 109 4.80 -53.54 7.19
C LEU A 109 6.08 -53.54 6.36
N GLN A 110 7.07 -54.33 6.81
CA GLN A 110 8.35 -54.45 6.14
C GLN A 110 8.20 -54.64 4.63
N HIS A 111 7.23 -55.47 4.22
CA HIS A 111 7.16 -55.95 2.84
C HIS A 111 6.30 -55.08 1.92
N LYS A 112 5.95 -53.86 2.37
CA LYS A 112 5.32 -52.87 1.50
C LYS A 112 6.33 -52.20 0.57
N ASP A 113 6.27 -52.57 -0.72
CA ASP A 113 7.19 -52.07 -1.75
C ASP A 113 6.72 -50.74 -2.34
N ASP A 114 7.48 -49.69 -2.01
CA ASP A 114 7.15 -48.32 -2.38
C ASP A 114 7.02 -48.10 -3.89
N ASN A 115 7.86 -48.79 -4.67
CA ASN A 115 7.90 -48.60 -6.12
C ASN A 115 7.51 -49.89 -6.82
N PRO A 116 6.21 -50.23 -6.95
CA PRO A 116 5.81 -51.51 -7.51
C PRO A 116 6.35 -51.86 -8.90
N ASN A 117 6.98 -50.89 -9.58
CA ASN A 117 7.57 -51.15 -10.93
C ASN A 117 6.49 -51.69 -11.87
N LEU A 118 5.27 -51.15 -11.79
CA LEU A 118 4.17 -51.59 -12.69
C LEU A 118 3.95 -50.54 -13.79
N PRO A 119 3.23 -50.86 -14.90
CA PRO A 119 3.08 -49.89 -15.99
C PRO A 119 2.49 -48.58 -15.46
N ARG A 120 3.00 -47.46 -15.97
CA ARG A 120 2.58 -46.13 -15.56
C ARG A 120 1.21 -45.95 -16.21
N LEU A 121 0.31 -45.21 -15.55
CA LEU A 121 -1.08 -45.12 -15.96
C LEU A 121 -1.30 -44.20 -17.15
N VAL A 122 -1.85 -44.78 -18.23
CA VAL A 122 -2.23 -44.05 -19.43
C VAL A 122 -3.63 -43.48 -19.24
N ARG A 123 -3.75 -42.14 -19.33
CA ARG A 123 -5.05 -41.49 -19.31
C ARG A 123 -5.76 -41.81 -20.64
N PRO A 124 -6.93 -42.52 -20.67
CA PRO A 124 -7.68 -42.71 -21.91
C PRO A 124 -8.25 -41.43 -22.49
N GLU A 125 -8.96 -41.55 -23.63
CA GLU A 125 -9.63 -40.42 -24.26
C GLU A 125 -10.93 -40.11 -23.53
N VAL A 126 -11.28 -38.82 -23.43
CA VAL A 126 -12.30 -38.41 -22.47
C VAL A 126 -13.64 -39.09 -22.77
N ASP A 127 -13.90 -39.32 -24.07
CA ASP A 127 -15.07 -40.07 -24.48
C ASP A 127 -15.09 -41.42 -23.78
N VAL A 128 -14.00 -42.19 -23.93
CA VAL A 128 -13.96 -43.58 -23.50
C VAL A 128 -14.06 -43.65 -21.98
N MET A 129 -13.46 -42.67 -21.31
CA MET A 129 -13.56 -42.55 -19.87
C MET A 129 -14.99 -42.36 -19.41
N CYS A 130 -15.69 -41.42 -20.07
CA CYS A 130 -17.01 -41.00 -19.62
C CYS A 130 -18.06 -42.07 -19.88
N THR A 131 -17.76 -42.90 -20.89
CA THR A 131 -18.58 -44.06 -21.18
C THR A 131 -18.32 -45.12 -20.11
N ALA A 132 -17.05 -45.49 -19.89
CA ALA A 132 -16.69 -46.39 -18.80
C ALA A 132 -17.39 -45.97 -17.52
N PHE A 133 -17.34 -44.67 -17.24
CA PHE A 133 -18.03 -44.09 -16.10
C PHE A 133 -19.52 -44.39 -16.10
N HIS A 134 -20.19 -44.11 -17.22
CA HIS A 134 -21.64 -44.15 -17.27
C HIS A 134 -22.13 -45.60 -17.31
N ASP A 135 -21.31 -46.51 -17.88
CA ASP A 135 -21.62 -47.93 -17.93
C ASP A 135 -21.66 -48.58 -16.54
N ASN A 136 -20.57 -48.43 -15.78
CA ASN A 136 -20.58 -48.85 -14.39
C ASN A 136 -19.75 -47.90 -13.52
N GLU A 137 -20.46 -47.03 -12.81
CA GLU A 137 -19.89 -45.94 -12.01
C GLU A 137 -18.96 -46.47 -10.93
N GLU A 138 -19.51 -47.41 -10.15
CA GLU A 138 -18.80 -48.06 -9.08
C GLU A 138 -17.53 -48.72 -9.59
N THR A 139 -17.65 -49.63 -10.56
CA THR A 139 -16.46 -50.31 -11.07
C THR A 139 -15.39 -49.33 -11.52
N PHE A 140 -15.81 -48.27 -12.22
CA PHE A 140 -14.89 -47.32 -12.83
C PHE A 140 -14.03 -46.62 -11.77
N LEU A 141 -14.69 -46.13 -10.71
CA LEU A 141 -14.02 -45.47 -9.61
C LEU A 141 -13.13 -46.43 -8.82
N LYS A 142 -13.75 -47.45 -8.19
CA LYS A 142 -13.01 -48.50 -7.50
C LYS A 142 -11.76 -48.92 -8.26
N LYS A 143 -11.88 -49.12 -9.57
CA LYS A 143 -10.76 -49.54 -10.39
C LYS A 143 -9.64 -48.50 -10.26
N TYR A 144 -9.99 -47.22 -10.39
CA TYR A 144 -8.95 -46.20 -10.36
C TYR A 144 -8.40 -46.08 -8.95
N LEU A 145 -9.29 -46.02 -7.96
CA LEU A 145 -8.93 -46.08 -6.57
C LEU A 145 -7.91 -47.19 -6.28
N TYR A 146 -8.18 -48.38 -6.82
CA TYR A 146 -7.30 -49.53 -6.70
C TYR A 146 -5.94 -49.23 -7.33
N GLU A 147 -5.96 -48.74 -8.56
CA GLU A 147 -4.74 -48.54 -9.34
C GLU A 147 -3.83 -47.49 -8.71
N ILE A 148 -4.43 -46.43 -8.16
CA ILE A 148 -3.64 -45.39 -7.53
C ILE A 148 -3.03 -45.94 -6.24
N ALA A 149 -3.87 -46.61 -5.44
CA ALA A 149 -3.49 -47.09 -4.13
C ALA A 149 -2.28 -48.02 -4.17
N ARG A 150 -2.37 -49.01 -5.07
CA ARG A 150 -1.32 -50.00 -5.24
C ARG A 150 -0.02 -49.41 -5.76
N ARG A 151 -0.04 -48.15 -6.23
CA ARG A 151 1.18 -47.46 -6.61
C ARG A 151 1.69 -46.53 -5.51
N HIS A 152 0.79 -46.10 -4.62
CA HIS A 152 1.17 -45.29 -3.46
C HIS A 152 0.83 -45.98 -2.14
N PRO A 153 1.59 -47.05 -1.78
CA PRO A 153 1.21 -47.88 -0.65
C PRO A 153 1.33 -47.18 0.70
N TYR A 154 1.96 -45.99 0.73
CA TYR A 154 2.05 -45.23 1.97
C TYR A 154 1.17 -43.97 2.05
N PHE A 155 0.03 -43.98 1.40
CA PHE A 155 -0.82 -42.81 1.35
C PHE A 155 -1.98 -43.00 2.32
N TYR A 156 -2.15 -42.04 3.23
CA TYR A 156 -3.17 -42.15 4.26
C TYR A 156 -4.47 -42.43 3.50
N ALA A 157 -5.00 -43.64 3.68
CA ALA A 157 -6.14 -44.11 2.92
C ALA A 157 -7.30 -43.11 2.95
N PRO A 158 -7.68 -42.52 4.11
CA PRO A 158 -8.76 -41.56 4.14
C PRO A 158 -8.55 -40.38 3.19
N GLU A 159 -7.29 -39.99 2.99
CA GLU A 159 -6.93 -38.88 2.11
C GLU A 159 -7.15 -39.27 0.65
N LEU A 160 -6.70 -40.47 0.29
CA LEU A 160 -6.92 -41.06 -1.01
C LEU A 160 -8.40 -41.04 -1.34
N LEU A 161 -9.21 -41.62 -0.45
CA LEU A 161 -10.65 -41.61 -0.58
C LEU A 161 -11.24 -40.22 -0.78
N PHE A 162 -10.62 -39.17 -0.24
CA PHE A 162 -11.16 -37.81 -0.42
C PHE A 162 -10.93 -37.32 -1.85
N PHE A 163 -9.74 -37.57 -2.38
CA PHE A 163 -9.49 -37.32 -3.78
C PHE A 163 -10.50 -38.11 -4.61
N ALA A 164 -10.59 -39.41 -4.36
CA ALA A 164 -11.50 -40.28 -5.09
C ALA A 164 -12.88 -39.66 -5.23
N LYS A 165 -13.35 -39.01 -4.16
CA LYS A 165 -14.68 -38.41 -4.16
C LYS A 165 -14.76 -37.16 -5.03
N ARG A 166 -13.62 -36.50 -5.22
CA ARG A 166 -13.55 -35.35 -6.12
C ARG A 166 -13.37 -35.78 -7.58
N TYR A 167 -12.67 -36.90 -7.82
CA TYR A 167 -12.71 -37.55 -9.12
C TYR A 167 -14.16 -37.83 -9.52
N LYS A 168 -14.90 -38.54 -8.66
CA LYS A 168 -16.29 -38.79 -8.93
C LYS A 168 -17.07 -37.49 -9.18
N ALA A 169 -16.82 -36.46 -8.37
CA ALA A 169 -17.51 -35.19 -8.55
C ALA A 169 -17.22 -34.60 -9.93
N ALA A 170 -15.94 -34.63 -10.33
CA ALA A 170 -15.52 -34.17 -11.65
C ALA A 170 -16.27 -34.86 -12.79
N PHE A 171 -16.32 -36.19 -12.74
CA PHE A 171 -16.95 -36.97 -13.78
C PHE A 171 -18.45 -36.69 -13.86
N THR A 172 -19.13 -36.77 -12.72
CA THR A 172 -20.55 -36.49 -12.67
C THR A 172 -20.86 -35.13 -13.31
N GLU A 173 -19.92 -34.19 -13.24
CA GLU A 173 -20.25 -32.84 -13.77
C GLU A 173 -19.68 -32.64 -15.19
N CYS A 174 -18.37 -32.80 -15.36
CA CYS A 174 -17.70 -32.51 -16.67
C CYS A 174 -18.19 -33.41 -17.81
N CYS A 175 -18.62 -34.64 -17.52
CA CYS A 175 -18.98 -35.57 -18.61
C CYS A 175 -20.31 -35.13 -19.26
N GLN A 176 -21.26 -34.61 -18.51
CA GLN A 176 -22.49 -34.14 -19.20
C GLN A 176 -22.25 -32.73 -19.72
N ALA A 177 -21.37 -32.60 -20.72
CA ALA A 177 -20.98 -31.25 -21.19
C ALA A 177 -20.67 -31.28 -22.68
N ALA A 178 -20.71 -30.12 -23.34
CA ALA A 178 -20.35 -30.04 -24.78
C ALA A 178 -18.88 -30.44 -25.00
N ASP A 179 -17.97 -30.01 -24.12
CA ASP A 179 -16.56 -30.42 -24.24
C ASP A 179 -16.14 -31.17 -22.97
N LYS A 180 -16.36 -32.49 -22.91
CA LYS A 180 -15.86 -33.17 -21.68
C LYS A 180 -14.45 -32.64 -21.38
N ALA A 181 -13.66 -32.48 -22.44
CA ALA A 181 -12.23 -32.12 -22.27
C ALA A 181 -12.07 -30.75 -21.62
N ALA A 182 -12.90 -29.80 -22.01
CA ALA A 182 -12.74 -28.43 -21.49
C ALA A 182 -12.95 -28.45 -19.98
N CYS A 183 -13.93 -29.22 -19.53
CA CYS A 183 -14.25 -29.26 -18.09
C CYS A 183 -13.41 -30.32 -17.38
N LEU A 184 -13.30 -31.53 -17.94
CA LEU A 184 -12.61 -32.61 -17.17
C LEU A 184 -11.10 -32.46 -17.02
N LEU A 185 -10.40 -32.07 -18.09
CA LEU A 185 -8.92 -32.13 -18.03
C LEU A 185 -8.27 -31.22 -16.97
N PRO A 186 -8.70 -29.97 -16.77
CA PRO A 186 -8.02 -29.15 -15.77
C PRO A 186 -8.18 -29.76 -14.41
N LYS A 187 -9.40 -30.25 -14.13
CA LYS A 187 -9.66 -30.83 -12.78
C LYS A 187 -8.77 -32.05 -12.56
N LEU A 188 -8.63 -32.89 -13.58
CA LEU A 188 -7.84 -34.13 -13.42
C LEU A 188 -6.39 -33.74 -13.13
N ASP A 189 -5.92 -32.71 -13.82
CA ASP A 189 -4.53 -32.24 -13.60
C ASP A 189 -4.47 -31.73 -12.18
N GLU A 190 -5.36 -30.79 -11.86
CA GLU A 190 -5.36 -30.21 -10.52
C GLU A 190 -5.34 -31.23 -9.39
N LEU A 191 -6.12 -32.32 -9.54
CA LEU A 191 -6.23 -33.38 -8.56
C LEU A 191 -4.92 -34.16 -8.45
N ARG A 192 -4.41 -34.66 -9.57
CA ARG A 192 -3.13 -35.35 -9.60
C ARG A 192 -2.01 -34.50 -9.00
N ASP A 193 -2.00 -33.20 -9.31
CA ASP A 193 -1.08 -32.25 -8.71
C ASP A 193 -1.17 -32.21 -7.19
N GLU A 194 -2.39 -31.99 -6.70
CA GLU A 194 -2.68 -31.84 -5.28
C GLU A 194 -2.28 -33.08 -4.52
N GLY A 195 -2.65 -34.25 -5.07
CA GLY A 195 -2.26 -35.53 -4.52
C GLY A 195 -0.75 -35.71 -4.45
N LYS A 196 -0.04 -35.35 -5.53
CA LYS A 196 1.40 -35.53 -5.57
C LYS A 196 2.07 -34.61 -4.56
N ALA A 197 1.50 -33.41 -4.39
CA ALA A 197 1.94 -32.47 -3.37
C ALA A 197 1.71 -33.06 -1.99
N SER A 198 0.45 -33.41 -1.70
CA SER A 198 0.04 -34.04 -0.46
C SER A 198 1.06 -35.10 -0.04
N SER A 199 1.35 -36.03 -0.95
CA SER A 199 2.36 -37.04 -0.68
C SER A 199 3.68 -36.38 -0.28
N ALA A 200 4.12 -35.40 -1.09
CA ALA A 200 5.42 -34.78 -0.88
C ALA A 200 5.56 -34.20 0.53
N LYS A 201 4.55 -33.46 0.98
CA LYS A 201 4.49 -32.95 2.34
C LYS A 201 4.70 -34.08 3.34
N GLN A 202 3.84 -35.11 3.30
CA GLN A 202 3.89 -36.22 4.23
C GLN A 202 5.32 -36.74 4.32
N ARG A 203 5.90 -37.05 3.15
CA ARG A 203 7.23 -37.61 3.02
C ARG A 203 8.30 -36.71 3.64
N LEU A 204 8.21 -35.41 3.33
CA LEU A 204 9.11 -34.42 3.91
C LEU A 204 9.04 -34.49 5.44
N LYS A 205 7.84 -34.31 6.00
CA LYS A 205 7.63 -34.26 7.42
C LYS A 205 8.24 -35.44 8.17
N CYS A 206 8.13 -36.64 7.56
CA CYS A 206 8.68 -37.86 8.13
C CYS A 206 10.20 -37.86 8.06
N ALA A 207 10.75 -37.52 6.89
CA ALA A 207 12.19 -37.45 6.74
C ALA A 207 12.76 -36.55 7.82
N SER A 208 12.11 -35.39 7.99
CA SER A 208 12.55 -34.38 8.94
C SER A 208 12.51 -34.88 10.39
N LEU A 209 11.41 -35.55 10.74
CA LEU A 209 11.24 -36.04 12.10
C LEU A 209 12.35 -37.05 12.42
N GLN A 210 12.64 -37.93 11.46
CA GLN A 210 13.70 -38.90 11.63
C GLN A 210 15.08 -38.22 11.68
N LYS A 211 15.30 -37.32 10.72
CA LYS A 211 16.60 -36.72 10.50
C LYS A 211 16.94 -35.77 11.64
N PHE A 212 16.03 -34.83 11.93
CA PHE A 212 16.27 -33.75 12.89
C PHE A 212 15.75 -34.05 14.29
N GLY A 213 15.00 -35.13 14.44
CA GLY A 213 14.55 -35.56 15.75
C GLY A 213 13.25 -34.93 16.21
N GLU A 214 12.68 -35.56 17.25
CA GLU A 214 11.38 -35.23 17.79
C GLU A 214 11.31 -33.80 18.30
N ARG A 215 12.36 -33.38 19.01
CA ARG A 215 12.41 -32.03 19.53
C ARG A 215 12.15 -31.01 18.43
N ALA A 216 12.91 -31.10 17.33
CA ALA A 216 12.73 -30.17 16.23
C ALA A 216 11.27 -30.20 15.77
N PHE A 217 10.73 -31.42 15.62
CA PHE A 217 9.35 -31.55 15.17
C PHE A 217 8.39 -30.79 16.08
N LYS A 218 8.59 -30.91 17.42
CA LYS A 218 7.71 -30.28 18.40
C LYS A 218 7.80 -28.76 18.36
N ALA A 219 9.02 -28.25 18.13
CA ALA A 219 9.23 -26.81 18.04
C ALA A 219 8.36 -26.26 16.92
N TRP A 220 8.53 -26.88 15.74
CA TRP A 220 7.77 -26.52 14.56
C TRP A 220 6.28 -26.56 14.87
N ALA A 221 5.81 -27.63 15.51
CA ALA A 221 4.39 -27.80 15.78
C ALA A 221 3.85 -26.77 16.77
N VAL A 222 4.66 -26.39 17.77
CA VAL A 222 4.26 -25.36 18.72
C VAL A 222 3.98 -24.06 17.97
N ALA A 223 4.92 -23.64 17.12
CA ALA A 223 4.73 -22.46 16.30
C ALA A 223 3.41 -22.47 15.52
N ARG A 224 3.13 -23.58 14.83
CA ARG A 224 2.00 -23.63 13.91
C ARG A 224 0.66 -23.67 14.66
N LEU A 225 0.61 -24.44 15.76
CA LEU A 225 -0.60 -24.53 16.56
C LEU A 225 -0.94 -23.27 17.36
N SER A 226 0.10 -22.50 17.70
CA SER A 226 -0.09 -21.27 18.46
C SER A 226 -0.71 -20.18 17.58
N GLN A 227 -0.16 -20.00 16.38
CA GLN A 227 -0.83 -19.22 15.34
C GLN A 227 -2.27 -19.66 15.10
N ARG A 228 -2.48 -20.97 15.02
CA ARG A 228 -3.78 -21.51 14.67
C ARG A 228 -4.80 -21.30 15.78
N PHE A 229 -4.41 -21.63 17.02
CA PHE A 229 -5.26 -21.51 18.19
C PHE A 229 -4.69 -20.55 19.24
N PRO A 230 -4.66 -19.22 19.00
CA PRO A 230 -4.05 -18.28 19.94
C PRO A 230 -4.82 -18.06 21.24
N LYS A 231 -6.09 -18.48 21.29
CA LYS A 231 -6.88 -18.39 22.50
C LYS A 231 -6.62 -19.57 23.42
N ALA A 232 -5.76 -20.48 23.01
CA ALA A 232 -5.51 -21.66 23.82
C ALA A 232 -4.34 -21.38 24.75
N GLU A 233 -4.46 -21.91 25.98
CA GLU A 233 -3.44 -21.90 27.01
C GLU A 233 -2.12 -22.54 26.59
N PHE A 234 -0.98 -22.10 27.15
CA PHE A 234 0.27 -22.77 26.86
C PHE A 234 0.20 -24.27 27.17
N ALA A 235 -0.38 -24.63 28.31
CA ALA A 235 -0.47 -26.03 28.71
C ALA A 235 -1.32 -26.89 27.76
N GLU A 236 -2.35 -26.30 27.13
CA GLU A 236 -3.18 -26.99 26.16
C GLU A 236 -2.42 -27.15 24.85
N VAL A 237 -1.78 -26.08 24.36
CA VAL A 237 -0.94 -26.15 23.18
C VAL A 237 0.16 -27.20 23.30
N SER A 238 0.70 -27.37 24.52
CA SER A 238 1.75 -28.36 24.73
C SER A 238 1.18 -29.77 24.67
N LYS A 239 -0.05 -29.92 25.17
CA LYS A 239 -0.72 -31.21 25.15
C LYS A 239 -0.89 -31.63 23.71
N LEU A 240 -1.41 -30.69 22.89
CA LEU A 240 -1.72 -30.91 21.49
C LEU A 240 -0.46 -31.24 20.70
N VAL A 241 0.59 -30.44 20.89
CA VAL A 241 1.91 -30.75 20.35
C VAL A 241 2.31 -32.21 20.61
N THR A 242 2.27 -32.64 21.89
CA THR A 242 2.62 -34.01 22.21
C THR A 242 1.80 -35.02 21.39
N ASP A 243 0.48 -34.91 21.50
CA ASP A 243 -0.41 -35.87 20.82
C ASP A 243 -0.12 -35.85 19.32
N LEU A 244 0.04 -34.65 18.75
CA LEU A 244 0.23 -34.59 17.28
C LEU A 244 1.54 -35.30 16.94
N THR A 245 2.57 -35.11 17.76
CA THR A 245 3.89 -35.71 17.47
C THR A 245 3.77 -37.20 17.49
N LYS A 246 3.02 -37.74 18.45
CA LYS A 246 2.81 -39.21 18.44
C LYS A 246 2.08 -39.65 17.18
N VAL A 247 1.06 -38.90 16.75
CA VAL A 247 0.28 -39.36 15.57
C VAL A 247 1.21 -39.37 14.36
N HIS A 248 2.03 -38.33 14.23
CA HIS A 248 2.98 -38.25 13.09
C HIS A 248 3.97 -39.41 13.18
N THR A 249 4.42 -39.70 14.40
CA THR A 249 5.45 -40.74 14.57
C THR A 249 4.84 -42.05 14.17
N GLU A 250 3.58 -42.25 14.56
CA GLU A 250 2.88 -43.49 14.26
C GLU A 250 2.67 -43.65 12.75
N CYS A 251 2.10 -42.60 12.15
CA CYS A 251 1.78 -42.58 10.74
C CYS A 251 3.00 -42.81 9.84
N CYS A 252 4.10 -42.13 10.14
CA CYS A 252 5.34 -42.34 9.39
C CYS A 252 5.74 -43.81 9.37
N HIS A 253 5.54 -44.50 10.51
CA HIS A 253 5.96 -45.88 10.62
C HIS A 253 5.09 -46.80 9.76
N GLY A 254 3.97 -46.29 9.27
CA GLY A 254 3.32 -46.84 8.08
C GLY A 254 2.10 -47.72 8.31
N ASP A 255 1.65 -47.83 9.57
CA ASP A 255 0.47 -48.60 9.92
C ASP A 255 -0.78 -47.73 9.86
N LEU A 256 -1.70 -48.11 8.98
CA LEU A 256 -2.92 -47.37 8.73
C LEU A 256 -3.86 -47.38 9.94
N LEU A 257 -3.97 -48.54 10.58
CA LEU A 257 -4.92 -48.72 11.66
C LEU A 257 -4.56 -47.92 12.91
N GLU A 258 -3.29 -47.95 13.31
CA GLU A 258 -2.88 -47.16 14.47
C GLU A 258 -2.95 -45.68 14.11
N CYS A 259 -2.39 -45.34 12.95
CA CYS A 259 -2.37 -43.97 12.50
C CYS A 259 -3.76 -43.36 12.65
N ALA A 260 -4.76 -44.10 12.15
CA ALA A 260 -6.13 -43.63 12.08
C ALA A 260 -6.79 -43.56 13.46
N ASP A 261 -6.47 -44.50 14.35
CA ASP A 261 -6.96 -44.39 15.73
C ASP A 261 -6.43 -43.16 16.47
N ASP A 262 -5.14 -42.86 16.28
CA ASP A 262 -4.52 -41.72 16.92
C ASP A 262 -5.05 -40.41 16.34
N ARG A 263 -5.30 -40.34 15.03
CA ARG A 263 -5.94 -39.16 14.45
C ARG A 263 -7.38 -39.00 14.90
N ALA A 264 -8.05 -40.13 15.13
CA ALA A 264 -9.44 -40.11 15.52
C ALA A 264 -9.51 -39.60 16.94
N ASP A 265 -8.61 -40.14 17.78
CA ASP A 265 -8.45 -39.76 19.17
C ASP A 265 -8.17 -38.27 19.29
N LEU A 266 -7.14 -37.79 18.59
CA LEU A 266 -6.78 -36.38 18.64
C LEU A 266 -7.93 -35.48 18.22
N ALA A 267 -8.65 -35.90 17.18
CA ALA A 267 -9.77 -35.10 16.70
C ALA A 267 -10.81 -35.04 17.80
N LYS A 268 -11.00 -36.18 18.45
CA LYS A 268 -12.12 -36.34 19.37
C LYS A 268 -11.88 -35.44 20.56
N TYR A 269 -10.64 -35.46 21.06
CA TYR A 269 -10.19 -34.61 22.15
C TYR A 269 -10.35 -33.12 21.84
N ILE A 270 -9.82 -32.69 20.69
CA ILE A 270 -9.89 -31.31 20.29
C ILE A 270 -11.34 -30.83 20.31
N CYS A 271 -12.25 -31.66 19.80
CA CYS A 271 -13.67 -31.31 19.73
C CYS A 271 -14.36 -31.26 21.10
N GLU A 272 -13.88 -32.09 22.04
CA GLU A 272 -14.38 -32.14 23.40
C GLU A 272 -13.98 -30.89 24.18
N ASN A 273 -12.89 -30.25 23.75
CA ASN A 273 -12.38 -29.05 24.40
C ASN A 273 -12.38 -27.83 23.48
N GLN A 274 -13.19 -27.85 22.41
CA GLN A 274 -13.21 -26.75 21.45
C GLN A 274 -13.11 -25.38 22.10
N ASP A 275 -13.98 -25.18 23.07
CA ASP A 275 -14.23 -23.88 23.69
C ASP A 275 -12.94 -23.28 24.22
N SER A 276 -11.95 -24.14 24.52
CA SER A 276 -10.66 -23.74 25.03
C SER A 276 -9.56 -23.73 23.98
N ILE A 277 -9.88 -24.07 22.72
CA ILE A 277 -8.89 -24.00 21.67
C ILE A 277 -9.22 -22.94 20.60
N SER A 278 -10.41 -23.05 20.01
CA SER A 278 -10.80 -22.18 18.93
C SER A 278 -12.31 -22.11 18.78
N SER A 279 -12.81 -20.90 18.55
CA SER A 279 -14.20 -20.72 18.17
C SER A 279 -14.42 -21.42 16.82
N LYS A 280 -13.37 -21.44 15.99
CA LYS A 280 -13.44 -21.91 14.61
C LYS A 280 -13.62 -23.41 14.37
N LEU A 281 -13.81 -24.21 15.42
CA LEU A 281 -13.91 -25.65 15.23
C LEU A 281 -15.34 -26.20 15.22
N LYS A 282 -16.33 -25.30 15.13
CA LYS A 282 -17.69 -25.68 15.46
C LYS A 282 -18.20 -26.68 14.43
N GLU A 283 -18.05 -26.29 13.15
CA GLU A 283 -18.44 -27.09 12.02
C GLU A 283 -17.55 -28.30 11.79
N CYS A 284 -16.23 -28.10 11.87
CA CYS A 284 -15.27 -29.20 11.87
C CYS A 284 -15.70 -30.34 12.77
N CYS A 285 -16.24 -30.02 13.96
CA CYS A 285 -16.48 -31.01 14.99
C CYS A 285 -17.87 -31.62 14.91
N GLU A 286 -18.64 -31.21 13.90
CA GLU A 286 -19.98 -31.82 13.64
C GLU A 286 -19.81 -32.69 12.41
N LYS A 287 -18.61 -32.67 11.84
CA LYS A 287 -18.30 -33.45 10.61
C LYS A 287 -18.22 -34.94 10.93
N PRO A 288 -18.45 -35.82 9.94
CA PRO A 288 -18.41 -37.25 10.11
C PRO A 288 -16.98 -37.59 10.40
N LEU A 289 -16.71 -38.72 11.06
CA LEU A 289 -15.37 -38.97 11.61
C LEU A 289 -14.28 -39.01 10.55
N LEU A 290 -14.50 -39.61 9.39
CA LEU A 290 -13.37 -39.61 8.44
C LEU A 290 -13.05 -38.15 8.11
N GLU A 291 -14.08 -37.34 7.90
CA GLU A 291 -13.92 -35.88 7.61
C GLU A 291 -13.30 -35.04 8.73
N LYS A 292 -13.62 -35.28 10.00
CA LYS A 292 -13.23 -34.35 11.09
C LYS A 292 -11.72 -34.17 11.32
N SER A 293 -10.93 -35.23 11.27
CA SER A 293 -9.48 -35.03 11.57
C SER A 293 -8.93 -34.13 10.48
N HIS A 294 -9.38 -34.36 9.25
CA HIS A 294 -8.90 -33.65 8.06
C HIS A 294 -9.36 -32.20 8.08
N CYS A 295 -10.55 -31.96 8.63
CA CYS A 295 -11.13 -30.64 8.63
C CYS A 295 -10.45 -29.76 9.67
N ILE A 296 -10.32 -30.27 10.90
CA ILE A 296 -9.54 -29.61 11.96
C ILE A 296 -8.16 -29.22 11.47
N ALA A 297 -7.49 -30.12 10.74
CA ALA A 297 -6.12 -29.88 10.34
C ALA A 297 -5.98 -28.72 9.37
N GLU A 298 -7.07 -28.34 8.72
CA GLU A 298 -7.03 -27.29 7.71
C GLU A 298 -7.86 -26.07 8.09
N VAL A 299 -8.37 -26.09 9.34
CA VAL A 299 -9.09 -24.98 9.93
C VAL A 299 -8.29 -23.69 9.88
N GLU A 300 -9.01 -22.57 9.87
CA GLU A 300 -8.39 -21.26 9.88
C GLU A 300 -7.91 -20.82 11.27
N ASN A 301 -6.94 -19.89 11.26
CA ASN A 301 -6.43 -19.24 12.46
C ASN A 301 -7.60 -18.55 13.15
N ASP A 302 -7.64 -18.66 14.48
CA ASP A 302 -8.64 -17.95 15.28
C ASP A 302 -8.14 -16.54 15.57
N GLU A 303 -9.06 -15.65 15.99
CA GLU A 303 -8.67 -14.33 16.45
C GLU A 303 -7.75 -14.45 17.66
N MET A 304 -6.65 -13.68 17.67
CA MET A 304 -5.79 -13.63 18.83
C MET A 304 -6.45 -12.76 19.89
N PRO A 305 -6.36 -13.13 21.20
CA PRO A 305 -7.06 -12.39 22.25
C PRO A 305 -6.60 -10.95 22.34
N ALA A 306 -7.55 -10.07 22.68
CA ALA A 306 -7.28 -8.64 22.70
C ALA A 306 -6.36 -8.26 23.85
N ASP A 307 -5.49 -7.27 23.59
CA ASP A 307 -4.63 -6.71 24.61
C ASP A 307 -3.80 -7.75 25.37
N LEU A 308 -3.06 -8.57 24.64
CA LEU A 308 -2.15 -9.51 25.27
C LEU A 308 -0.93 -8.72 25.71
N PRO A 309 -0.40 -9.02 26.91
CA PRO A 309 0.74 -8.30 27.47
C PRO A 309 2.01 -8.47 26.64
N SER A 310 3.01 -7.66 26.95
CA SER A 310 4.25 -7.66 26.16
C SER A 310 5.04 -8.95 26.38
N LEU A 311 5.65 -9.46 25.32
CA LEU A 311 6.52 -10.65 25.42
C LEU A 311 7.71 -10.30 26.31
N ALA A 312 8.23 -9.08 26.18
CA ALA A 312 9.49 -8.72 26.86
C ALA A 312 9.39 -8.82 28.37
N ALA A 313 8.27 -8.40 28.94
CA ALA A 313 8.30 -8.40 30.41
C ALA A 313 8.50 -9.82 30.94
N ASP A 314 7.84 -10.84 30.40
CA ASP A 314 8.17 -12.21 30.86
C ASP A 314 9.61 -12.62 30.52
N PHE A 315 10.08 -12.32 29.31
CA PHE A 315 11.45 -12.81 28.96
C PHE A 315 12.57 -11.78 29.00
N VAL A 316 12.37 -10.62 28.39
CA VAL A 316 13.39 -9.51 28.41
C VAL A 316 13.64 -8.94 29.80
N GLU A 317 12.57 -8.63 30.55
CA GLU A 317 12.75 -7.86 31.81
C GLU A 317 12.57 -8.64 33.11
N SER A 318 11.62 -9.55 33.19
CA SER A 318 11.36 -10.14 34.52
C SER A 318 12.57 -10.91 35.04
N LYS A 319 12.84 -10.83 36.34
CA LYS A 319 13.92 -11.66 36.91
C LYS A 319 13.51 -13.13 36.75
N ASP A 320 14.42 -14.07 37.01
CA ASP A 320 14.07 -15.51 36.98
C ASP A 320 14.09 -16.00 35.53
N VAL A 321 14.52 -15.15 34.60
CA VAL A 321 14.62 -15.59 33.18
C VAL A 321 15.63 -16.73 33.07
N CYS A 322 16.76 -16.62 33.78
CA CYS A 322 17.82 -17.65 33.66
C CYS A 322 17.51 -18.74 34.68
N LYS A 323 16.74 -18.42 35.71
CA LYS A 323 16.33 -19.47 36.64
C LYS A 323 15.36 -20.41 35.90
N ASN A 324 14.38 -19.82 35.22
CA ASN A 324 13.38 -20.59 34.50
C ASN A 324 13.97 -21.25 33.27
N TYR A 325 14.87 -20.54 32.59
CA TYR A 325 15.57 -21.14 31.48
C TYR A 325 16.27 -22.41 31.98
N ALA A 326 17.03 -22.29 33.08
CA ALA A 326 17.80 -23.41 33.61
C ALA A 326 16.94 -24.51 34.26
N GLU A 327 15.80 -24.14 34.83
CA GLU A 327 14.91 -25.09 35.47
C GLU A 327 13.99 -25.80 34.47
N ALA A 328 13.29 -24.99 33.67
CA ALA A 328 12.21 -25.48 32.77
C ALA A 328 12.84 -25.90 31.45
N LYS A 329 13.82 -25.14 31.00
CA LYS A 329 14.49 -25.39 29.69
C LYS A 329 13.44 -25.33 28.58
N ASP A 330 13.42 -26.34 27.73
CA ASP A 330 12.57 -26.35 26.50
C ASP A 330 11.18 -25.78 26.82
N VAL A 331 10.56 -26.15 27.94
CA VAL A 331 9.27 -25.52 28.33
C VAL A 331 9.40 -23.99 28.34
N PHE A 332 10.46 -23.44 28.95
CA PHE A 332 10.55 -21.99 28.95
C PHE A 332 10.63 -21.53 27.49
N LEU A 333 11.52 -22.17 26.72
CA LEU A 333 11.67 -21.87 25.30
C LEU A 333 10.40 -22.11 24.46
N GLY A 334 9.81 -23.29 24.63
CA GLY A 334 8.50 -23.57 24.08
C GLY A 334 7.48 -22.47 24.34
N MET A 335 7.42 -21.98 25.56
CA MET A 335 6.50 -20.91 25.91
C MET A 335 6.81 -19.64 25.12
N PHE A 336 8.10 -19.35 24.92
CA PHE A 336 8.49 -18.15 24.18
C PHE A 336 7.92 -18.22 22.78
N LEU A 337 8.19 -19.35 22.12
CA LEU A 337 7.73 -19.60 20.78
C LEU A 337 6.22 -19.49 20.73
N TYR A 338 5.53 -20.17 21.66
CA TYR A 338 4.08 -20.08 21.78
C TYR A 338 3.57 -18.64 21.87
N GLU A 339 4.24 -17.84 22.72
CA GLU A 339 3.80 -16.50 23.05
C GLU A 339 4.09 -15.54 21.91
N TYR A 340 5.16 -15.82 21.18
CA TYR A 340 5.53 -15.01 20.03
C TYR A 340 4.63 -15.35 18.84
N ALA A 341 4.35 -16.64 18.67
CA ALA A 341 3.60 -17.18 17.55
C ALA A 341 2.14 -16.74 17.56
N ARG A 342 1.46 -16.95 18.68
CA ARG A 342 0.06 -16.56 18.82
C ARG A 342 -0.15 -15.07 18.60
N ARG A 343 0.92 -14.28 18.70
CA ARG A 343 0.82 -12.85 18.51
C ARG A 343 1.26 -12.40 17.12
N HIS A 344 1.56 -13.37 16.24
CA HIS A 344 2.21 -13.07 14.99
C HIS A 344 1.81 -14.10 13.93
N PRO A 345 0.52 -14.14 13.55
CA PRO A 345 0.07 -14.95 12.41
C PRO A 345 0.60 -14.46 11.06
N ASP A 346 0.96 -13.17 11.00
CA ASP A 346 1.58 -12.61 9.82
C ASP A 346 2.98 -13.14 9.51
N TYR A 347 3.55 -13.97 10.39
CA TYR A 347 4.89 -14.48 10.18
C TYR A 347 4.78 -15.89 9.64
N SER A 348 5.80 -16.28 8.87
CA SER A 348 5.98 -17.68 8.52
C SER A 348 6.50 -18.42 9.74
N VAL A 349 6.15 -19.70 9.84
CA VAL A 349 6.65 -20.54 10.90
C VAL A 349 8.19 -20.54 10.98
N VAL A 350 8.87 -20.73 9.86
CA VAL A 350 10.33 -20.78 9.85
C VAL A 350 10.93 -19.52 10.45
N LEU A 351 10.26 -18.38 10.27
CA LEU A 351 10.73 -17.14 10.87
C LEU A 351 10.66 -17.25 12.39
N LEU A 352 9.47 -17.54 12.90
CA LEU A 352 9.25 -17.70 14.32
C LEU A 352 10.29 -18.63 14.93
N LEU A 353 10.69 -19.66 14.19
CA LEU A 353 11.73 -20.58 14.67
C LEU A 353 13.05 -19.83 14.70
N ARG A 354 13.38 -19.09 13.64
CA ARG A 354 14.63 -18.36 13.62
C ARG A 354 14.73 -17.43 14.84
N LEU A 355 13.64 -16.71 15.12
CA LEU A 355 13.55 -15.88 16.30
C LEU A 355 13.80 -16.69 17.57
N ALA A 356 13.06 -17.79 17.73
CA ALA A 356 13.22 -18.66 18.88
C ALA A 356 14.66 -19.15 19.06
N LYS A 357 15.29 -19.59 17.97
CA LYS A 357 16.67 -20.04 18.00
C LYS A 357 17.60 -18.92 18.46
N THR A 358 17.27 -17.68 18.06
CA THR A 358 18.07 -16.52 18.38
C THR A 358 17.98 -16.18 19.87
N TYR A 359 16.75 -16.15 20.40
CA TYR A 359 16.53 -15.98 21.83
C TYR A 359 17.26 -17.04 22.66
N GLU A 360 17.17 -18.30 22.24
CA GLU A 360 17.80 -19.41 22.93
C GLU A 360 19.33 -19.32 22.95
N THR A 361 19.93 -18.88 21.83
CA THR A 361 21.36 -18.67 21.76
C THR A 361 21.76 -17.51 22.67
N THR A 362 20.95 -16.45 22.64
CA THR A 362 21.19 -15.29 23.48
C THR A 362 21.24 -15.73 24.93
N LEU A 363 20.29 -16.57 25.34
CA LEU A 363 20.22 -17.01 26.71
C LEU A 363 21.39 -17.90 27.12
N GLU A 364 21.89 -18.74 26.19
CA GLU A 364 23.02 -19.61 26.50
C GLU A 364 24.24 -18.79 26.86
N LYS A 365 24.49 -17.78 26.01
CA LYS A 365 25.60 -16.86 26.16
C LYS A 365 25.43 -16.01 27.42
N CYS A 366 24.25 -15.38 27.53
CA CYS A 366 24.01 -14.37 28.56
C CYS A 366 23.86 -14.95 29.96
N CYS A 367 23.17 -16.09 30.06
CA CYS A 367 22.97 -16.71 31.36
C CYS A 367 24.26 -17.35 31.86
N ALA A 368 25.30 -17.36 31.01
CA ALA A 368 26.63 -17.78 31.42
C ALA A 368 27.50 -16.61 31.87
N ALA A 369 26.94 -15.40 31.79
CA ALA A 369 27.66 -14.17 32.06
C ALA A 369 27.52 -13.70 33.50
N ALA A 370 28.39 -12.75 33.87
CA ALA A 370 28.42 -12.14 35.18
C ALA A 370 27.13 -11.38 35.48
N ASP A 371 26.66 -10.59 34.51
CA ASP A 371 25.38 -9.91 34.62
C ASP A 371 24.49 -10.26 33.43
N PRO A 372 23.77 -11.42 33.46
CA PRO A 372 22.90 -11.79 32.36
C PRO A 372 21.94 -10.68 31.96
N HIS A 373 21.24 -10.09 32.94
CA HIS A 373 20.20 -9.11 32.63
C HIS A 373 20.70 -7.99 31.73
N GLU A 374 21.95 -7.57 31.89
CA GLU A 374 22.52 -6.53 31.06
C GLU A 374 22.67 -7.06 29.64
N CYS A 375 23.23 -8.27 29.53
CA CYS A 375 23.63 -8.80 28.24
C CYS A 375 22.48 -9.20 27.33
N TYR A 376 21.34 -9.61 27.90
CA TYR A 376 20.16 -9.94 27.10
C TYR A 376 19.11 -8.82 27.09
N ALA A 377 19.45 -7.68 27.71
CA ALA A 377 18.54 -6.56 27.87
C ALA A 377 17.84 -6.13 26.59
N LYS A 378 18.56 -6.27 25.45
CA LYS A 378 18.13 -5.74 24.17
C LYS A 378 18.09 -6.80 23.08
N VAL A 379 17.70 -8.03 23.47
CA VAL A 379 17.65 -9.15 22.55
C VAL A 379 16.61 -8.94 21.45
N PHE A 380 15.52 -8.23 21.76
CA PHE A 380 14.45 -8.07 20.79
C PHE A 380 14.89 -7.34 19.53
N ASP A 381 15.94 -6.52 19.62
CA ASP A 381 16.50 -5.85 18.45
C ASP A 381 17.16 -6.81 17.46
N GLU A 382 17.61 -7.96 17.95
CA GLU A 382 18.17 -9.01 17.11
C GLU A 382 17.14 -9.63 16.17
N PHE A 383 15.86 -9.51 16.54
CA PHE A 383 14.75 -9.96 15.71
C PHE A 383 14.49 -9.04 14.52
N LYS A 384 14.70 -7.74 14.70
CA LYS A 384 14.39 -6.74 13.68
C LYS A 384 14.93 -7.08 12.28
N PRO A 385 16.23 -7.45 12.12
CA PRO A 385 16.76 -7.83 10.80
C PRO A 385 16.23 -9.13 10.23
N LEU A 386 15.97 -10.12 11.11
CA LEU A 386 15.44 -11.41 10.70
C LEU A 386 14.03 -11.30 10.12
N VAL A 387 13.22 -10.43 10.74
CA VAL A 387 11.86 -10.20 10.30
C VAL A 387 11.85 -9.35 9.02
N GLU A 388 12.72 -8.35 8.95
CA GLU A 388 12.72 -7.45 7.80
C GLU A 388 13.14 -8.19 6.52
N GLU A 389 14.06 -9.14 6.66
CA GLU A 389 14.67 -9.81 5.52
C GLU A 389 13.62 -10.45 4.60
N PRO A 390 12.73 -11.34 5.10
CA PRO A 390 11.67 -11.92 4.27
C PRO A 390 10.61 -10.89 3.88
N GLN A 391 10.25 -10.00 4.83
CA GLN A 391 9.29 -8.95 4.53
C GLN A 391 9.65 -8.26 3.22
N ASN A 392 10.94 -7.93 3.06
CA ASN A 392 11.40 -7.14 1.94
C ASN A 392 11.51 -7.91 0.62
N LEU A 393 11.90 -9.19 0.68
CA LEU A 393 11.83 -10.05 -0.49
C LEU A 393 10.40 -10.14 -1.02
N ILE A 394 9.42 -10.27 -0.11
CA ILE A 394 8.01 -10.20 -0.47
C ILE A 394 7.71 -8.90 -1.20
N LYS A 395 7.87 -7.75 -0.53
CA LYS A 395 7.54 -6.47 -1.14
C LYS A 395 8.11 -6.37 -2.55
N GLN A 396 9.40 -6.68 -2.67
CA GLN A 396 10.16 -6.41 -3.88
C GLN A 396 9.74 -7.30 -5.04
N ASN A 397 9.51 -8.59 -4.78
CA ASN A 397 9.09 -9.50 -5.82
C ASN A 397 7.61 -9.32 -6.18
N CYS A 398 6.79 -8.95 -5.18
CA CYS A 398 5.37 -8.68 -5.38
C CYS A 398 5.14 -7.50 -6.31
N GLU A 399 5.91 -6.43 -6.12
CA GLU A 399 5.81 -5.28 -7.01
C GLU A 399 6.19 -5.65 -8.45
N LEU A 400 7.23 -6.48 -8.60
CA LEU A 400 7.74 -6.88 -9.89
C LEU A 400 6.73 -7.76 -10.62
N PHE A 401 6.03 -8.63 -9.87
CA PHE A 401 4.91 -9.40 -10.38
C PHE A 401 3.70 -8.54 -10.74
N GLU A 402 3.47 -7.48 -9.96
CA GLU A 402 2.34 -6.58 -10.17
C GLU A 402 2.60 -5.76 -11.44
N GLN A 403 3.87 -5.35 -11.62
CA GLN A 403 4.29 -4.61 -12.80
C GLN A 403 4.17 -5.44 -14.07
N LEU A 404 4.57 -6.71 -13.95
CA LEU A 404 4.92 -7.50 -15.12
C LEU A 404 3.86 -8.54 -15.49
N GLY A 405 3.30 -9.22 -14.50
CA GLY A 405 2.29 -10.24 -14.76
C GLY A 405 2.93 -11.61 -14.80
N GLU A 406 2.10 -12.65 -14.66
CA GLU A 406 2.59 -13.99 -14.38
C GLU A 406 3.63 -14.46 -15.38
N TYR A 407 3.26 -14.49 -16.67
CA TYR A 407 4.11 -15.01 -17.73
C TYR A 407 5.52 -14.40 -17.71
N LYS A 408 5.60 -13.06 -17.81
CA LYS A 408 6.89 -12.44 -18.01
C LYS A 408 7.67 -12.38 -16.70
N PHE A 409 6.97 -12.52 -15.55
CA PHE A 409 7.60 -12.68 -14.26
C PHE A 409 8.36 -14.01 -14.24
N GLN A 410 7.66 -15.07 -14.62
CA GLN A 410 8.29 -16.38 -14.80
C GLN A 410 9.55 -16.33 -15.66
N ASN A 411 9.57 -15.46 -16.68
CA ASN A 411 10.76 -15.34 -17.51
C ASN A 411 11.83 -14.45 -16.87
N ALA A 412 11.41 -13.43 -16.10
CA ALA A 412 12.33 -12.67 -15.29
C ALA A 412 13.02 -13.57 -14.29
N LEU A 413 12.25 -14.47 -13.68
CA LEU A 413 12.75 -15.48 -12.78
C LEU A 413 13.59 -16.52 -13.51
N LEU A 414 13.16 -16.85 -14.73
CA LEU A 414 13.86 -17.82 -15.56
C LEU A 414 15.29 -17.37 -15.82
N VAL A 415 15.49 -16.07 -16.10
CA VAL A 415 16.83 -15.52 -16.29
C VAL A 415 17.57 -15.61 -14.96
N ARG A 416 16.98 -15.01 -13.91
CA ARG A 416 17.63 -14.88 -12.62
C ARG A 416 18.31 -16.16 -12.14
N TYR A 417 17.58 -17.28 -12.21
CA TYR A 417 18.05 -18.54 -11.66
C TYR A 417 18.94 -19.37 -12.59
N THR A 418 18.84 -19.16 -13.91
CA THR A 418 19.80 -19.77 -14.82
C THR A 418 21.15 -19.10 -14.61
N LYS A 419 21.13 -17.79 -14.36
CA LYS A 419 22.32 -17.02 -14.03
C LYS A 419 22.96 -17.46 -12.70
N LYS A 420 22.12 -17.75 -11.69
CA LYS A 420 22.61 -18.15 -10.38
C LYS A 420 23.11 -19.60 -10.32
N VAL A 421 22.43 -20.52 -11.03
CA VAL A 421 22.87 -21.90 -11.13
C VAL A 421 22.58 -22.45 -12.54
N PRO A 422 23.48 -22.18 -13.53
CA PRO A 422 23.29 -22.66 -14.90
C PRO A 422 23.52 -24.16 -15.12
N GLN A 423 24.05 -24.85 -14.11
CA GLN A 423 24.37 -26.27 -14.23
C GLN A 423 23.12 -27.14 -14.36
N VAL A 424 21.99 -26.67 -13.82
CA VAL A 424 20.81 -27.51 -13.65
C VAL A 424 20.12 -27.70 -15.00
N SER A 425 19.35 -28.79 -15.10
CA SER A 425 18.61 -29.11 -16.35
C SER A 425 17.59 -28.03 -16.64
N THR A 426 17.57 -27.52 -17.88
CA THR A 426 16.65 -26.41 -18.19
C THR A 426 15.22 -26.86 -17.99
N PRO A 427 14.79 -28.07 -18.37
CA PRO A 427 13.44 -28.49 -18.06
C PRO A 427 13.17 -28.20 -16.59
N THR A 428 13.98 -28.77 -15.70
CA THR A 428 13.82 -28.50 -14.29
C THR A 428 13.77 -26.99 -14.09
N LEU A 429 14.59 -26.24 -14.85
CA LEU A 429 14.65 -24.80 -14.71
C LEU A 429 13.32 -24.17 -15.10
N VAL A 430 12.82 -24.57 -16.28
CA VAL A 430 11.57 -24.04 -16.81
C VAL A 430 10.46 -24.30 -15.79
N GLU A 431 10.43 -25.50 -15.21
CA GLU A 431 9.35 -25.89 -14.32
C GLU A 431 9.42 -25.22 -12.94
N VAL A 432 10.64 -25.06 -12.42
CA VAL A 432 10.84 -24.35 -11.15
C VAL A 432 10.39 -22.90 -11.31
N SER A 433 10.95 -22.20 -12.30
CA SER A 433 10.62 -20.80 -12.53
C SER A 433 9.14 -20.56 -12.79
N ARG A 434 8.53 -21.46 -13.58
CA ARG A 434 7.11 -21.36 -13.91
C ARG A 434 6.27 -21.48 -12.64
N ASN A 435 6.58 -22.49 -11.82
CA ASN A 435 5.94 -22.66 -10.51
C ASN A 435 6.10 -21.42 -9.64
N LEU A 436 7.35 -20.97 -9.43
CA LEU A 436 7.61 -19.77 -8.66
C LEU A 436 6.72 -18.58 -9.05
N GLY A 437 6.49 -18.40 -10.35
CA GLY A 437 5.63 -17.32 -10.83
C GLY A 437 4.15 -17.52 -10.49
N LYS A 438 3.72 -18.79 -10.49
CA LYS A 438 2.40 -19.16 -9.99
C LYS A 438 2.27 -18.91 -8.48
N VAL A 439 3.33 -19.24 -7.73
CA VAL A 439 3.44 -18.91 -6.32
C VAL A 439 3.14 -17.42 -6.16
N GLY A 440 3.84 -16.60 -6.95
CA GLY A 440 3.68 -15.16 -6.94
C GLY A 440 2.23 -14.72 -7.13
N SER A 441 1.56 -15.35 -8.11
CA SER A 441 0.17 -15.03 -8.38
C SER A 441 -0.72 -15.42 -7.18
N LYS A 442 -0.42 -16.56 -6.56
CA LYS A 442 -1.12 -17.05 -5.37
C LYS A 442 -1.03 -16.10 -4.17
N CYS A 443 0.16 -15.52 -4.00
CA CYS A 443 0.52 -14.89 -2.74
C CYS A 443 0.28 -13.39 -2.70
N CYS A 444 0.61 -12.69 -3.80
CA CYS A 444 0.52 -11.24 -3.81
C CYS A 444 -0.92 -10.73 -3.88
N LYS A 445 -1.86 -11.65 -4.15
CA LYS A 445 -3.30 -11.34 -4.15
C LYS A 445 -3.77 -11.12 -2.72
N HIS A 446 -3.13 -11.82 -1.78
CA HIS A 446 -3.43 -11.67 -0.36
C HIS A 446 -3.05 -10.29 0.18
N PRO A 447 -3.70 -9.89 1.31
CA PRO A 447 -3.27 -8.71 2.06
C PRO A 447 -1.82 -8.93 2.46
N GLU A 448 -1.01 -7.86 2.44
CA GLU A 448 0.38 -7.99 2.83
C GLU A 448 0.56 -8.79 4.13
N ALA A 449 -0.33 -8.59 5.11
CA ALA A 449 -0.32 -9.36 6.35
C ALA A 449 -0.29 -10.88 6.14
N LYS A 450 -1.02 -11.38 5.15
CA LYS A 450 -1.18 -12.81 4.92
C LYS A 450 -0.21 -13.41 3.87
N ARG A 451 0.64 -12.56 3.29
CA ARG A 451 1.59 -12.98 2.28
C ARG A 451 2.66 -13.97 2.77
N MET A 452 3.34 -13.64 3.89
CA MET A 452 4.53 -14.38 4.29
C MET A 452 4.22 -15.83 4.70
N PRO A 453 3.12 -16.09 5.45
CA PRO A 453 2.66 -17.47 5.64
C PRO A 453 2.28 -18.17 4.34
N CYS A 454 1.65 -17.44 3.41
CA CYS A 454 1.27 -17.97 2.10
C CYS A 454 2.52 -18.37 1.32
N ALA A 455 3.51 -17.47 1.27
CA ALA A 455 4.77 -17.75 0.62
C ALA A 455 5.42 -19.02 1.19
N GLU A 456 5.72 -19.01 2.49
CA GLU A 456 6.33 -20.16 3.13
C GLU A 456 5.71 -21.50 2.73
N ASP A 457 4.38 -21.51 2.60
CA ASP A 457 3.67 -22.68 2.11
C ASP A 457 4.09 -23.04 0.69
N TYR A 458 3.78 -22.16 -0.27
CA TYR A 458 3.96 -22.46 -1.68
C TYR A 458 5.44 -22.61 -2.06
N LEU A 459 6.33 -21.88 -1.36
CA LEU A 459 7.75 -22.10 -1.57
C LEU A 459 8.16 -23.49 -1.08
N SER A 460 7.76 -23.89 0.12
CA SER A 460 8.23 -25.18 0.60
C SER A 460 7.90 -26.32 -0.38
N VAL A 461 6.72 -26.25 -1.03
CA VAL A 461 6.34 -27.27 -2.00
C VAL A 461 7.23 -27.21 -3.24
N VAL A 462 7.49 -26.00 -3.74
CA VAL A 462 8.39 -25.81 -4.88
C VAL A 462 9.84 -26.20 -4.58
N LEU A 463 10.38 -25.68 -3.46
CA LEU A 463 11.75 -25.91 -3.04
C LEU A 463 11.99 -27.40 -2.81
N ASN A 464 10.97 -28.08 -2.27
CA ASN A 464 11.05 -29.51 -2.02
C ASN A 464 11.07 -30.29 -3.32
N GLN A 465 10.12 -29.99 -4.24
CA GLN A 465 10.09 -30.57 -5.57
C GLN A 465 11.49 -30.58 -6.17
N LEU A 466 12.13 -29.41 -6.14
CA LEU A 466 13.50 -29.24 -6.63
C LEU A 466 14.45 -30.18 -5.89
N CYS A 467 14.33 -30.24 -4.56
CA CYS A 467 15.26 -30.98 -3.70
C CYS A 467 15.18 -32.50 -3.91
N VAL A 468 13.98 -32.98 -4.21
CA VAL A 468 13.76 -34.45 -4.45
C VAL A 468 14.15 -34.72 -5.91
N LEU A 469 14.09 -33.69 -6.74
CA LEU A 469 14.57 -33.81 -8.14
C LEU A 469 16.06 -34.12 -8.00
N HIS A 470 16.71 -33.47 -7.03
CA HIS A 470 18.17 -33.68 -6.88
C HIS A 470 18.38 -34.94 -6.05
N GLU A 471 18.10 -36.09 -6.67
CA GLU A 471 18.39 -37.41 -6.05
C GLU A 471 19.21 -38.00 -7.18
N LYS A 472 18.61 -38.04 -8.38
CA LYS A 472 19.39 -38.34 -9.56
C LYS A 472 20.22 -37.11 -9.96
N THR A 473 21.28 -36.87 -9.19
CA THR A 473 22.09 -35.67 -9.37
C THR A 473 23.49 -35.81 -8.86
N SER A 476 24.08 -31.09 -9.40
CA SER A 476 24.72 -29.80 -9.08
C SER A 476 25.13 -29.77 -7.60
N ASP A 477 26.42 -29.62 -7.32
CA ASP A 477 26.96 -29.66 -5.93
C ASP A 477 26.48 -28.53 -5.02
N ARG A 478 26.36 -27.30 -5.51
CA ARG A 478 26.06 -26.16 -4.60
C ARG A 478 24.70 -26.28 -3.89
N VAL A 479 23.65 -26.73 -4.57
CA VAL A 479 22.28 -26.72 -3.98
C VAL A 479 22.08 -27.84 -2.96
N THR A 480 23.05 -28.74 -2.80
CA THR A 480 22.84 -29.85 -1.92
C THR A 480 22.94 -29.29 -0.51
N LYS A 481 23.91 -28.38 -0.26
CA LYS A 481 23.98 -27.66 1.01
C LYS A 481 22.59 -27.16 1.42
N CYS A 482 21.94 -26.38 0.55
CA CYS A 482 20.61 -25.82 0.82
C CYS A 482 19.54 -26.89 1.06
N CYS A 483 19.61 -28.00 0.31
CA CYS A 483 18.59 -29.04 0.43
C CYS A 483 18.79 -29.94 1.65
N THR A 484 20.03 -29.96 2.17
CA THR A 484 20.41 -30.73 3.34
C THR A 484 20.66 -29.83 4.54
N GLU A 485 19.91 -28.71 4.60
CA GLU A 485 19.99 -27.82 5.75
C GLU A 485 18.80 -28.18 6.61
N SER A 486 18.73 -27.55 7.79
N SER A 486 18.74 -27.56 7.80
CA SER A 486 17.48 -27.50 8.54
CA SER A 486 17.48 -27.49 8.55
C SER A 486 16.46 -26.80 7.65
C SER A 486 16.46 -26.80 7.65
N LEU A 487 15.20 -27.24 7.75
CA LEU A 487 14.13 -26.65 6.98
C LEU A 487 13.96 -25.19 7.37
N VAL A 488 14.50 -24.78 8.53
CA VAL A 488 14.50 -23.38 8.97
C VAL A 488 15.28 -22.50 7.99
N ASN A 489 16.50 -22.95 7.64
CA ASN A 489 17.45 -22.12 6.92
C ASN A 489 17.64 -22.50 5.47
N ARG A 490 16.81 -23.44 4.99
CA ARG A 490 16.75 -23.80 3.58
C ARG A 490 16.51 -22.59 2.68
N ARG A 491 15.40 -21.90 2.90
CA ARG A 491 14.98 -20.79 2.05
C ARG A 491 16.02 -19.66 2.06
N PRO A 492 16.54 -19.20 3.22
CA PRO A 492 17.64 -18.22 3.21
C PRO A 492 18.95 -18.67 2.56
N CYS A 493 19.28 -19.96 2.70
CA CYS A 493 20.46 -20.54 2.08
C CYS A 493 20.31 -20.43 0.56
N PHE A 494 19.07 -20.70 0.07
CA PHE A 494 18.76 -20.55 -1.33
C PHE A 494 18.87 -19.09 -1.75
N SER A 495 18.23 -18.18 -1.00
CA SER A 495 18.28 -16.77 -1.33
C SER A 495 19.68 -16.18 -1.24
N ALA A 496 20.64 -16.96 -0.73
CA ALA A 496 22.02 -16.53 -0.61
C ALA A 496 22.89 -16.84 -1.82
N LEU A 497 22.29 -17.43 -2.87
CA LEU A 497 22.99 -17.79 -4.09
C LEU A 497 23.48 -16.57 -4.87
N GLU A 498 24.61 -16.76 -5.56
CA GLU A 498 25.15 -15.70 -6.46
C GLU A 498 25.51 -16.41 -7.78
N VAL A 499 25.92 -15.65 -8.81
CA VAL A 499 26.18 -16.26 -10.16
C VAL A 499 27.35 -17.25 -10.12
N ASP A 500 27.24 -18.37 -10.86
CA ASP A 500 28.34 -19.37 -10.93
C ASP A 500 29.58 -18.73 -11.55
N GLU A 501 29.39 -17.90 -12.58
CA GLU A 501 30.50 -17.18 -13.25
C GLU A 501 31.33 -18.13 -14.12
N THR A 502 31.88 -19.20 -13.54
CA THR A 502 32.73 -20.08 -14.36
C THR A 502 31.88 -21.09 -15.10
N LYS A 506 28.24 -24.99 -22.77
CA LYS A 506 27.37 -25.39 -23.90
C LYS A 506 27.82 -24.85 -25.26
N GLU A 507 27.68 -25.69 -26.30
CA GLU A 507 28.02 -25.28 -27.69
C GLU A 507 26.72 -24.96 -28.43
N PHE A 508 26.81 -24.34 -29.61
CA PHE A 508 25.64 -23.92 -30.35
C PHE A 508 25.10 -25.06 -31.20
N ASN A 509 23.81 -25.37 -31.08
CA ASN A 509 23.31 -26.60 -31.75
C ASN A 509 22.62 -26.30 -33.08
N ALA A 510 22.11 -25.08 -33.29
CA ALA A 510 21.29 -24.81 -34.49
C ALA A 510 19.97 -25.50 -34.22
N GLU A 511 20.04 -26.80 -33.94
CA GLU A 511 18.80 -27.50 -33.55
C GLU A 511 18.35 -26.87 -32.23
N SER A 523 -0.64 -22.77 -29.50
CA SER A 523 -0.70 -23.93 -28.57
C SER A 523 -0.75 -23.44 -27.12
N GLU A 524 -0.98 -22.14 -26.92
CA GLU A 524 -1.15 -21.60 -25.54
C GLU A 524 0.10 -21.87 -24.67
N LYS A 525 -0.09 -22.44 -23.49
CA LYS A 525 1.00 -22.62 -22.50
C LYS A 525 2.11 -23.51 -23.06
N GLU A 526 1.77 -24.56 -23.80
CA GLU A 526 2.84 -25.48 -24.28
C GLU A 526 3.75 -24.66 -25.19
N ARG A 527 3.17 -23.76 -26.00
CA ARG A 527 4.01 -22.87 -26.83
C ARG A 527 4.86 -21.98 -25.90
N GLN A 528 4.28 -21.48 -24.81
CA GLN A 528 5.04 -20.63 -23.85
C GLN A 528 6.22 -21.44 -23.29
N ILE A 529 5.94 -22.66 -22.85
CA ILE A 529 7.00 -23.53 -22.28
C ILE A 529 8.13 -23.68 -23.31
N LYS A 530 7.77 -23.85 -24.58
CA LYS A 530 8.80 -23.96 -25.64
C LYS A 530 9.59 -22.66 -25.73
N LYS A 531 8.89 -21.52 -25.63
CA LYS A 531 9.56 -20.21 -25.71
C LYS A 531 10.52 -20.09 -24.54
N GLN A 532 10.09 -20.55 -23.36
CA GLN A 532 10.93 -20.44 -22.15
C GLN A 532 12.11 -21.39 -22.33
N THR A 533 11.81 -22.63 -22.69
CA THR A 533 12.90 -23.57 -22.93
C THR A 533 13.97 -22.92 -23.78
N ALA A 534 13.54 -22.16 -24.80
CA ALA A 534 14.45 -21.42 -25.66
C ALA A 534 15.21 -20.36 -24.87
N LEU A 535 14.49 -19.61 -24.02
CA LEU A 535 15.07 -18.52 -23.26
C LEU A 535 16.19 -19.01 -22.34
N VAL A 536 15.94 -20.12 -21.64
CA VAL A 536 16.97 -20.75 -20.84
C VAL A 536 18.14 -21.17 -21.72
N GLU A 537 17.88 -21.85 -22.84
CA GLU A 537 18.92 -22.31 -23.74
C GLU A 537 19.75 -21.15 -24.30
N LEU A 538 19.11 -19.98 -24.45
CA LEU A 538 19.80 -18.77 -24.85
C LEU A 538 20.75 -18.32 -23.75
N VAL A 539 20.24 -18.27 -22.52
CA VAL A 539 21.03 -17.90 -21.36
C VAL A 539 22.10 -18.99 -21.11
N LYS A 540 21.81 -20.20 -21.59
CA LYS A 540 22.85 -21.24 -21.54
C LYS A 540 23.63 -21.03 -22.85
N HIS A 541 24.84 -21.59 -22.98
CA HIS A 541 25.66 -21.28 -24.18
C HIS A 541 26.11 -19.82 -24.08
N LYS A 542 25.22 -18.92 -23.65
CA LYS A 542 25.62 -17.50 -23.46
C LYS A 542 25.18 -16.95 -22.09
N PRO A 543 25.82 -17.34 -20.96
CA PRO A 543 25.54 -16.77 -19.65
C PRO A 543 25.88 -15.30 -19.52
N LYS A 544 26.98 -14.86 -20.12
CA LYS A 544 27.54 -13.50 -19.94
C LYS A 544 26.65 -12.34 -20.40
N ALA A 545 25.89 -12.45 -21.48
CA ALA A 545 25.24 -11.25 -22.08
C ALA A 545 24.27 -10.54 -21.15
N THR A 546 24.28 -9.20 -21.19
CA THR A 546 23.48 -8.34 -20.29
C THR A 546 21.99 -8.42 -20.51
N LYS A 547 21.23 -7.68 -19.70
CA LYS A 547 19.76 -7.77 -19.73
C LYS A 547 19.10 -6.95 -20.84
N GLU A 548 19.77 -5.90 -21.33
CA GLU A 548 19.36 -5.22 -22.55
C GLU A 548 19.43 -6.16 -23.75
N GLN A 549 20.50 -6.95 -23.81
CA GLN A 549 20.71 -7.91 -24.88
C GLN A 549 19.69 -9.05 -24.86
N LEU A 550 19.28 -9.47 -23.65
CA LEU A 550 18.25 -10.50 -23.52
C LEU A 550 16.94 -9.93 -24.05
N LYS A 551 16.65 -8.69 -23.62
CA LYS A 551 15.44 -8.00 -24.04
C LYS A 551 15.37 -7.94 -25.57
N ALA A 552 16.52 -7.72 -26.20
CA ALA A 552 16.56 -7.59 -27.67
C ALA A 552 16.07 -8.88 -28.33
N VAL A 553 16.75 -10.00 -28.06
CA VAL A 553 16.39 -11.27 -28.76
C VAL A 553 14.95 -11.64 -28.40
N MET A 554 14.58 -11.47 -27.14
CA MET A 554 13.20 -11.77 -26.70
C MET A 554 12.21 -11.04 -27.62
N ASP A 555 12.50 -9.77 -27.91
CA ASP A 555 11.62 -8.98 -28.75
C ASP A 555 11.70 -9.37 -30.22
N ASP A 556 12.91 -9.66 -30.72
CA ASP A 556 13.09 -10.08 -32.11
C ASP A 556 12.49 -11.47 -32.35
N PHE A 557 12.40 -12.27 -31.27
CA PHE A 557 11.82 -13.60 -31.32
C PHE A 557 10.30 -13.48 -31.32
N ALA A 558 9.76 -12.63 -30.42
CA ALA A 558 8.33 -12.31 -30.42
C ALA A 558 7.87 -11.80 -31.80
N ALA A 559 8.76 -11.06 -32.46
CA ALA A 559 8.53 -10.52 -33.79
C ALA A 559 8.64 -11.58 -34.89
N PHE A 560 9.58 -12.50 -34.72
CA PHE A 560 9.77 -13.55 -35.76
C PHE A 560 8.56 -14.46 -35.78
N VAL A 561 8.21 -15.00 -34.63
CA VAL A 561 7.10 -15.99 -34.60
C VAL A 561 5.78 -15.34 -35.06
N GLU A 562 5.51 -14.12 -34.61
CA GLU A 562 4.22 -13.49 -34.98
C GLU A 562 4.27 -13.35 -36.50
N LYS A 563 5.39 -12.86 -37.00
CA LYS A 563 5.54 -12.78 -38.44
C LYS A 563 5.20 -14.10 -39.13
N CYS A 564 5.89 -15.19 -38.77
CA CYS A 564 5.74 -16.44 -39.55
C CYS A 564 4.41 -17.15 -39.32
N CYS A 565 3.85 -17.10 -38.12
CA CYS A 565 2.52 -17.72 -37.93
C CYS A 565 1.54 -16.97 -38.84
N LYS A 566 1.67 -15.64 -38.90
CA LYS A 566 0.79 -14.81 -39.77
C LYS A 566 0.99 -15.19 -41.25
N ALA A 567 2.24 -15.44 -41.67
CA ALA A 567 2.53 -15.70 -43.10
C ALA A 567 1.84 -16.96 -43.59
N ASP A 568 1.35 -16.95 -44.83
CA ASP A 568 0.58 -18.10 -45.39
C ASP A 568 1.45 -19.35 -45.45
N ASP A 569 2.71 -19.22 -45.85
CA ASP A 569 3.53 -20.44 -46.04
C ASP A 569 3.46 -21.26 -44.75
N GLU A 571 5.57 -22.24 -43.10
CA GLU A 571 6.68 -23.17 -42.74
C GLU A 571 7.97 -22.63 -43.37
N THR A 572 7.88 -22.17 -44.62
CA THR A 572 9.07 -21.57 -45.25
C THR A 572 9.47 -20.35 -44.46
N CYS A 573 8.48 -19.56 -44.02
CA CYS A 573 8.82 -18.30 -43.32
C CYS A 573 9.57 -18.67 -42.03
N PHE A 574 9.12 -19.72 -41.36
CA PHE A 574 9.76 -20.11 -40.08
C PHE A 574 11.18 -20.50 -40.40
N ALA A 575 11.36 -21.19 -41.52
CA ALA A 575 12.69 -21.67 -41.89
C ALA A 575 13.62 -20.50 -42.23
N GLU A 576 13.18 -19.58 -43.10
CA GLU A 576 14.12 -18.53 -43.59
C GLU A 576 14.38 -17.48 -42.49
N GLU A 577 13.31 -17.09 -41.80
CA GLU A 577 13.43 -16.06 -40.74
C GLU A 577 14.31 -16.58 -39.59
N GLY A 578 14.13 -17.86 -39.24
CA GLY A 578 14.85 -18.40 -38.08
C GLY A 578 16.35 -18.38 -38.30
N LYS A 579 16.81 -18.72 -39.50
CA LYS A 579 18.27 -18.62 -39.75
C LYS A 579 18.63 -17.13 -39.62
N LYS A 580 17.77 -16.28 -40.16
CA LYS A 580 18.03 -14.82 -40.11
C LYS A 580 18.02 -14.39 -38.65
N LEU A 581 17.07 -14.91 -37.86
CA LEU A 581 17.00 -14.45 -36.48
C LEU A 581 18.21 -14.94 -35.69
N VAL A 582 18.55 -16.23 -35.91
CA VAL A 582 19.73 -16.83 -35.31
C VAL A 582 20.95 -15.99 -35.68
N ALA A 583 21.20 -15.82 -36.99
CA ALA A 583 22.34 -15.04 -37.46
C ALA A 583 22.36 -13.62 -36.88
N ALA A 584 21.20 -12.95 -36.87
CA ALA A 584 21.08 -11.61 -36.35
C ALA A 584 21.48 -11.49 -34.88
N SER A 585 21.11 -12.49 -34.07
CA SER A 585 21.44 -12.50 -32.65
C SER A 585 22.82 -13.06 -32.32
N GLN A 586 23.36 -13.93 -33.19
CA GLN A 586 24.72 -14.42 -33.05
C GLN A 586 25.67 -13.24 -33.17
N ALA A 587 25.39 -12.37 -34.16
CA ALA A 587 26.14 -11.15 -34.35
C ALA A 587 26.03 -10.22 -33.15
N ALA A 588 24.79 -10.02 -32.67
CA ALA A 588 24.55 -9.16 -31.52
C ALA A 588 25.04 -9.78 -30.21
N LEU A 589 25.57 -11.01 -30.24
CA LEU A 589 26.29 -11.60 -29.13
C LEU A 589 27.81 -11.40 -29.23
N GLY A 590 28.41 -12.08 -30.22
CA GLY A 590 29.84 -12.36 -30.25
C GLY A 590 30.12 -13.65 -31.00
N GLU B 1 -9.69 -10.58 39.21
CA GLU B 1 -8.61 -10.99 40.12
C GLU B 1 -8.80 -12.48 40.41
N VAL B 2 -7.75 -13.28 40.14
CA VAL B 2 -7.85 -14.72 40.31
C VAL B 2 -7.90 -14.95 41.81
N GLN B 3 -8.76 -15.89 42.24
CA GLN B 3 -8.91 -16.21 43.64
C GLN B 3 -9.09 -17.71 43.85
N LEU B 4 -8.15 -18.30 44.59
CA LEU B 4 -8.25 -19.69 45.00
C LEU B 4 -8.16 -19.86 46.53
N GLN B 5 -8.89 -20.85 47.05
CA GLN B 5 -8.97 -21.15 48.47
C GLN B 5 -9.03 -22.65 48.72
N GLU B 6 -7.97 -23.22 49.29
CA GLU B 6 -7.88 -24.65 49.49
C GLU B 6 -8.47 -24.99 50.85
N SER B 7 -8.85 -26.27 50.99
CA SER B 7 -9.41 -26.78 52.22
C SER B 7 -9.38 -28.30 52.22
N GLY B 8 -9.90 -28.87 53.30
CA GLY B 8 -9.95 -30.31 53.46
C GLY B 8 -8.70 -30.96 54.02
N GLY B 9 -7.64 -30.19 54.29
CA GLY B 9 -6.40 -30.72 54.85
C GLY B 9 -6.59 -31.36 56.21
N GLY B 10 -5.50 -31.87 56.81
CA GLY B 10 -5.55 -32.42 58.16
C GLY B 10 -4.59 -33.57 58.41
N LEU B 11 -4.77 -34.25 59.54
CA LEU B 11 -3.83 -35.25 60.00
C LEU B 11 -4.44 -36.58 59.64
N VAL B 12 -3.65 -37.51 59.08
CA VAL B 12 -4.08 -38.88 58.87
C VAL B 12 -2.96 -39.89 59.19
N GLN B 13 -3.37 -41.10 59.55
CA GLN B 13 -2.46 -42.23 59.66
C GLN B 13 -1.83 -42.59 58.33
N PRO B 14 -0.64 -43.23 58.32
CA PRO B 14 -0.07 -43.79 57.09
C PRO B 14 -1.05 -44.79 56.48
N GLY B 15 -1.32 -44.62 55.18
CA GLY B 15 -2.26 -45.45 54.45
C GLY B 15 -3.71 -45.01 54.60
N GLY B 16 -3.91 -43.77 55.05
CA GLY B 16 -5.24 -43.21 55.19
C GLY B 16 -5.55 -42.30 54.02
N SER B 17 -6.68 -41.59 54.12
CA SER B 17 -7.21 -40.79 53.05
C SER B 17 -7.60 -39.36 53.41
N LEU B 18 -7.59 -38.50 52.40
CA LEU B 18 -8.11 -37.14 52.50
C LEU B 18 -8.63 -36.71 51.15
N ARG B 19 -9.46 -35.66 51.15
CA ARG B 19 -9.97 -35.11 49.91
C ARG B 19 -9.87 -33.59 49.97
N LEU B 20 -8.84 -33.05 49.32
CA LEU B 20 -8.68 -31.61 49.26
C LEU B 20 -9.69 -31.03 48.29
N SER B 21 -10.29 -29.89 48.67
CA SER B 21 -11.16 -29.19 47.76
C SER B 21 -10.56 -27.80 47.57
N CYS B 22 -10.87 -27.16 46.45
CA CYS B 22 -10.41 -25.81 46.20
C CYS B 22 -11.47 -24.98 45.47
N ALA B 23 -11.77 -23.81 46.05
CA ALA B 23 -12.83 -22.94 45.57
C ALA B 23 -12.24 -21.85 44.68
N ALA B 24 -12.73 -21.77 43.43
CA ALA B 24 -12.23 -20.82 42.45
C ALA B 24 -13.21 -19.68 42.22
N SER B 25 -12.67 -18.53 41.83
CA SER B 25 -13.45 -17.39 41.42
C SER B 25 -12.50 -16.30 40.91
N GLY B 26 -13.04 -15.33 40.17
CA GLY B 26 -12.24 -14.25 39.64
C GLY B 26 -11.74 -14.44 38.21
N PHE B 27 -11.97 -15.64 37.67
CA PHE B 27 -11.60 -16.01 36.31
C PHE B 27 -12.61 -17.06 35.82
N ARG B 28 -12.68 -17.30 34.50
CA ARG B 28 -13.49 -18.41 34.00
C ARG B 28 -12.77 -19.75 34.23
N PHE B 29 -13.02 -20.33 35.39
CA PHE B 29 -12.44 -21.60 35.80
C PHE B 29 -12.59 -22.70 34.75
N SER B 30 -13.80 -22.76 34.19
CA SER B 30 -14.17 -23.86 33.31
C SER B 30 -13.37 -23.86 32.01
N SER B 31 -12.64 -22.78 31.71
CA SER B 31 -11.87 -22.72 30.49
C SER B 31 -10.36 -22.80 30.69
N TYR B 32 -9.94 -23.17 31.88
CA TYR B 32 -8.54 -23.16 32.24
C TYR B 32 -8.04 -24.44 32.92
N TRP B 33 -6.79 -24.80 32.61
CA TRP B 33 -6.13 -25.91 33.27
C TRP B 33 -5.88 -25.55 34.73
N MET B 34 -6.13 -26.53 35.61
CA MET B 34 -5.94 -26.39 37.04
C MET B 34 -4.89 -27.40 37.48
N TYR B 35 -4.05 -26.97 38.43
CA TYR B 35 -3.04 -27.84 39.01
C TYR B 35 -3.13 -27.95 40.52
N TRP B 36 -2.52 -29.02 41.05
CA TRP B 36 -2.17 -29.12 42.45
C TRP B 36 -0.65 -29.15 42.56
N VAL B 37 -0.10 -28.25 43.37
CA VAL B 37 1.30 -28.31 43.81
C VAL B 37 1.40 -28.53 45.33
N ARG B 38 2.62 -28.87 45.78
CA ARG B 38 2.88 -29.07 47.20
C ARG B 38 4.31 -28.68 47.58
N GLN B 39 4.53 -28.40 48.87
CA GLN B 39 5.87 -28.09 49.37
C GLN B 39 6.04 -28.80 50.69
N ALA B 40 7.04 -29.69 50.79
CA ALA B 40 7.29 -30.38 52.04
C ALA B 40 8.03 -29.44 52.99
N PRO B 41 7.96 -29.72 54.31
CA PRO B 41 8.77 -28.98 55.29
C PRO B 41 10.23 -28.91 54.85
N GLY B 42 10.66 -27.70 54.53
CA GLY B 42 12.06 -27.44 54.25
C GLY B 42 12.48 -27.66 52.80
N LYS B 43 11.54 -28.10 51.95
CA LYS B 43 11.88 -28.50 50.60
C LYS B 43 11.31 -27.50 49.62
N GLY B 44 11.65 -27.69 48.34
CA GLY B 44 11.09 -26.91 47.26
C GLY B 44 9.67 -27.35 46.85
N LEU B 45 9.03 -26.48 46.07
CA LEU B 45 7.73 -26.78 45.47
C LEU B 45 7.84 -27.96 44.49
N GLU B 46 6.89 -28.91 44.62
CA GLU B 46 6.70 -30.04 43.75
C GLU B 46 5.41 -29.84 42.97
N TRP B 47 5.41 -30.24 41.69
CA TRP B 47 4.19 -30.43 40.93
C TRP B 47 3.61 -31.78 41.34
N VAL B 48 2.31 -31.81 41.62
CA VAL B 48 1.62 -33.02 42.07
C VAL B 48 0.74 -33.56 40.95
N SER B 49 -0.09 -32.69 40.34
CA SER B 49 -0.98 -33.14 39.28
C SER B 49 -1.64 -32.00 38.53
N ALA B 50 -2.29 -32.36 37.41
CA ALA B 50 -2.83 -31.39 36.46
C ALA B 50 -4.10 -31.94 35.82
N ILE B 51 -4.98 -31.03 35.40
CA ILE B 51 -6.24 -31.41 34.78
C ILE B 51 -6.60 -30.39 33.70
N ASN B 52 -7.18 -30.86 32.60
CA ASN B 52 -7.47 -29.97 31.50
C ASN B 52 -8.77 -29.20 31.74
N SER B 53 -9.10 -28.31 30.78
CA SER B 53 -10.14 -27.32 30.97
C SER B 53 -11.46 -28.01 31.26
N SER B 54 -11.72 -29.09 30.53
CA SER B 54 -12.99 -29.80 30.58
C SER B 54 -13.06 -30.87 31.66
N GLY B 55 -11.93 -31.54 31.83
CA GLY B 55 -11.90 -32.69 32.74
C GLY B 55 -11.55 -33.86 31.84
N GLY B 56 -11.18 -35.00 32.41
CA GLY B 56 -10.96 -36.18 31.55
C GLY B 56 -9.59 -36.15 30.92
N TYR B 57 -8.77 -35.17 31.25
CA TYR B 57 -7.36 -35.22 30.81
C TYR B 57 -6.57 -34.88 32.05
N THR B 58 -6.14 -35.91 32.75
CA THR B 58 -5.41 -35.74 33.99
C THR B 58 -3.98 -36.25 33.81
N ARG B 59 -3.06 -35.63 34.55
CA ARG B 59 -1.68 -36.06 34.65
C ARG B 59 -1.27 -36.08 36.12
N TYR B 60 -0.26 -36.88 36.45
CA TYR B 60 0.20 -37.05 37.82
C TYR B 60 1.71 -37.16 37.86
N ALA B 61 2.30 -36.51 38.86
CA ALA B 61 3.66 -36.78 39.29
C ALA B 61 3.88 -38.25 39.61
N ASP B 62 5.05 -38.76 39.23
CA ASP B 62 5.30 -40.19 39.30
C ASP B 62 4.95 -40.70 40.69
N SER B 63 5.43 -39.98 41.73
CA SER B 63 5.25 -40.35 43.13
C SER B 63 3.81 -40.58 43.56
N VAL B 64 2.90 -39.73 43.11
CA VAL B 64 1.50 -39.86 43.46
C VAL B 64 0.65 -40.67 42.49
N LYS B 65 1.24 -41.19 41.41
CA LYS B 65 0.46 -41.92 40.44
C LYS B 65 -0.05 -43.23 41.04
N GLY B 66 -1.37 -43.39 41.01
CA GLY B 66 -2.02 -44.60 41.49
C GLY B 66 -2.59 -44.39 42.88
N ARG B 67 -2.29 -43.22 43.47
CA ARG B 67 -2.57 -42.91 44.86
C ARG B 67 -3.54 -41.74 44.92
N PHE B 68 -3.29 -40.70 44.12
CA PHE B 68 -4.13 -39.52 44.13
C PHE B 68 -4.95 -39.28 42.87
N THR B 69 -6.19 -38.81 43.03
CA THR B 69 -7.05 -38.57 41.89
C THR B 69 -7.58 -37.14 41.83
N ILE B 70 -7.08 -36.38 40.86
CA ILE B 70 -7.50 -35.00 40.62
C ILE B 70 -8.78 -35.03 39.80
N SER B 71 -9.66 -34.05 40.06
CA SER B 71 -10.87 -33.91 39.29
C SER B 71 -11.44 -32.53 39.51
N ARG B 72 -12.35 -32.11 38.64
CA ARG B 72 -12.96 -30.80 38.77
C ARG B 72 -14.46 -30.93 38.56
N ASP B 73 -15.20 -30.03 39.21
CA ASP B 73 -16.62 -29.87 38.96
C ASP B 73 -16.84 -28.44 38.47
N ASN B 74 -17.03 -28.30 37.15
CA ASN B 74 -17.05 -26.99 36.54
C ASN B 74 -18.30 -26.23 36.93
N ALA B 75 -19.35 -27.01 37.27
CA ALA B 75 -20.61 -26.48 37.73
C ALA B 75 -20.41 -25.67 39.00
N LYS B 76 -19.51 -26.16 39.87
CA LYS B 76 -19.28 -25.59 41.18
C LYS B 76 -17.97 -24.81 41.33
N ASN B 77 -17.19 -24.67 40.26
CA ASN B 77 -15.85 -24.11 40.34
C ASN B 77 -15.07 -24.67 41.53
N THR B 78 -15.06 -25.99 41.63
CA THR B 78 -14.32 -26.67 42.67
C THR B 78 -13.33 -27.62 42.01
N LEU B 79 -12.09 -27.61 42.52
CA LEU B 79 -11.08 -28.56 42.12
C LEU B 79 -10.91 -29.52 43.30
N TYR B 80 -10.89 -30.82 43.02
CA TYR B 80 -10.74 -31.79 44.10
C TYR B 80 -9.39 -32.46 43.90
N LEU B 81 -8.88 -33.06 44.99
CA LEU B 81 -7.74 -33.95 44.97
C LEU B 81 -7.99 -35.06 45.99
N GLN B 82 -8.24 -36.26 45.51
CA GLN B 82 -8.59 -37.39 46.36
C GLN B 82 -7.29 -38.11 46.72
N MET B 83 -6.93 -38.04 47.99
CA MET B 83 -5.66 -38.60 48.43
C MET B 83 -5.96 -39.95 49.05
N ASN B 84 -5.53 -41.02 48.39
CA ASN B 84 -5.61 -42.33 48.97
C ASN B 84 -4.18 -42.82 49.13
N SER B 85 -4.06 -43.99 49.75
CA SER B 85 -2.77 -44.62 50.01
C SER B 85 -1.75 -43.54 50.37
N LEU B 86 -2.03 -42.82 51.48
CA LEU B 86 -1.19 -41.71 51.91
C LEU B 86 0.05 -42.27 52.58
N ARG B 87 1.13 -41.48 52.51
CA ARG B 87 2.41 -41.83 53.08
C ARG B 87 2.88 -40.68 53.97
N ALA B 88 3.80 -41.01 54.89
CA ALA B 88 4.55 -40.03 55.65
C ALA B 88 5.12 -38.90 54.80
N GLU B 89 5.76 -39.25 53.69
CA GLU B 89 6.38 -38.27 52.80
C GLU B 89 5.37 -37.39 52.07
N ASP B 90 4.08 -37.73 52.13
CA ASP B 90 3.09 -36.87 51.52
C ASP B 90 2.76 -35.68 52.42
N THR B 91 3.44 -35.56 53.58
CA THR B 91 3.20 -34.46 54.48
C THR B 91 3.74 -33.22 53.81
N ALA B 92 2.87 -32.23 53.60
CA ALA B 92 3.27 -31.00 52.95
C ALA B 92 2.13 -30.00 52.96
N VAL B 93 2.42 -28.80 52.44
CA VAL B 93 1.38 -27.82 52.20
C VAL B 93 0.99 -27.99 50.73
N TYR B 94 -0.31 -28.27 50.50
CA TYR B 94 -0.85 -28.44 49.14
C TYR B 94 -1.59 -27.19 48.67
N TYR B 95 -1.01 -26.50 47.68
CA TYR B 95 -1.67 -25.38 47.05
C TYR B 95 -2.30 -25.91 45.77
N CYS B 96 -3.41 -25.30 45.34
CA CYS B 96 -3.90 -25.45 43.99
C CYS B 96 -3.50 -24.20 43.22
N ALA B 97 -3.17 -24.36 41.93
CA ALA B 97 -2.72 -23.26 41.09
C ALA B 97 -3.38 -23.24 39.71
N THR B 98 -3.25 -22.10 39.03
CA THR B 98 -3.73 -21.91 37.67
C THR B 98 -2.78 -20.97 36.93
N ASP B 99 -2.99 -20.87 35.62
CA ASP B 99 -2.23 -19.94 34.77
C ASP B 99 -3.21 -18.91 34.18
N SER B 100 -4.24 -18.52 34.92
CA SER B 100 -5.09 -17.44 34.37
C SER B 100 -4.09 -16.31 34.28
N GLY B 101 -4.14 -15.53 33.23
CA GLY B 101 -2.99 -14.67 32.96
C GLY B 101 -2.92 -13.21 33.27
N ASP B 102 -2.12 -12.53 32.47
CA ASP B 102 -1.77 -11.11 32.62
C ASP B 102 -0.98 -10.82 33.90
N GLY B 103 -0.21 -11.81 34.35
CA GLY B 103 0.45 -11.77 35.64
C GLY B 103 1.83 -12.43 35.59
N LYS B 104 2.63 -12.32 36.66
CA LYS B 104 3.94 -12.93 36.67
C LYS B 104 3.84 -14.45 36.73
N ARG B 105 4.79 -15.14 36.10
CA ARG B 105 4.77 -16.60 36.02
C ARG B 105 5.79 -17.26 36.91
N TYR B 106 5.44 -18.45 37.40
CA TYR B 106 6.22 -19.20 38.35
C TYR B 106 6.32 -20.67 37.91
N TRP B 107 7.44 -21.34 38.22
CA TRP B 107 7.67 -22.69 37.78
C TRP B 107 7.35 -23.70 38.88
N SER B 108 6.49 -24.67 38.60
CA SER B 108 6.16 -25.70 39.55
C SER B 108 6.96 -26.98 39.33
N GLY B 109 7.80 -26.99 38.29
CA GLY B 109 8.56 -28.20 37.96
C GLY B 109 7.95 -29.09 36.88
N GLU B 110 6.70 -28.84 36.52
CA GLU B 110 6.14 -29.37 35.29
C GLU B 110 5.41 -28.28 34.53
N TYR B 111 4.66 -27.43 35.24
CA TYR B 111 3.89 -26.37 34.60
C TYR B 111 4.20 -25.01 35.22
N PHE B 112 4.35 -23.97 34.38
CA PHE B 112 4.26 -22.60 34.86
C PHE B 112 2.85 -22.37 35.36
N TYR B 113 2.69 -21.47 36.34
CA TYR B 113 1.38 -21.05 36.82
C TYR B 113 1.47 -19.57 37.11
N ARG B 114 0.33 -18.96 37.45
CA ARG B 114 0.28 -17.54 37.72
C ARG B 114 -0.26 -17.21 39.11
N SER B 115 -1.27 -17.97 39.57
CA SER B 115 -1.89 -17.75 40.86
C SER B 115 -2.06 -19.10 41.55
N ARG B 116 -1.84 -19.11 42.87
CA ARG B 116 -2.07 -20.29 43.68
C ARG B 116 -2.73 -19.78 44.94
N GLY B 117 -3.31 -20.69 45.71
CA GLY B 117 -3.98 -20.31 46.93
C GLY B 117 -3.03 -20.18 48.14
N GLN B 118 -3.66 -20.11 49.31
CA GLN B 118 -2.97 -20.00 50.59
C GLN B 118 -2.31 -21.32 50.95
N GLY B 119 -2.93 -22.43 50.54
CA GLY B 119 -2.46 -23.75 50.89
C GLY B 119 -3.32 -24.40 51.96
N THR B 120 -3.22 -25.73 52.02
CA THR B 120 -3.82 -26.51 53.09
C THR B 120 -2.74 -27.47 53.61
N LEU B 121 -2.63 -27.56 54.95
CA LEU B 121 -1.62 -28.41 55.56
C LEU B 121 -2.13 -29.83 55.64
N VAL B 122 -1.32 -30.76 55.13
CA VAL B 122 -1.58 -32.18 55.28
C VAL B 122 -0.45 -32.79 56.08
N THR B 123 -0.80 -33.50 57.15
CA THR B 123 0.17 -34.13 58.03
C THR B 123 -0.21 -35.61 58.01
N VAL B 124 0.81 -36.47 57.91
CA VAL B 124 0.63 -37.90 57.76
C VAL B 124 1.72 -38.54 58.63
N SER B 125 1.32 -39.16 59.74
CA SER B 125 2.31 -39.63 60.69
C SER B 125 1.70 -40.54 61.74
N SER B 126 2.59 -41.06 62.58
CA SER B 126 2.27 -42.10 63.56
C SER B 126 2.10 -43.38 62.73
N HIS C 9 -25.03 49.58 -9.75
CA HIS C 9 -25.94 50.18 -8.76
C HIS C 9 -25.83 51.69 -8.73
N LYS C 10 -26.81 52.30 -8.06
CA LYS C 10 -26.86 53.74 -7.89
C LYS C 10 -25.53 54.28 -7.34
N SER C 11 -25.09 53.76 -6.19
CA SER C 11 -23.92 54.27 -5.49
C SER C 11 -22.96 53.11 -5.21
N GLU C 12 -21.78 53.13 -5.86
CA GLU C 12 -20.84 52.03 -5.78
C GLU C 12 -20.35 51.82 -4.36
N VAL C 13 -20.01 52.92 -3.69
CA VAL C 13 -19.47 52.85 -2.35
C VAL C 13 -20.52 52.36 -1.35
N ALA C 14 -21.80 52.65 -1.65
CA ALA C 14 -22.92 52.16 -0.86
C ALA C 14 -23.05 50.65 -1.02
N HIS C 15 -22.90 50.17 -2.26
CA HIS C 15 -22.98 48.75 -2.56
C HIS C 15 -21.86 47.95 -1.90
N ARG C 16 -20.64 48.50 -1.88
CA ARG C 16 -19.50 47.83 -1.28
C ARG C 16 -19.59 47.81 0.24
N PHE C 17 -20.06 48.93 0.82
CA PHE C 17 -20.25 49.03 2.26
C PHE C 17 -21.28 47.99 2.70
N LYS C 18 -22.44 48.00 2.04
CA LYS C 18 -23.52 47.09 2.37
C LYS C 18 -23.14 45.63 2.17
N ASP C 19 -22.27 45.33 1.19
CA ASP C 19 -21.92 43.94 0.92
C ASP C 19 -20.83 43.45 1.88
N LEU C 20 -19.83 44.29 2.13
CA LEU C 20 -18.70 43.93 2.96
C LEU C 20 -18.97 44.01 4.45
N GLY C 21 -19.91 44.89 4.83
CA GLY C 21 -20.11 45.23 6.22
C GLY C 21 -19.03 46.21 6.66
N GLU C 22 -19.39 47.06 7.64
CA GLU C 22 -18.53 48.13 8.10
C GLU C 22 -17.10 47.69 8.45
N GLU C 23 -16.95 46.59 9.19
CA GLU C 23 -15.63 46.17 9.63
C GLU C 23 -14.71 45.83 8.46
N ASN C 24 -15.17 44.94 7.57
CA ASN C 24 -14.38 44.52 6.41
C ASN C 24 -14.08 45.69 5.45
N PHE C 25 -15.06 46.59 5.30
CA PHE C 25 -14.84 47.80 4.55
C PHE C 25 -13.64 48.54 5.12
N LYS C 26 -13.73 48.89 6.40
CA LYS C 26 -12.70 49.66 7.09
C LYS C 26 -11.32 49.06 7.00
N ALA C 27 -11.24 47.74 7.14
CA ALA C 27 -9.99 47.01 7.01
C ALA C 27 -9.40 47.15 5.62
N LEU C 28 -10.24 46.97 4.59
CA LEU C 28 -9.78 47.03 3.22
C LEU C 28 -9.32 48.43 2.86
N VAL C 29 -10.11 49.43 3.26
CA VAL C 29 -9.76 50.81 2.99
C VAL C 29 -8.38 51.13 3.57
N LEU C 30 -8.17 50.73 4.84
CA LEU C 30 -6.91 50.93 5.51
C LEU C 30 -5.77 50.31 4.71
N ILE C 31 -5.96 49.05 4.32
CA ILE C 31 -4.90 48.32 3.61
C ILE C 31 -4.56 49.07 2.34
N ALA C 32 -5.61 49.42 1.56
CA ALA C 32 -5.48 50.13 0.30
C ALA C 32 -4.64 51.39 0.39
N PHE C 33 -4.98 52.25 1.37
CA PHE C 33 -4.24 53.48 1.63
C PHE C 33 -2.82 53.18 2.12
N ALA C 34 -2.72 52.23 3.05
CA ALA C 34 -1.42 51.86 3.58
C ALA C 34 -0.45 51.50 2.45
N GLN C 35 -0.98 50.84 1.42
CA GLN C 35 -0.14 50.36 0.33
C GLN C 35 0.31 51.47 -0.61
N TYR C 36 -0.55 52.46 -0.90
CA TYR C 36 -0.14 53.59 -1.72
C TYR C 36 0.68 54.59 -0.91
N LEU C 37 0.09 55.13 0.15
CA LEU C 37 0.75 56.10 1.00
C LEU C 37 1.54 55.44 2.13
N GLN C 38 2.67 54.82 1.73
CA GLN C 38 3.45 53.94 2.58
C GLN C 38 4.19 54.68 3.69
N GLN C 39 4.57 55.94 3.41
CA GLN C 39 5.27 56.76 4.38
C GLN C 39 4.37 57.79 5.02
N CYS C 40 3.18 57.38 5.45
CA CYS C 40 2.34 58.20 6.29
C CYS C 40 2.12 57.48 7.61
N PRO C 41 2.07 58.21 8.73
CA PRO C 41 1.91 57.58 10.04
C PRO C 41 0.56 56.89 10.23
N PHE C 42 0.50 55.98 11.20
CA PHE C 42 -0.70 55.23 11.48
C PHE C 42 -1.90 56.13 11.73
N GLU C 43 -1.69 57.21 12.50
CA GLU C 43 -2.76 58.07 12.94
C GLU C 43 -3.42 58.81 11.77
N ASP C 44 -2.65 59.05 10.71
CA ASP C 44 -3.18 59.64 9.48
C ASP C 44 -4.09 58.68 8.72
N HIS C 45 -3.60 57.46 8.52
CA HIS C 45 -4.38 56.44 7.84
C HIS C 45 -5.71 56.20 8.52
N VAL C 46 -5.71 56.15 9.87
CA VAL C 46 -6.94 55.87 10.60
C VAL C 46 -7.95 56.95 10.24
N LYS C 47 -7.49 58.20 10.16
CA LYS C 47 -8.37 59.32 9.94
C LYS C 47 -8.91 59.30 8.52
N LEU C 48 -8.06 58.97 7.53
CA LEU C 48 -8.50 58.78 6.15
C LEU C 48 -9.63 57.74 6.07
N VAL C 49 -9.40 56.59 6.70
CA VAL C 49 -10.38 55.51 6.72
C VAL C 49 -11.69 55.98 7.33
N ASN C 50 -11.62 56.68 8.46
CA ASN C 50 -12.84 57.10 9.15
C ASN C 50 -13.63 58.12 8.33
N GLU C 51 -12.92 58.97 7.59
CA GLU C 51 -13.54 59.88 6.64
C GLU C 51 -14.31 59.10 5.60
N VAL C 52 -13.63 58.15 4.95
CA VAL C 52 -14.23 57.34 3.90
C VAL C 52 -15.43 56.57 4.44
N THR C 53 -15.22 55.79 5.50
CA THR C 53 -16.30 55.07 6.15
C THR C 53 -17.53 55.92 6.48
N GLU C 54 -17.32 57.10 7.07
CA GLU C 54 -18.44 57.96 7.42
C GLU C 54 -19.18 58.51 6.20
N PHE C 55 -18.43 58.79 5.13
CA PHE C 55 -19.00 59.11 3.83
C PHE C 55 -19.82 57.96 3.25
N ALA C 56 -19.22 56.77 3.23
CA ALA C 56 -19.90 55.57 2.79
C ALA C 56 -21.28 55.52 3.42
N LYS C 57 -21.32 55.67 4.74
CA LYS C 57 -22.56 55.61 5.49
C LYS C 57 -23.61 56.60 4.99
N THR C 58 -23.17 57.80 4.59
CA THR C 58 -24.10 58.81 4.09
C THR C 58 -24.74 58.33 2.80
N CYS C 59 -23.90 57.75 1.95
CA CYS C 59 -24.39 57.23 0.65
C CYS C 59 -25.37 56.10 0.96
N VAL C 60 -25.06 55.25 1.92
CA VAL C 60 -26.06 54.15 2.13
C VAL C 60 -27.38 54.79 2.57
N ALA C 61 -27.35 55.79 3.46
CA ALA C 61 -28.65 56.43 3.79
C ALA C 61 -29.24 57.12 2.56
N ASP C 62 -28.44 57.85 1.78
CA ASP C 62 -28.98 58.39 0.52
C ASP C 62 -28.10 58.04 -0.68
N GLU C 63 -28.65 57.45 -1.73
CA GLU C 63 -27.95 57.25 -3.02
C GLU C 63 -27.69 58.66 -3.57
N SER C 64 -28.64 59.56 -3.37
CA SER C 64 -28.66 60.95 -3.88
C SER C 64 -27.50 61.82 -3.38
N ALA C 65 -27.05 61.67 -2.14
CA ALA C 65 -26.12 62.65 -1.54
C ALA C 65 -24.83 62.74 -2.34
N GLU C 66 -24.27 63.94 -2.43
CA GLU C 66 -23.19 64.23 -3.40
C GLU C 66 -21.91 63.44 -3.22
N ASN C 67 -21.32 63.03 -4.36
CA ASN C 67 -20.05 62.27 -4.39
C ASN C 67 -20.36 60.78 -4.15
N CYS C 68 -21.64 60.42 -4.07
CA CYS C 68 -22.01 59.01 -3.78
C CYS C 68 -22.14 58.27 -5.10
N ASP C 69 -22.48 58.99 -6.17
CA ASP C 69 -22.59 58.41 -7.49
C ASP C 69 -21.26 58.28 -8.22
N LYS C 70 -20.18 58.86 -7.68
CA LYS C 70 -18.86 58.68 -8.27
C LYS C 70 -18.45 57.21 -8.27
N SER C 71 -17.52 56.85 -9.16
CA SER C 71 -16.84 55.57 -9.12
C SER C 71 -15.83 55.47 -7.97
N LEU C 72 -15.41 54.24 -7.67
CA LEU C 72 -14.46 54.02 -6.59
C LEU C 72 -13.06 54.53 -6.94
N HIS C 73 -12.71 54.56 -8.24
CA HIS C 73 -11.45 55.15 -8.65
C HIS C 73 -11.42 56.65 -8.41
N THR C 74 -12.53 57.32 -8.76
CA THR C 74 -12.58 58.76 -8.58
C THR C 74 -12.48 59.06 -7.11
N LEU C 75 -13.33 58.41 -6.31
CA LEU C 75 -13.41 58.69 -4.89
C LEU C 75 -12.04 58.40 -4.29
N PHE C 76 -11.39 57.31 -4.73
CA PHE C 76 -10.12 56.93 -4.11
C PHE C 76 -9.06 57.98 -4.39
N GLY C 77 -8.84 58.28 -5.66
CA GLY C 77 -7.82 59.26 -6.03
C GLY C 77 -8.05 60.64 -5.44
N ASP C 78 -9.30 61.08 -5.44
CA ASP C 78 -9.66 62.35 -4.83
C ASP C 78 -9.19 62.39 -3.38
N LYS C 79 -9.42 61.29 -2.66
CA LYS C 79 -9.04 61.19 -1.27
C LYS C 79 -7.53 61.28 -1.11
N LEU C 80 -6.75 60.56 -1.92
CA LEU C 80 -5.30 60.64 -1.85
C LEU C 80 -4.79 62.06 -2.03
N CYS C 81 -5.48 62.84 -2.87
CA CYS C 81 -4.96 64.12 -3.29
C CYS C 81 -5.24 65.22 -2.26
N THR C 82 -6.08 64.89 -1.27
CA THR C 82 -6.34 65.78 -0.16
C THR C 82 -5.14 65.84 0.78
N VAL C 83 -4.29 64.82 0.77
CA VAL C 83 -3.16 64.73 1.70
C VAL C 83 -2.18 65.91 1.67
N ALA C 84 -2.01 66.55 2.84
CA ALA C 84 -1.22 67.77 3.00
C ALA C 84 0.26 67.58 2.66
N THR C 85 0.85 66.49 3.17
CA THR C 85 2.26 66.19 2.95
C THR C 85 2.47 65.29 1.74
N LEU C 86 1.82 65.65 0.63
CA LEU C 86 1.85 64.74 -0.52
C LEU C 86 3.07 64.99 -1.38
N ARG C 87 3.47 66.26 -1.50
CA ARG C 87 4.66 66.63 -2.25
C ARG C 87 5.88 66.56 -1.34
N GLU C 88 5.76 67.11 -0.13
CA GLU C 88 6.81 67.04 0.87
C GLU C 88 7.31 65.59 0.97
N THR C 89 6.39 64.67 1.26
CA THR C 89 6.77 63.30 1.57
C THR C 89 7.07 62.46 0.32
N TYR C 90 6.17 62.46 -0.66
CA TYR C 90 6.27 61.53 -1.78
C TYR C 90 6.76 62.16 -3.08
N GLY C 91 7.10 63.46 -3.04
CA GLY C 91 7.65 64.14 -4.22
C GLY C 91 6.75 64.10 -5.44
N GLU C 92 7.15 63.39 -6.48
CA GLU C 92 6.41 63.39 -7.78
C GLU C 92 4.97 62.89 -7.66
N MET C 93 4.71 61.94 -6.77
CA MET C 93 3.37 61.37 -6.70
C MET C 93 2.33 62.49 -6.74
N ALA C 94 2.69 63.66 -6.20
CA ALA C 94 1.83 64.84 -6.20
C ALA C 94 1.46 65.36 -7.59
N ASP C 95 2.36 65.18 -8.56
CA ASP C 95 2.09 65.54 -9.95
C ASP C 95 0.95 64.74 -10.56
N CYS C 96 0.73 63.52 -10.09
CA CYS C 96 -0.43 62.72 -10.49
C CYS C 96 -1.77 63.42 -10.25
N CYS C 97 -1.81 64.24 -9.21
CA CYS C 97 -3.03 64.90 -8.80
C CYS C 97 -3.50 65.94 -9.78
N ALA C 98 -2.59 66.40 -10.65
CA ALA C 98 -2.95 67.32 -11.72
C ALA C 98 -3.71 66.64 -12.86
N LYS C 99 -3.63 65.31 -12.95
CA LYS C 99 -4.23 64.56 -14.06
C LYS C 99 -5.65 64.10 -13.78
N GLN C 100 -6.45 64.02 -14.85
CA GLN C 100 -7.80 63.49 -14.82
C GLN C 100 -7.74 61.97 -14.88
N GLU C 101 -8.85 61.31 -14.53
CA GLU C 101 -8.95 59.86 -14.68
C GLU C 101 -9.21 59.47 -16.14
N PRO C 102 -8.80 58.27 -16.60
CA PRO C 102 -8.12 57.28 -15.78
C PRO C 102 -6.58 57.35 -15.77
N GLU C 103 -6.02 58.44 -16.33
CA GLU C 103 -4.58 58.59 -16.40
C GLU C 103 -4.04 58.76 -14.98
N ARG C 104 -4.83 59.43 -14.13
CA ARG C 104 -4.47 59.72 -12.76
C ARG C 104 -4.19 58.42 -12.01
N ASN C 105 -5.11 57.46 -12.12
CA ASN C 105 -4.95 56.21 -11.39
C ASN C 105 -3.65 55.56 -11.84
N GLU C 106 -3.49 55.41 -13.16
CA GLU C 106 -2.26 54.94 -13.78
C GLU C 106 -1.04 55.61 -13.13
N CYS C 107 -1.04 56.94 -13.16
CA CYS C 107 0.08 57.69 -12.64
C CYS C 107 0.40 57.28 -11.21
N PHE C 108 -0.64 56.97 -10.42
CA PHE C 108 -0.48 56.61 -9.02
C PHE C 108 0.14 55.21 -8.89
N LEU C 109 -0.23 54.31 -9.81
CA LEU C 109 0.26 52.95 -9.79
C LEU C 109 1.77 52.93 -9.94
N GLN C 110 2.27 53.76 -10.87
CA GLN C 110 3.71 53.91 -11.09
C GLN C 110 4.49 54.06 -9.79
N HIS C 111 3.96 54.87 -8.86
CA HIS C 111 4.71 55.32 -7.72
C HIS C 111 4.56 54.42 -6.49
N LYS C 112 4.01 53.21 -6.67
CA LYS C 112 3.98 52.21 -5.61
C LYS C 112 5.34 51.52 -5.47
N ASP C 113 6.04 51.87 -4.38
CA ASP C 113 7.40 51.41 -4.15
C ASP C 113 7.41 50.11 -3.34
N ASP C 114 7.79 49.01 -4.01
CA ASP C 114 7.82 47.69 -3.38
C ASP C 114 8.66 47.58 -2.10
N ASN C 115 9.81 48.25 -2.20
CA ASN C 115 10.76 48.25 -1.06
C ASN C 115 10.57 49.58 -0.35
N PRO C 116 9.80 49.68 0.74
CA PRO C 116 9.56 51.01 1.31
C PRO C 116 10.81 51.54 1.99
N ASN C 117 11.83 50.71 2.17
CA ASN C 117 13.09 51.08 2.89
C ASN C 117 12.80 50.95 4.38
N LEU C 118 11.62 50.45 4.73
CA LEU C 118 11.23 50.22 6.14
C LEU C 118 12.05 49.09 6.76
N PRO C 119 12.36 49.16 8.07
CA PRO C 119 13.07 48.07 8.74
C PRO C 119 12.30 46.76 8.75
N ARG C 120 13.01 45.64 8.57
CA ARG C 120 12.37 44.32 8.64
C ARG C 120 11.78 44.22 10.04
N LEU C 121 10.50 43.81 10.12
CA LEU C 121 9.71 44.02 11.33
C LEU C 121 9.99 42.90 12.35
N VAL C 122 10.49 43.27 13.54
CA VAL C 122 10.90 42.29 14.54
C VAL C 122 9.72 41.99 15.44
N ARG C 123 9.36 40.71 15.55
CA ARG C 123 8.25 40.26 16.40
C ARG C 123 8.61 40.48 17.87
N PRO C 124 7.88 41.34 18.63
CA PRO C 124 8.11 41.47 20.06
C PRO C 124 7.73 40.24 20.88
N GLU C 125 7.91 40.33 22.21
CA GLU C 125 7.74 39.18 23.09
C GLU C 125 6.26 39.01 23.45
N VAL C 126 5.85 37.74 23.64
CA VAL C 126 4.46 37.38 23.79
C VAL C 126 3.77 38.18 24.89
N ASP C 127 4.52 38.47 25.97
CA ASP C 127 4.00 39.30 27.05
C ASP C 127 3.50 40.63 26.47
N VAL C 128 4.42 41.32 25.78
CA VAL C 128 4.18 42.70 25.36
C VAL C 128 3.07 42.73 24.31
N MET C 129 3.03 41.69 23.49
CA MET C 129 1.97 41.51 22.52
C MET C 129 0.60 41.41 23.17
N CYS C 130 0.50 40.54 24.19
CA CYS C 130 -0.77 40.19 24.79
C CYS C 130 -1.31 41.36 25.60
N THR C 131 -0.39 42.20 26.07
CA THR C 131 -0.76 43.44 26.75
C THR C 131 -1.33 44.41 25.73
N ALA C 132 -0.54 44.70 24.68
CA ALA C 132 -0.98 45.55 23.59
C ALA C 132 -2.37 45.12 23.13
N PHE C 133 -2.51 43.80 22.95
CA PHE C 133 -3.75 43.20 22.52
C PHE C 133 -4.91 43.53 23.46
N HIS C 134 -4.68 43.31 24.76
CA HIS C 134 -5.77 43.30 25.71
C HIS C 134 -6.36 44.69 25.97
N ASP C 135 -5.61 45.76 25.68
CA ASP C 135 -6.23 47.06 25.50
C ASP C 135 -6.17 47.48 24.03
N ASN C 136 -7.19 48.20 23.59
CA ASN C 136 -7.18 48.68 22.18
C ASN C 136 -6.99 47.50 21.23
N GLU C 137 -7.69 46.38 21.46
CA GLU C 137 -7.65 45.24 20.54
C GLU C 137 -7.67 45.68 19.07
N GLU C 138 -8.60 46.57 18.78
CA GLU C 138 -8.68 47.28 17.52
C GLU C 138 -7.34 47.89 17.13
N THR C 139 -6.80 48.77 17.96
CA THR C 139 -5.52 49.40 17.65
C THR C 139 -4.43 48.41 17.30
N PHE C 140 -4.34 47.35 18.10
CA PHE C 140 -3.26 46.38 17.99
C PHE C 140 -3.27 45.68 16.63
N LEU C 141 -4.46 45.22 16.23
CA LEU C 141 -4.64 44.57 14.94
C LEU C 141 -4.40 45.53 13.78
N LYS C 142 -5.26 46.56 13.66
CA LYS C 142 -5.09 47.59 12.66
C LYS C 142 -3.63 48.01 12.48
N LYS C 143 -2.92 48.22 13.59
CA LYS C 143 -1.52 48.62 13.55
C LYS C 143 -0.73 47.60 12.75
N TYR C 144 -0.92 46.31 13.07
CA TYR C 144 -0.17 45.25 12.40
C TYR C 144 -0.56 45.21 10.94
N LEU C 145 -1.88 45.15 10.70
CA LEU C 145 -2.44 45.21 9.37
C LEU C 145 -1.80 46.31 8.52
N TYR C 146 -1.69 47.51 9.11
CA TYR C 146 -1.05 48.65 8.49
C TYR C 146 0.40 48.36 8.18
N GLU C 147 1.14 47.86 9.17
CA GLU C 147 2.58 47.69 9.04
C GLU C 147 2.95 46.64 7.99
N ILE C 148 2.15 45.59 7.90
CA ILE C 148 2.39 44.55 6.92
C ILE C 148 2.12 45.12 5.53
N ALA C 149 0.96 45.78 5.41
CA ALA C 149 0.47 46.25 4.11
C ALA C 149 1.45 47.20 3.44
N ARG C 150 1.89 48.19 4.21
CA ARG C 150 2.81 49.20 3.71
C ARG C 150 4.19 48.64 3.35
N ARG C 151 4.48 47.39 3.74
CA ARG C 151 5.71 46.73 3.32
C ARG C 151 5.46 45.79 2.13
N HIS C 152 4.22 45.33 1.96
CA HIS C 152 3.86 44.51 0.81
C HIS C 152 2.78 45.18 -0.04
N PRO C 153 3.10 46.28 -0.76
CA PRO C 153 2.07 47.09 -1.42
C PRO C 153 1.38 46.38 -2.57
N TYR C 154 1.93 45.24 -3.00
CA TYR C 154 1.29 44.39 -4.00
C TYR C 154 0.91 43.08 -3.31
N PHE C 155 -0.12 43.13 -2.47
CA PHE C 155 -0.63 41.92 -1.85
C PHE C 155 -2.15 42.10 -1.78
N TYR C 156 -2.86 41.15 -2.41
CA TYR C 156 -4.29 41.28 -2.58
C TYR C 156 -4.84 41.53 -1.17
N ALA C 157 -5.36 42.75 -0.97
CA ALA C 157 -5.80 43.19 0.34
C ALA C 157 -6.75 42.19 0.99
N PRO C 158 -7.75 41.62 0.28
CA PRO C 158 -8.66 40.65 0.90
C PRO C 158 -7.91 39.48 1.53
N GLU C 159 -6.77 39.08 0.94
CA GLU C 159 -5.97 37.98 1.45
C GLU C 159 -5.29 38.35 2.76
N LEU C 160 -4.68 39.54 2.77
CA LEU C 160 -4.10 40.13 3.97
C LEU C 160 -5.10 40.12 5.11
N LEU C 161 -6.27 40.70 4.87
CA LEU C 161 -7.36 40.71 5.83
C LEU C 161 -7.73 39.33 6.35
N PHE C 162 -7.59 38.27 5.54
CA PHE C 162 -7.93 36.94 6.00
C PHE C 162 -6.91 36.42 7.01
N PHE C 163 -5.63 36.64 6.73
CA PHE C 163 -4.59 36.36 7.69
C PHE C 163 -4.88 37.15 8.96
N ALA C 164 -5.08 38.46 8.81
CA ALA C 164 -5.36 39.32 9.95
C ALA C 164 -6.39 38.69 10.87
N LYS C 165 -7.43 38.07 10.31
CA LYS C 165 -8.50 37.48 11.09
C LYS C 165 -8.06 36.24 11.85
N ARG C 166 -7.04 35.54 11.33
CA ARG C 166 -6.48 34.39 12.00
C ARG C 166 -5.46 34.78 13.07
N TYR C 167 -4.73 35.88 12.82
CA TYR C 167 -3.94 36.51 13.86
C TYR C 167 -4.84 36.81 15.05
N LYS C 168 -5.92 37.56 14.81
CA LYS C 168 -6.87 37.85 15.87
C LYS C 168 -7.39 36.59 16.56
N ALA C 169 -7.81 35.60 15.78
CA ALA C 169 -8.43 34.44 16.43
C ALA C 169 -7.40 33.79 17.35
N ALA C 170 -6.24 33.46 16.81
CA ALA C 170 -5.26 32.74 17.65
C ALA C 170 -4.85 33.60 18.84
N PHE C 171 -4.63 34.89 18.61
CA PHE C 171 -4.14 35.67 19.77
C PHE C 171 -5.19 35.64 20.82
N THR C 172 -6.44 35.81 20.42
CA THR C 172 -7.41 35.87 21.51
C THR C 172 -7.43 34.57 22.26
N GLU C 173 -7.43 33.43 21.56
CA GLU C 173 -7.41 32.19 22.37
C GLU C 173 -6.12 32.03 23.18
N CYS C 174 -4.97 32.21 22.54
CA CYS C 174 -3.74 31.91 23.28
C CYS C 174 -3.43 32.98 24.34
N CYS C 175 -3.69 34.26 24.06
CA CYS C 175 -3.31 35.27 25.09
C CYS C 175 -4.11 35.00 26.36
N GLN C 176 -5.39 34.68 26.25
CA GLN C 176 -6.16 34.34 27.46
C GLN C 176 -5.57 33.08 28.10
N ALA C 177 -5.17 32.11 27.30
CA ALA C 177 -4.69 30.80 27.83
C ALA C 177 -3.31 30.82 28.48
N ALA C 178 -3.03 29.81 29.30
CA ALA C 178 -1.68 29.70 29.89
C ALA C 178 -0.72 29.19 28.82
N ASP C 179 0.52 28.94 29.19
CA ASP C 179 1.46 28.34 28.22
C ASP C 179 1.49 29.28 27.01
N LYS C 180 1.43 30.57 27.26
CA LYS C 180 1.59 31.51 26.13
C LYS C 180 2.98 31.26 25.53
N ALA C 181 3.17 31.52 24.24
CA ALA C 181 4.45 31.30 23.54
C ALA C 181 4.54 29.83 23.16
N ALA C 182 3.48 29.09 23.45
CA ALA C 182 3.41 27.69 23.02
C ALA C 182 2.22 27.71 22.09
N CYS C 183 1.12 28.22 22.62
CA CYS C 183 -0.03 28.42 21.72
C CYS C 183 0.29 29.69 20.95
N LEU C 184 1.31 29.68 20.09
CA LEU C 184 1.70 30.94 19.40
C LEU C 184 3.07 30.75 18.75
N PRO C 186 4.43 29.25 17.58
CA PRO C 186 4.52 28.57 16.31
C PRO C 186 3.24 28.85 15.58
N LYS C 187 2.10 28.96 16.25
CA LYS C 187 0.87 29.17 15.46
C LYS C 187 1.09 30.46 14.68
N LEU C 188 1.69 31.46 15.29
CA LEU C 188 2.01 32.70 14.54
C LEU C 188 3.00 32.34 13.42
N ASP C 189 3.95 31.46 13.70
CA ASP C 189 4.99 31.18 12.67
C ASP C 189 4.30 30.59 11.45
N GLU C 190 3.32 29.72 11.67
CA GLU C 190 2.67 29.06 10.52
C GLU C 190 2.00 30.15 9.68
N LEU C 191 1.36 31.10 10.34
CA LEU C 191 0.69 32.17 9.57
C LEU C 191 1.75 32.96 8.81
N ARG C 192 2.87 33.27 9.44
CA ARG C 192 3.84 34.11 8.70
C ARG C 192 4.31 33.32 7.49
N ASP C 193 4.58 32.03 7.71
CA ASP C 193 5.11 31.18 6.63
C ASP C 193 4.07 31.07 5.51
N GLU C 194 2.81 30.92 5.87
CA GLU C 194 1.76 30.72 4.83
C GLU C 194 1.69 31.95 3.95
N GLY C 195 1.78 33.13 4.55
CA GLY C 195 1.62 34.36 3.77
C GLY C 195 2.87 34.64 3.00
N LYS C 196 4.03 34.37 3.57
CA LYS C 196 5.23 34.57 2.78
C LYS C 196 5.15 33.71 1.52
N ALA C 197 4.58 32.51 1.65
CA ALA C 197 4.33 31.64 0.52
C ALA C 197 3.35 32.29 -0.45
N SER C 198 2.16 32.63 0.06
CA SER C 198 1.15 33.32 -0.71
C SER C 198 1.75 34.43 -1.59
N SER C 199 2.51 35.30 -0.95
CA SER C 199 3.21 36.35 -1.68
C SER C 199 4.05 35.74 -2.81
N ALA C 200 4.85 34.73 -2.46
CA ALA C 200 5.80 34.15 -3.38
C ALA C 200 5.13 33.65 -4.66
N LYS C 201 4.04 32.88 -4.50
CA LYS C 201 3.23 32.46 -5.63
C LYS C 201 2.88 33.64 -6.53
N GLN C 202 2.16 34.63 -5.96
CA GLN C 202 1.67 35.79 -6.70
C GLN C 202 2.81 36.35 -7.55
N ARG C 203 3.92 36.65 -6.87
CA ARG C 203 5.05 37.34 -7.47
C ARG C 203 5.69 36.49 -8.56
N LEU C 204 5.82 35.18 -8.32
CA LEU C 204 6.31 34.25 -9.32
C LEU C 204 5.45 34.35 -10.58
N LYS C 205 4.14 34.09 -10.40
CA LYS C 205 3.20 34.06 -11.51
C LYS C 205 3.27 35.31 -12.38
N CYS C 206 3.47 36.48 -11.76
CA CYS C 206 3.56 37.74 -12.49
C CYS C 206 4.86 37.86 -13.28
N ALA C 207 5.98 37.53 -12.62
CA ALA C 207 7.26 37.57 -13.29
C ALA C 207 7.17 36.69 -14.53
N SER C 208 6.60 35.50 -14.33
CA SER C 208 6.46 34.49 -15.35
C SER C 208 5.57 34.96 -16.50
N LEU C 209 4.45 35.58 -16.18
CA LEU C 209 3.51 36.03 -17.22
C LEU C 209 4.20 37.06 -18.09
N GLN C 210 4.96 37.96 -17.48
CA GLN C 210 5.69 38.95 -18.26
C GLN C 210 6.83 38.29 -19.04
N LYS C 211 7.58 37.43 -18.36
CA LYS C 211 8.79 36.84 -18.93
C LYS C 211 8.44 35.86 -20.05
N PHE C 212 7.55 34.91 -19.76
CA PHE C 212 7.21 33.82 -20.69
C PHE C 212 5.99 34.09 -21.57
N GLY C 213 5.24 35.15 -21.25
CA GLY C 213 4.11 35.55 -22.08
C GLY C 213 2.79 34.86 -21.76
N GLU C 214 1.71 35.49 -22.25
CA GLU C 214 0.34 35.02 -22.10
C GLU C 214 0.11 33.56 -22.50
N ARG C 215 0.63 33.18 -23.67
CA ARG C 215 0.45 31.82 -24.16
C ARG C 215 0.88 30.82 -23.08
N ALA C 216 2.11 30.96 -22.58
CA ALA C 216 2.59 30.05 -21.57
C ALA C 216 1.66 30.07 -20.35
N PHE C 217 1.23 31.26 -19.94
CA PHE C 217 0.34 31.38 -18.81
C PHE C 217 -0.94 30.56 -19.02
N LYS C 218 -1.52 30.63 -20.24
CA LYS C 218 -2.75 29.94 -20.58
C LYS C 218 -2.58 28.43 -20.59
N ALA C 219 -1.42 27.97 -21.06
CA ALA C 219 -1.11 26.55 -21.09
C ALA C 219 -1.20 26.01 -19.67
N TRP C 220 -0.46 26.67 -18.79
CA TRP C 220 -0.44 26.33 -17.38
C TRP C 220 -1.86 26.28 -16.82
N ALA C 221 -2.65 27.31 -17.14
CA ALA C 221 -3.99 27.43 -16.58
C ALA C 221 -4.91 26.33 -17.07
N VAL C 222 -4.76 25.96 -18.34
CA VAL C 222 -5.56 24.88 -18.91
C VAL C 222 -5.33 23.59 -18.13
N ALA C 223 -4.06 23.23 -17.96
CA ALA C 223 -3.71 22.06 -17.18
C ALA C 223 -4.34 22.04 -15.79
N ARG C 224 -4.25 23.17 -15.06
CA ARG C 224 -4.68 23.18 -13.67
C ARG C 224 -6.20 23.18 -13.52
N LEU C 225 -6.90 23.93 -14.39
CA LEU C 225 -8.36 23.95 -14.40
C LEU C 225 -9.01 22.64 -14.85
N SER C 226 -8.31 21.90 -15.72
CA SER C 226 -8.82 20.65 -16.23
C SER C 226 -8.79 19.56 -15.16
N GLN C 227 -7.65 19.43 -14.47
CA GLN C 227 -7.56 18.65 -13.24
C GLN C 227 -8.62 19.04 -12.21
N ARG C 228 -8.83 20.34 -12.06
CA ARG C 228 -9.73 20.84 -11.04
C ARG C 228 -11.18 20.56 -11.36
N PHE C 229 -11.56 20.85 -12.62
CA PHE C 229 -12.93 20.68 -13.09
C PHE C 229 -13.01 19.71 -14.28
N PRO C 230 -12.77 18.39 -14.08
CA PRO C 230 -12.78 17.44 -15.20
C PRO C 230 -14.14 17.16 -15.82
N LYS C 231 -15.23 17.55 -15.14
CA LYS C 231 -16.57 17.42 -15.68
C LYS C 231 -16.92 18.56 -16.62
N ALA C 232 -16.01 19.52 -16.77
CA ALA C 232 -16.31 20.68 -17.58
C ALA C 232 -15.86 20.43 -19.01
N GLU C 233 -16.66 20.94 -19.95
CA GLU C 233 -16.40 20.97 -21.37
C GLU C 233 -15.13 21.72 -21.76
N PHE C 234 -14.45 21.34 -22.84
CA PHE C 234 -13.28 22.07 -23.27
C PHE C 234 -13.58 23.54 -23.50
N ALA C 235 -14.71 23.85 -24.13
CA ALA C 235 -15.06 25.23 -24.42
C ALA C 235 -15.26 26.11 -23.18
N GLU C 236 -15.75 25.49 -22.09
CA GLU C 236 -15.95 26.17 -20.82
C GLU C 236 -14.61 26.37 -20.11
N VAL C 237 -13.77 25.33 -20.06
CA VAL C 237 -12.42 25.44 -19.55
C VAL C 237 -11.61 26.52 -20.27
N SER C 238 -11.81 26.69 -21.57
CA SER C 238 -11.08 27.70 -22.31
C SER C 238 -11.60 29.09 -21.96
N LYS C 239 -12.89 29.19 -21.67
CA LYS C 239 -13.47 30.46 -21.28
C LYS C 239 -12.85 30.91 -19.99
N LEU C 240 -12.78 29.97 -19.03
CA LEU C 240 -12.27 30.20 -17.69
C LEU C 240 -10.79 30.57 -17.77
N VAL C 241 -9.99 29.81 -18.52
CA VAL C 241 -8.61 30.18 -18.79
C VAL C 241 -8.51 31.63 -19.24
N THR C 242 -9.27 32.03 -20.26
CA THR C 242 -9.20 33.41 -20.73
C THR C 242 -9.46 34.41 -19.60
N ASP C 243 -10.61 34.26 -18.93
CA ASP C 243 -10.97 35.14 -17.82
C ASP C 243 -9.91 35.11 -16.73
N LEU C 244 -9.35 33.93 -16.47
CA LEU C 244 -8.34 33.79 -15.45
C LEU C 244 -7.07 34.55 -15.83
N THR C 245 -6.74 34.54 -17.12
CA THR C 245 -5.55 35.24 -17.63
C THR C 245 -5.77 36.74 -17.59
N LYS C 246 -7.02 37.15 -17.72
CA LYS C 246 -7.33 38.60 -17.68
C LYS C 246 -7.26 39.08 -16.23
N VAL C 247 -7.84 38.31 -15.32
CA VAL C 247 -7.88 38.74 -13.90
C VAL C 247 -6.45 38.83 -13.40
N HIS C 248 -5.62 37.88 -13.79
CA HIS C 248 -4.20 37.93 -13.38
C HIS C 248 -3.57 39.15 -14.02
N THR C 249 -3.60 39.21 -15.34
CA THR C 249 -2.92 40.32 -16.00
C THR C 249 -3.19 41.66 -15.30
N GLU C 250 -4.45 41.83 -14.88
CA GLU C 250 -4.91 43.03 -14.20
C GLU C 250 -4.23 43.19 -12.84
N CYS C 251 -4.31 42.13 -12.04
CA CYS C 251 -3.80 42.09 -10.68
C CYS C 251 -2.31 42.37 -10.62
N CYS C 252 -1.51 41.76 -11.50
CA CYS C 252 -0.08 42.04 -11.57
C CYS C 252 0.19 43.53 -11.76
N HIS C 253 -0.64 44.21 -12.54
CA HIS C 253 -0.42 45.62 -12.82
C HIS C 253 -0.68 46.47 -11.57
N GLY C 254 -1.32 45.89 -10.56
CA GLY C 254 -1.21 46.39 -9.19
C GLY C 254 -2.38 47.23 -8.69
N ASP C 255 -3.47 47.25 -9.47
CA ASP C 255 -4.70 47.93 -9.11
C ASP C 255 -5.61 46.99 -8.31
N LEU C 256 -5.89 47.37 -7.05
CA LEU C 256 -6.74 46.61 -6.16
C LEU C 256 -8.18 46.55 -6.67
N LEU C 257 -8.67 47.70 -7.12
CA LEU C 257 -10.08 47.85 -7.44
C LEU C 257 -10.43 47.08 -8.71
N GLU C 258 -9.58 47.16 -9.74
CA GLU C 258 -9.85 46.43 -10.96
C GLU C 258 -9.68 44.95 -10.70
N CYS C 259 -8.55 44.60 -10.04
CA CYS C 259 -8.25 43.23 -9.71
C CYS C 259 -9.47 42.58 -9.08
N ALA C 260 -10.04 43.26 -8.10
CA ALA C 260 -11.12 42.72 -7.30
C ALA C 260 -12.43 42.63 -8.07
N ASP C 261 -12.72 43.60 -8.95
CA ASP C 261 -13.87 43.48 -9.83
C ASP C 261 -13.80 42.27 -10.75
N ASP C 262 -12.62 42.02 -11.35
CA ASP C 262 -12.43 40.92 -12.26
C ASP C 262 -12.51 39.59 -11.52
N ARG C 263 -11.93 39.50 -10.31
CA ARG C 263 -12.07 38.30 -9.49
C ARG C 263 -13.51 38.05 -9.05
N ALA C 264 -14.23 39.15 -8.81
CA ALA C 264 -15.58 39.06 -8.30
C ALA C 264 -16.47 38.54 -9.42
N ASP C 265 -16.25 39.12 -10.60
CA ASP C 265 -16.98 38.78 -11.81
C ASP C 265 -16.76 37.32 -12.16
N LEU C 266 -15.49 36.89 -12.22
CA LEU C 266 -15.19 35.51 -12.54
C LEU C 266 -15.81 34.54 -11.53
N ALA C 267 -15.78 34.90 -10.25
CA ALA C 267 -16.35 34.05 -9.23
C ALA C 267 -17.85 33.93 -9.48
N LYS C 268 -18.45 35.05 -9.88
CA LYS C 268 -19.89 35.15 -9.95
C LYS C 268 -20.35 34.26 -11.10
N TYR C 269 -19.64 34.34 -12.23
CA TYR C 269 -19.87 33.52 -13.40
C TYR C 269 -19.73 32.02 -13.10
N ILE C 270 -18.61 31.62 -12.47
CA ILE C 270 -18.36 30.24 -12.13
C ILE C 270 -19.53 29.68 -11.33
N CYS C 271 -20.03 30.46 -10.37
CA CYS C 271 -21.13 30.06 -9.52
C CYS C 271 -22.47 29.94 -10.25
N GLU C 272 -22.65 30.78 -11.28
CA GLU C 272 -23.86 30.79 -12.11
C GLU C 272 -23.91 29.57 -13.01
N ASN C 273 -22.74 28.99 -13.30
CA ASN C 273 -22.63 27.82 -14.15
C ASN C 273 -22.06 26.60 -13.43
N GLN C 274 -22.11 26.59 -12.09
CA GLN C 274 -21.55 25.48 -11.33
C GLN C 274 -21.82 24.11 -11.96
N ASP C 275 -23.10 23.86 -12.30
CA ASP C 275 -23.53 22.53 -12.67
C ASP C 275 -22.79 22.01 -13.89
N SER C 276 -22.19 22.94 -14.64
CA SER C 276 -21.35 22.60 -15.78
C SER C 276 -19.85 22.63 -15.49
N ILE C 277 -19.43 22.98 -14.27
CA ILE C 277 -18.02 22.97 -13.94
C ILE C 277 -17.62 21.96 -12.87
N SER C 278 -18.28 22.03 -11.71
CA SER C 278 -17.93 21.17 -10.58
C SER C 278 -19.09 21.07 -9.60
N SER C 279 -19.31 19.86 -9.11
CA SER C 279 -20.25 19.65 -8.03
C SER C 279 -19.70 20.36 -6.80
N LYS C 280 -18.36 20.43 -6.69
CA LYS C 280 -17.66 20.89 -5.49
C LYS C 280 -17.73 22.39 -5.20
N LEU C 281 -18.50 23.17 -5.96
CA LEU C 281 -18.56 24.61 -5.72
C LEU C 281 -19.75 25.08 -4.89
N LYS C 282 -20.48 24.14 -4.28
CA LYS C 282 -21.80 24.48 -3.79
C LYS C 282 -21.67 25.43 -2.60
N GLU C 283 -20.81 25.04 -1.66
CA GLU C 283 -20.48 25.83 -0.49
C GLU C 283 -19.68 27.10 -0.79
N CYS C 284 -18.65 26.99 -1.63
CA CYS C 284 -17.91 28.15 -2.10
C CYS C 284 -18.84 29.25 -2.61
N CYS C 285 -19.94 28.86 -3.27
CA CYS C 285 -20.78 29.81 -3.97
C CYS C 285 -21.92 30.32 -3.10
N GLU C 286 -21.92 29.89 -1.82
CA GLU C 286 -22.78 30.43 -0.78
C GLU C 286 -22.05 31.44 0.11
N LYS C 287 -20.71 31.45 0.00
CA LYS C 287 -19.91 32.34 0.83
C LYS C 287 -20.13 33.76 0.33
N PRO C 288 -19.92 34.76 1.21
CA PRO C 288 -20.08 36.16 0.83
C PRO C 288 -19.04 36.58 -0.20
N LEU C 289 -19.32 37.65 -0.92
CA LEU C 289 -18.38 38.09 -1.98
C LEU C 289 -16.94 38.04 -1.50
N LEU C 290 -16.63 38.63 -0.35
CA LEU C 290 -15.24 38.76 0.02
C LEU C 290 -14.49 37.44 0.03
N GLU C 291 -15.17 36.35 0.38
CA GLU C 291 -14.55 35.04 0.54
C GLU C 291 -14.67 34.08 -0.64
N LYS C 292 -15.61 34.39 -1.56
CA LYS C 292 -16.00 33.52 -2.66
C LYS C 292 -14.82 33.20 -3.57
N SER C 293 -14.25 34.24 -4.21
CA SER C 293 -13.10 34.05 -5.07
C SER C 293 -12.04 33.19 -4.41
N HIS C 294 -11.64 33.53 -3.18
CA HIS C 294 -10.57 32.86 -2.45
C HIS C 294 -10.90 31.38 -2.24
N CYS C 295 -12.18 31.10 -2.00
CA CYS C 295 -12.63 29.77 -1.68
C CYS C 295 -12.63 28.89 -2.94
N ILE C 296 -13.23 29.40 -4.03
CA ILE C 296 -13.19 28.77 -5.34
C ILE C 296 -11.76 28.42 -5.73
N ALA C 297 -10.83 29.34 -5.52
CA ALA C 297 -9.47 29.14 -5.99
C ALA C 297 -8.77 27.98 -5.30
N GLU C 298 -9.28 27.58 -4.15
CA GLU C 298 -8.65 26.55 -3.34
C GLU C 298 -9.51 25.30 -3.23
N VAL C 299 -10.62 25.29 -3.97
CA VAL C 299 -11.54 24.17 -4.05
C VAL C 299 -10.81 22.89 -4.47
N GLU C 300 -11.38 21.76 -4.06
CA GLU C 300 -10.86 20.45 -4.41
C GLU C 300 -11.20 20.02 -5.84
N ASN C 301 -10.34 19.14 -6.38
CA ASN C 301 -10.57 18.54 -7.69
C ASN C 301 -11.88 17.77 -7.63
N ASP C 302 -12.67 17.86 -8.69
CA ASP C 302 -13.91 17.11 -8.80
C ASP C 302 -13.63 15.69 -9.32
N GLU C 303 -14.59 14.78 -9.12
CA GLU C 303 -14.51 13.44 -9.68
C GLU C 303 -14.47 13.51 -11.21
N MET C 304 -13.60 12.72 -11.83
CA MET C 304 -13.51 12.74 -13.27
C MET C 304 -14.63 11.85 -13.81
N PRO C 305 -15.26 12.22 -14.96
CA PRO C 305 -16.42 11.47 -15.47
C PRO C 305 -16.08 10.02 -15.82
N ALA C 306 -17.05 9.15 -15.58
CA ALA C 306 -16.86 7.73 -15.80
C ALA C 306 -16.81 7.42 -17.29
N ASP C 307 -16.00 6.41 -17.65
CA ASP C 307 -15.91 5.93 -19.02
C ASP C 307 -15.61 7.04 -20.04
N LEU C 308 -14.54 7.80 -19.81
CA LEU C 308 -14.08 8.74 -20.81
C LEU C 308 -13.33 7.94 -21.87
N PRO C 309 -13.54 8.26 -23.17
CA PRO C 309 -12.87 7.55 -24.25
C PRO C 309 -11.37 7.76 -24.25
N SER C 310 -10.65 6.93 -25.01
CA SER C 310 -9.20 7.04 -25.02
C SER C 310 -8.73 8.24 -25.82
N LEU C 311 -7.55 8.77 -25.45
CA LEU C 311 -6.97 9.88 -26.19
C LEU C 311 -6.45 9.47 -27.57
N ALA C 312 -6.18 8.18 -27.75
CA ALA C 312 -5.68 7.71 -29.05
C ALA C 312 -6.66 8.12 -30.13
N ALA C 313 -7.94 8.25 -29.79
CA ALA C 313 -8.97 8.48 -30.82
C ALA C 313 -8.82 9.79 -31.60
N ASP C 314 -8.47 10.90 -30.95
CA ASP C 314 -8.49 12.20 -31.70
C ASP C 314 -7.11 12.84 -31.77
N PHE C 315 -6.08 12.15 -31.27
CA PHE C 315 -4.76 12.75 -31.20
C PHE C 315 -3.71 11.87 -31.87
N VAL C 316 -4.09 10.62 -32.17
CA VAL C 316 -3.22 9.66 -32.83
C VAL C 316 -3.92 8.87 -33.93
N GLU C 317 -5.00 8.19 -33.56
CA GLU C 317 -5.70 7.30 -34.52
C GLU C 317 -6.47 8.10 -35.57
N SER C 318 -6.98 9.28 -35.21
CA SER C 318 -7.81 10.03 -36.17
C SER C 318 -6.96 10.43 -37.37
N LYS C 319 -7.54 10.38 -38.57
CA LYS C 319 -6.81 10.75 -39.79
C LYS C 319 -6.87 12.27 -39.96
N ASP C 320 -7.63 12.96 -39.11
CA ASP C 320 -7.63 14.41 -39.21
C ASP C 320 -6.66 15.15 -38.29
N VAL C 321 -5.71 14.42 -37.68
CA VAL C 321 -4.77 15.03 -36.75
C VAL C 321 -4.15 16.29 -37.34
N CYS C 322 -3.48 16.14 -38.50
CA CYS C 322 -2.65 17.19 -39.06
C CYS C 322 -3.49 18.31 -39.63
N LYS C 323 -4.70 17.97 -40.07
CA LYS C 323 -5.62 18.99 -40.57
C LYS C 323 -6.06 19.88 -39.41
N ASN C 324 -6.43 19.24 -38.29
CA ASN C 324 -6.86 19.96 -37.11
C ASN C 324 -5.70 20.71 -36.46
N TYR C 325 -4.54 20.06 -36.41
CA TYR C 325 -3.35 20.73 -35.90
C TYR C 325 -3.11 21.99 -36.71
N ALA C 326 -3.13 21.89 -38.03
CA ALA C 326 -2.86 23.03 -38.88
C ALA C 326 -3.95 24.10 -38.90
N GLU C 327 -5.21 23.67 -38.73
CA GLU C 327 -6.34 24.58 -38.73
C GLU C 327 -6.57 25.24 -37.38
N ALA C 328 -6.71 24.44 -36.32
CA ALA C 328 -7.01 24.95 -35.00
C ALA C 328 -5.79 25.39 -34.19
N LYS C 329 -4.67 24.73 -34.46
CA LYS C 329 -3.38 25.11 -33.83
C LYS C 329 -3.44 25.00 -32.32
N ASP C 330 -2.96 26.02 -31.63
CA ASP C 330 -2.91 26.00 -30.17
C ASP C 330 -4.23 25.59 -29.52
N VAL C 331 -5.35 25.68 -30.25
CA VAL C 331 -6.61 25.19 -29.70
C VAL C 331 -6.64 23.67 -29.73
N PHE C 332 -6.13 23.08 -30.80
CA PHE C 332 -6.02 21.62 -30.87
C PHE C 332 -5.11 21.17 -29.73
N LEU C 333 -3.96 21.82 -29.60
CA LEU C 333 -3.01 21.52 -28.53
C LEU C 333 -3.56 21.75 -27.11
N GLY C 334 -4.15 22.92 -26.89
CA GLY C 334 -4.91 23.17 -25.68
C GLY C 334 -5.89 22.06 -25.32
N MET C 335 -6.63 21.57 -26.31
CA MET C 335 -7.56 20.49 -26.06
C MET C 335 -6.84 19.22 -25.62
N PHE C 336 -5.67 18.95 -26.20
CA PHE C 336 -4.90 17.76 -25.83
C PHE C 336 -4.57 17.85 -24.34
N LEU C 337 -3.99 18.98 -23.95
CA LEU C 337 -3.62 19.24 -22.57
C LEU C 337 -4.83 19.09 -21.67
N TYR C 338 -5.94 19.72 -22.03
CA TYR C 338 -7.20 19.56 -21.32
C TYR C 338 -7.65 18.11 -21.15
N GLU C 339 -7.55 17.34 -22.24
CA GLU C 339 -8.06 15.97 -22.29
C GLU C 339 -7.14 15.04 -21.53
N TYR C 340 -5.85 15.36 -21.52
CA TYR C 340 -4.87 14.58 -20.77
C TYR C 340 -4.95 14.90 -19.28
N ALA C 341 -5.13 16.19 -18.97
CA ALA C 341 -5.17 16.70 -17.61
C ALA C 341 -6.37 16.20 -16.79
N ARG C 342 -7.56 16.37 -17.35
CA ARG C 342 -8.78 15.91 -16.70
C ARG C 342 -8.78 14.40 -16.45
N ARG C 343 -7.89 13.67 -17.12
CA ARG C 343 -7.79 12.23 -16.93
C ARG C 343 -6.62 11.85 -16.01
N HIS C 344 -5.94 12.83 -15.43
CA HIS C 344 -4.69 12.58 -14.76
C HIS C 344 -4.45 13.61 -13.67
N PRO C 345 -5.30 13.62 -12.61
CA PRO C 345 -5.05 14.43 -11.43
C PRO C 345 -3.84 13.97 -10.62
N ASP C 346 -3.45 12.70 -10.77
CA ASP C 346 -2.23 12.19 -10.14
C ASP C 346 -0.93 12.80 -10.68
N TYR C 347 -1.01 13.62 -11.72
CA TYR C 347 0.21 14.19 -12.30
C TYR C 347 0.37 15.61 -11.80
N SER C 348 1.62 16.06 -11.75
CA SER C 348 1.90 17.47 -11.56
C SER C 348 1.59 18.21 -12.86
N VAL C 349 1.17 19.46 -12.74
CA VAL C 349 0.95 20.29 -13.92
C VAL C 349 2.16 20.34 -14.84
N VAL C 350 3.35 20.61 -14.30
CA VAL C 350 4.54 20.72 -15.14
C VAL C 350 4.78 19.45 -15.95
N LEU C 351 4.36 18.30 -15.43
CA LEU C 351 4.48 17.05 -16.17
C LEU C 351 3.58 17.13 -17.41
N LEU C 352 2.30 17.35 -17.17
CA LEU C 352 1.32 17.46 -18.23
C LEU C 352 1.80 18.43 -19.30
N LEU C 353 2.50 19.49 -18.91
CA LEU C 353 3.03 20.42 -19.89
C LEU C 353 4.16 19.73 -20.66
N ARG C 354 5.04 19.03 -19.96
CA ARG C 354 6.12 18.34 -20.65
C ARG C 354 5.56 17.38 -21.71
N LEU C 355 4.52 16.63 -21.34
CA LEU C 355 3.81 15.77 -22.27
C LEU C 355 3.30 16.56 -23.47
N ALA C 356 2.55 17.64 -23.18
CA ALA C 356 2.02 18.49 -24.23
C ALA C 356 3.10 19.02 -25.19
N LYS C 357 4.22 19.48 -24.63
CA LYS C 357 5.33 19.96 -25.44
C LYS C 357 5.88 18.85 -26.34
N THR C 358 5.87 17.62 -25.80
CA THR C 358 6.38 16.46 -26.53
C THR C 358 5.48 16.10 -27.71
N TYR C 359 4.17 16.02 -27.45
CA TYR C 359 3.17 15.83 -28.48
C TYR C 359 3.27 16.89 -29.58
N GLU C 360 3.42 18.16 -29.20
CA GLU C 360 3.49 19.26 -30.14
C GLU C 360 4.73 19.18 -31.04
N THR C 361 5.88 18.78 -30.47
CA THR C 361 7.07 18.67 -31.29
C THR C 361 6.95 17.44 -32.19
N THR C 362 6.33 16.37 -31.67
CA THR C 362 6.07 15.19 -32.48
C THR C 362 5.26 15.58 -33.72
N LEU C 363 4.21 16.39 -33.51
CA LEU C 363 3.35 16.80 -34.59
C LEU C 363 4.06 17.70 -35.61
N GLU C 364 5.00 18.56 -35.16
CA GLU C 364 5.70 19.44 -36.07
C GLU C 364 6.53 18.65 -37.07
N LYS C 365 7.23 17.66 -36.51
CA LYS C 365 8.08 16.77 -37.28
C LYS C 365 7.24 15.89 -38.20
N CYS C 366 6.23 15.24 -37.62
CA CYS C 366 5.47 14.20 -38.30
C CYS C 366 4.52 14.76 -39.36
N CYS C 367 3.87 15.89 -39.04
CA CYS C 367 2.98 16.51 -40.02
C CYS C 367 3.74 17.13 -41.18
N ALA C 368 5.07 17.14 -41.10
CA ALA C 368 5.91 17.59 -42.20
C ALA C 368 6.39 16.40 -43.04
N ALA C 369 6.02 15.19 -42.63
CA ALA C 369 6.54 13.97 -43.20
C ALA C 369 5.65 13.39 -44.30
N ALA C 370 6.19 12.41 -45.02
CA ALA C 370 5.54 11.78 -46.16
C ALA C 370 4.30 11.00 -45.71
N ASP C 371 4.43 10.23 -44.62
CA ASP C 371 3.29 9.57 -44.01
C ASP C 371 3.20 9.94 -42.54
N PRO C 372 2.60 11.10 -42.17
CA PRO C 372 2.50 11.51 -40.78
C PRO C 372 1.97 10.40 -39.87
N HIS C 373 0.84 9.80 -40.26
CA HIS C 373 0.15 8.85 -39.39
C HIS C 373 1.07 7.74 -38.92
N GLU C 374 1.99 7.30 -39.78
CA GLU C 374 2.97 6.28 -39.41
C GLU C 374 3.91 6.84 -38.33
N CYS C 375 4.42 8.06 -38.58
CA CYS C 375 5.50 8.61 -37.80
C CYS C 375 5.11 9.01 -36.38
N TYR C 376 3.85 9.40 -36.16
CA TYR C 376 3.38 9.74 -34.82
C TYR C 376 2.53 8.64 -34.20
N ALA C 377 2.43 7.50 -34.89
CA ALA C 377 1.57 6.39 -34.51
C ALA C 377 1.75 5.96 -33.05
N LYS C 378 2.98 6.13 -32.53
CA LYS C 378 3.37 5.57 -31.25
C LYS C 378 3.94 6.62 -30.29
N VAL C 379 3.38 7.84 -30.38
CA VAL C 379 3.88 8.97 -29.60
C VAL C 379 3.68 8.78 -28.10
N PHE C 380 2.62 8.07 -27.71
CA PHE C 380 2.33 7.90 -26.29
C PHE C 380 3.43 7.18 -25.54
N ASP C 381 4.27 6.39 -26.24
CA ASP C 381 5.43 5.75 -25.61
C ASP C 381 6.48 6.75 -25.13
N GLU C 382 6.54 7.91 -25.81
CA GLU C 382 7.44 8.99 -25.42
C GLU C 382 7.11 9.59 -24.05
N PHE C 383 5.84 9.43 -23.65
CA PHE C 383 5.35 9.86 -22.35
C PHE C 383 5.82 8.97 -21.21
N LYS C 384 5.91 7.66 -21.45
CA LYS C 384 6.25 6.70 -20.42
C LYS C 384 7.50 7.04 -19.59
N PRO C 385 8.65 7.44 -20.18
CA PRO C 385 9.83 7.82 -19.41
C PRO C 385 9.72 9.16 -18.66
N LEU C 386 8.98 10.12 -19.25
CA LEU C 386 8.78 11.41 -18.62
C LEU C 386 7.92 11.31 -17.37
N VAL C 387 6.92 10.42 -17.41
CA VAL C 387 6.07 10.16 -16.27
C VAL C 387 6.79 9.35 -15.21
N GLU C 388 7.57 8.36 -15.63
CA GLU C 388 8.26 7.51 -14.67
C GLU C 388 9.29 8.28 -13.85
N GLU C 389 9.96 9.23 -14.50
CA GLU C 389 11.10 9.91 -13.89
C GLU C 389 10.72 10.55 -12.55
N PRO C 390 9.70 11.44 -12.47
CA PRO C 390 9.28 12.01 -11.20
C PRO C 390 8.61 10.99 -10.27
N GLN C 391 7.81 10.09 -10.84
CA GLN C 391 7.19 9.04 -10.06
C GLN C 391 8.23 8.34 -9.18
N ASN C 392 9.39 8.03 -9.77
CA ASN C 392 10.41 7.26 -9.07
C ASN C 392 11.22 8.04 -8.04
N LEU C 393 11.48 9.33 -8.30
CA LEU C 393 12.06 10.20 -7.29
C LEU C 393 11.16 10.28 -6.06
N ILE C 394 9.84 10.38 -6.27
CA ILE C 394 8.88 10.29 -5.18
C ILE C 394 9.05 8.98 -4.40
N LYS C 395 8.83 7.84 -5.06
CA LYS C 395 8.91 6.56 -4.37
C LYS C 395 10.18 6.45 -3.52
N GLN C 396 11.32 6.81 -4.14
CA GLN C 396 12.63 6.59 -3.54
C GLN C 396 12.89 7.48 -2.33
N ASN C 397 12.52 8.77 -2.41
CA ASN C 397 12.66 9.64 -1.25
C ASN C 397 11.61 9.39 -0.16
N CYS C 398 10.41 8.93 -0.54
CA CYS C 398 9.37 8.60 0.42
C CYS C 398 9.75 7.41 1.31
N GLU C 399 10.37 6.40 0.69
CA GLU C 399 10.90 5.28 1.46
C GLU C 399 11.96 5.75 2.45
N LEU C 400 12.82 6.69 2.02
CA LEU C 400 13.93 7.19 2.82
C LEU C 400 13.40 8.03 3.98
N PHE C 401 12.30 8.77 3.77
CA PHE C 401 11.58 9.43 4.84
C PHE C 401 10.92 8.46 5.82
N GLU C 402 10.40 7.34 5.28
CA GLU C 402 9.76 6.32 6.08
C GLU C 402 10.80 5.60 6.94
N GLN C 403 11.97 5.34 6.34
CA GLN C 403 13.09 4.71 7.00
C GLN C 403 13.64 5.56 8.13
N LEU C 404 13.93 6.82 7.81
CA LEU C 404 14.65 7.67 8.80
C LEU C 404 13.69 8.53 9.62
N GLY C 405 12.65 9.08 9.00
CA GLY C 405 11.80 10.04 9.71
C GLY C 405 12.28 11.45 9.45
N GLU C 406 11.45 12.44 9.73
CA GLU C 406 11.77 13.84 9.36
C GLU C 406 13.17 14.26 9.80
N TYR C 407 13.42 14.35 11.11
CA TYR C 407 14.68 14.91 11.57
C TYR C 407 15.90 14.38 10.80
N LYS C 408 16.03 13.04 10.78
CA LYS C 408 17.20 12.37 10.23
C LYS C 408 17.25 12.52 8.71
N PHE C 409 16.05 12.62 8.11
CA PHE C 409 15.90 12.86 6.69
C PHE C 409 16.47 14.24 6.35
N GLN C 410 16.05 15.25 7.11
CA GLN C 410 16.59 16.59 6.97
C GLN C 410 18.13 16.62 7.04
N ASN C 411 18.73 15.73 7.84
CA ASN C 411 20.17 15.63 7.90
C ASN C 411 20.76 14.89 6.70
N ALA C 412 20.05 13.87 6.22
CA ALA C 412 20.41 13.18 4.99
C ALA C 412 20.39 14.15 3.82
N LEU C 413 19.35 15.00 3.80
CA LEU C 413 19.23 16.07 2.82
C LEU C 413 20.28 17.14 3.01
N LEU C 414 20.58 17.42 4.29
CA LEU C 414 21.56 18.41 4.69
C LEU C 414 22.90 18.08 4.05
N VAL C 415 23.29 16.80 4.09
CA VAL C 415 24.56 16.36 3.51
C VAL C 415 24.44 16.51 2.00
N ARG C 416 23.41 15.88 1.42
CA ARG C 416 23.25 15.78 -0.02
C ARG C 416 23.50 17.10 -0.74
N TYR C 417 22.87 18.18 -0.26
CA TYR C 417 22.90 19.46 -0.93
C TYR C 417 24.10 20.35 -0.60
N THR C 418 24.72 20.14 0.56
CA THR C 418 25.97 20.84 0.85
C THR C 418 27.04 20.29 -0.09
N LYS C 419 26.98 18.96 -0.31
CA LYS C 419 27.86 18.28 -1.24
C LYS C 419 27.64 18.72 -2.69
N LYS C 420 26.38 18.94 -3.10
CA LYS C 420 26.06 19.33 -4.47
C LYS C 420 26.36 20.79 -4.78
N VAL C 421 26.12 21.70 -3.81
CA VAL C 421 26.49 23.10 -3.95
C VAL C 421 26.94 23.66 -2.61
N PRO C 422 28.24 23.47 -2.24
CA PRO C 422 28.77 24.01 -0.98
C PRO C 422 29.01 25.51 -0.93
N GLN C 423 28.85 26.20 -2.08
CA GLN C 423 29.10 27.63 -2.16
C GLN C 423 28.03 28.43 -1.42
N VAL C 424 26.83 27.87 -1.29
CA VAL C 424 25.72 28.56 -0.66
C VAL C 424 25.91 28.65 0.86
N SER C 425 25.28 29.68 1.46
CA SER C 425 25.45 30.00 2.86
C SER C 425 24.88 28.94 3.79
N THR C 426 25.51 28.79 4.97
CA THR C 426 25.18 27.69 5.86
C THR C 426 23.77 27.77 6.42
N PRO C 427 23.26 28.93 6.88
CA PRO C 427 21.84 29.08 7.21
C PRO C 427 20.85 28.82 6.07
N THR C 428 21.15 29.23 4.83
CA THR C 428 20.23 28.98 3.72
C THR C 428 20.16 27.47 3.52
N LEU C 429 21.28 26.77 3.68
CA LEU C 429 21.32 25.32 3.47
C LEU C 429 20.44 24.63 4.52
N VAL C 430 20.62 25.01 5.79
CA VAL C 430 19.87 24.40 6.88
C VAL C 430 18.38 24.62 6.65
N GLU C 431 18.00 25.82 6.20
CA GLU C 431 16.59 26.16 6.02
C GLU C 431 15.97 25.45 4.81
N VAL C 432 16.72 25.34 3.71
CA VAL C 432 16.27 24.60 2.54
C VAL C 432 16.02 23.14 2.93
N SER C 433 17.05 22.48 3.46
CA SER C 433 16.95 21.07 3.82
C SER C 433 15.85 20.79 4.84
N ARG C 434 15.70 21.68 5.83
CA ARG C 434 14.69 21.54 6.86
C ARG C 434 13.30 21.57 6.22
N ASN C 435 13.07 22.60 5.37
CA ASN C 435 11.84 22.71 4.60
C ASN C 435 11.57 21.44 3.78
N LEU C 436 12.53 21.05 2.94
CA LEU C 436 12.39 19.86 2.12
C LEU C 436 11.91 18.64 2.91
N GLY C 437 12.43 18.46 4.13
CA GLY C 437 12.02 17.37 5.00
C GLY C 437 10.59 17.48 5.51
N LYS C 438 10.15 18.72 5.75
CA LYS C 438 8.76 19.01 6.06
C LYS C 438 7.84 18.75 4.87
N VAL C 439 8.32 19.11 3.66
CA VAL C 439 7.66 18.76 2.41
C VAL C 439 7.40 17.26 2.44
N GLY C 440 8.46 16.50 2.70
CA GLY C 440 8.39 15.06 2.78
C GLY C 440 7.30 14.57 3.73
N SER C 441 7.23 15.18 4.92
CA SER C 441 6.25 14.80 5.91
C SER C 441 4.83 15.09 5.39
N LYS C 442 4.66 16.23 4.72
CA LYS C 442 3.37 16.62 4.19
C LYS C 442 2.87 15.70 3.06
N CYS C 443 3.82 15.20 2.26
CA CYS C 443 3.48 14.59 0.98
C CYS C 443 3.39 13.08 1.04
N CYS C 444 4.33 12.43 1.74
CA CYS C 444 4.37 10.98 1.77
C CYS C 444 3.26 10.38 2.62
N LYS C 445 2.52 11.25 3.35
CA LYS C 445 1.38 10.81 4.15
C LYS C 445 0.23 10.46 3.21
N HIS C 446 0.18 11.19 2.08
CA HIS C 446 -0.85 10.97 1.07
C HIS C 446 -0.70 9.61 0.39
N PRO C 447 -1.81 9.09 -0.17
CA PRO C 447 -1.73 7.91 -1.04
C PRO C 447 -0.83 8.26 -2.22
N GLU C 448 -0.05 7.27 -2.65
CA GLU C 448 0.86 7.40 -3.78
C GLU C 448 0.29 8.25 -4.93
N ALA C 449 -0.98 8.02 -5.29
CA ALA C 449 -1.66 8.79 -6.33
C ALA C 449 -1.56 10.31 -6.14
N LYS C 450 -1.68 10.76 -4.88
CA LYS C 450 -1.82 12.18 -4.56
C LYS C 450 -0.52 12.89 -4.19
N ARG C 451 0.58 12.11 -4.17
CA ARG C 451 1.89 12.64 -3.82
C ARG C 451 2.44 13.69 -4.79
N MET C 452 2.44 13.39 -6.09
CA MET C 452 3.16 14.20 -7.07
C MET C 452 2.57 15.61 -7.22
N PRO C 453 1.23 15.79 -7.23
CA PRO C 453 0.65 17.12 -7.13
C PRO C 453 1.01 17.84 -5.84
N CYS C 454 1.03 17.09 -4.72
CA CYS C 454 1.38 17.65 -3.42
C CYS C 454 2.83 18.13 -3.44
N ALA C 455 3.73 17.28 -3.93
CA ALA C 455 5.13 17.66 -4.09
C ALA C 455 5.28 18.92 -4.95
N GLU C 456 4.81 18.90 -6.21
CA GLU C 456 4.90 20.05 -7.10
C GLU C 456 4.55 21.36 -6.43
N ASP C 457 3.52 21.35 -5.58
CA ASP C 457 3.15 22.48 -4.76
C ASP C 457 4.29 22.91 -3.82
N TYR C 458 4.58 22.04 -2.84
CA TYR C 458 5.49 22.37 -1.77
C TYR C 458 6.93 22.57 -2.26
N LEU C 459 7.33 21.86 -3.32
CA LEU C 459 8.63 22.10 -3.94
C LEU C 459 8.67 23.49 -4.57
N SER C 460 7.66 23.85 -5.38
CA SER C 460 7.74 25.14 -6.06
C SER C 460 7.94 26.29 -5.08
N VAL C 461 7.31 26.21 -3.90
CA VAL C 461 7.44 27.24 -2.88
C VAL C 461 8.86 27.25 -2.31
N VAL C 462 9.41 26.08 -2.01
CA VAL C 462 10.77 25.96 -1.52
C VAL C 462 11.81 26.40 -2.55
N LEU C 463 11.70 25.87 -3.76
CA LEU C 463 12.66 26.13 -4.83
C LEU C 463 12.63 27.60 -5.23
N ASN C 464 11.45 28.22 -5.14
CA ASN C 464 11.33 29.63 -5.43
C ASN C 464 11.99 30.50 -4.36
N GLN C 465 11.69 30.20 -3.07
CA GLN C 465 12.36 30.83 -1.93
C GLN C 465 13.86 30.91 -2.19
N LEU C 466 14.42 29.75 -2.52
CA LEU C 466 15.83 29.63 -2.83
C LEU C 466 16.22 30.55 -3.99
N CYS C 467 15.40 30.56 -5.05
CA CYS C 467 15.69 31.28 -6.28
C CYS C 467 15.73 32.79 -6.11
N VAL C 468 14.90 33.30 -5.18
CA VAL C 468 14.83 34.71 -4.88
C VAL C 468 16.02 35.15 -4.01
N LEU C 469 16.43 34.30 -3.05
CA LEU C 469 17.58 34.56 -2.23
C LEU C 469 18.86 34.55 -3.06
N HIS C 470 18.88 33.67 -4.06
CA HIS C 470 20.08 33.45 -4.87
C HIS C 470 20.33 34.61 -5.82
N GLU C 471 19.27 35.38 -6.13
CA GLU C 471 19.38 36.50 -7.04
C GLU C 471 20.03 37.69 -6.31
N LYS C 472 19.59 37.92 -5.08
CA LYS C 472 20.27 38.82 -4.17
C LYS C 472 21.76 38.47 -4.12
N THR C 473 22.06 37.21 -3.80
CA THR C 473 23.47 36.80 -3.65
C THR C 473 23.83 35.68 -4.58
N PRO C 474 24.38 35.93 -5.78
CA PRO C 474 24.82 34.81 -6.58
C PRO C 474 25.95 34.04 -5.90
N VAL C 475 25.88 32.70 -5.86
CA VAL C 475 26.91 31.93 -5.11
C VAL C 475 27.79 31.01 -5.98
N SER C 476 27.11 30.25 -6.89
CA SER C 476 27.72 29.20 -7.75
C SER C 476 27.64 29.53 -9.24
N ASP C 477 26.52 30.11 -9.67
CA ASP C 477 26.31 30.48 -11.10
C ASP C 477 25.83 29.26 -11.88
N ARG C 478 25.61 28.15 -11.17
CA ARG C 478 25.00 26.99 -11.83
C ARG C 478 23.53 27.13 -11.50
N VAL C 479 23.23 27.14 -10.21
CA VAL C 479 21.82 27.36 -9.80
C VAL C 479 21.26 28.56 -10.59
N THR C 480 22.06 29.60 -10.75
CA THR C 480 21.57 30.75 -11.54
C THR C 480 20.83 30.19 -12.72
N LYS C 481 21.47 29.29 -13.45
CA LYS C 481 20.82 28.72 -14.65
C LYS C 481 19.51 28.06 -14.23
N CYS C 482 19.55 27.23 -13.20
CA CYS C 482 18.32 26.48 -12.88
C CYS C 482 17.20 27.44 -12.51
N CYS C 483 17.51 28.47 -11.75
CA CYS C 483 16.47 29.47 -11.41
C CYS C 483 16.03 30.22 -12.70
N THR C 484 16.97 30.55 -13.59
CA THR C 484 16.64 31.22 -14.87
C THR C 484 15.77 30.33 -15.77
N GLU C 485 16.01 29.02 -15.81
CA GLU C 485 15.30 28.11 -16.73
C GLU C 485 13.80 28.03 -16.45
N SER C 486 13.01 27.91 -17.53
CA SER C 486 11.54 27.82 -17.40
C SER C 486 11.12 26.90 -16.26
N LEU C 487 9.90 27.14 -15.80
CA LEU C 487 9.42 26.35 -14.66
C LEU C 487 9.25 24.90 -15.05
N VAL C 488 8.75 24.65 -16.25
CA VAL C 488 8.67 23.23 -16.64
C VAL C 488 10.03 22.56 -16.40
N ASN C 489 11.14 23.30 -16.50
CA ASN C 489 12.40 22.58 -16.39
C ASN C 489 13.25 22.95 -15.17
N ARG C 490 12.71 23.83 -14.33
CA ARG C 490 13.38 24.24 -13.10
C ARG C 490 13.73 23.03 -12.22
N ARG C 491 12.69 22.29 -11.82
CA ARG C 491 12.84 21.16 -10.91
C ARG C 491 13.82 20.11 -11.47
N PRO C 492 13.68 19.65 -12.74
CA PRO C 492 14.66 18.73 -13.31
C PRO C 492 16.09 19.27 -13.45
N CYS C 493 16.22 20.57 -13.73
CA CYS C 493 17.52 21.23 -13.82
C CYS C 493 18.21 21.13 -12.46
N PHE C 494 17.41 21.34 -11.40
CA PHE C 494 17.90 21.19 -10.04
C PHE C 494 18.29 19.74 -9.78
N SER C 495 17.39 18.79 -10.06
CA SER C 495 17.68 17.39 -9.83
C SER C 495 18.86 16.86 -10.64
N ALA C 496 19.31 17.67 -11.62
CA ALA C 496 20.39 17.29 -12.50
C ALA C 496 21.78 17.67 -11.99
N LEU C 497 21.82 18.35 -10.83
CA LEU C 497 23.05 18.81 -10.21
C LEU C 497 23.73 17.61 -9.58
N GLU C 498 25.05 17.60 -9.63
CA GLU C 498 25.83 16.53 -9.03
C GLU C 498 26.85 17.14 -8.06
N VAL C 499 27.61 16.26 -7.41
CA VAL C 499 28.54 16.65 -6.36
C VAL C 499 29.66 17.48 -6.98
N ASP C 500 29.99 18.60 -6.33
CA ASP C 500 31.00 19.52 -6.83
C ASP C 500 32.40 19.02 -6.47
N GLU C 501 33.00 18.30 -7.44
CA GLU C 501 34.33 17.72 -7.32
C GLU C 501 35.44 18.77 -7.29
N THR C 502 35.15 19.94 -7.86
CA THR C 502 36.02 21.11 -7.79
C THR C 502 35.52 22.09 -6.72
N TYR C 503 35.71 21.71 -5.45
CA TYR C 503 35.44 22.59 -4.34
C TYR C 503 36.62 22.59 -3.37
N VAL C 504 37.06 23.80 -3.02
CA VAL C 504 38.19 23.95 -2.11
C VAL C 504 37.55 23.96 -0.73
N PRO C 505 37.90 23.02 0.19
CA PRO C 505 37.34 23.02 1.54
C PRO C 505 37.72 24.26 2.34
N LYS C 506 36.82 24.66 3.24
CA LYS C 506 37.11 25.69 4.21
C LYS C 506 38.19 25.26 5.19
N GLU C 507 38.85 26.25 5.79
CA GLU C 507 39.76 26.04 6.91
C GLU C 507 38.98 25.89 8.21
N PHE C 508 39.57 25.12 9.14
CA PHE C 508 38.95 24.83 10.43
C PHE C 508 38.94 26.05 11.33
N ASN C 509 37.79 26.31 11.96
CA ASN C 509 37.67 27.38 12.94
C ASN C 509 37.19 26.79 14.27
N ALA C 510 38.01 27.01 15.33
CA ALA C 510 37.74 26.51 16.66
C ALA C 510 36.31 26.76 17.14
N GLU C 511 35.80 27.98 16.89
CA GLU C 511 34.48 28.40 17.36
C GLU C 511 33.28 27.70 16.73
N THR C 512 33.38 27.34 15.45
CA THR C 512 32.26 26.70 14.76
C THR C 512 32.00 25.29 15.30
N PHE C 513 32.94 24.74 16.09
CA PHE C 513 32.75 23.45 16.75
C PHE C 513 32.95 23.44 18.26
N THR C 514 32.96 24.62 18.90
CA THR C 514 32.96 24.67 20.36
C THR C 514 31.51 24.89 20.75
N PHE C 515 30.91 23.89 21.40
CA PHE C 515 29.53 23.95 21.84
C PHE C 515 29.45 24.16 23.35
N HIS C 516 28.38 24.82 23.80
CA HIS C 516 28.25 25.31 25.15
C HIS C 516 27.03 24.71 25.83
N ALA C 517 26.79 25.13 27.08
CA ALA C 517 25.75 24.58 27.94
C ALA C 517 24.36 25.06 27.53
N ASP C 518 24.28 26.21 26.84
CA ASP C 518 23.01 26.78 26.43
C ASP C 518 22.11 25.79 25.69
N ILE C 519 22.74 24.87 24.93
CA ILE C 519 22.04 23.85 24.15
C ILE C 519 21.12 22.90 24.95
N CYS C 520 21.37 22.76 26.26
CA CYS C 520 20.54 21.95 27.14
C CYS C 520 19.19 22.64 27.34
N THR C 521 19.23 23.98 27.39
CA THR C 521 18.08 24.82 27.63
C THR C 521 17.51 25.53 26.39
N LEU C 522 17.91 25.06 25.19
CA LEU C 522 17.33 25.52 23.92
C LEU C 522 16.04 24.72 23.64
N SER C 523 15.12 25.29 22.86
CA SER C 523 13.95 24.54 22.44
C SER C 523 14.41 23.48 21.44
N GLU C 524 13.45 22.66 20.97
CA GLU C 524 13.74 21.58 20.02
C GLU C 524 14.21 22.14 18.68
N LYS C 525 13.46 23.12 18.16
CA LYS C 525 13.75 23.71 16.85
C LYS C 525 15.15 24.32 16.85
N GLU C 526 15.52 24.96 17.97
CA GLU C 526 16.72 25.78 18.03
C GLU C 526 17.95 24.90 18.21
N ARG C 527 17.78 23.88 19.06
CA ARG C 527 18.79 22.87 19.26
C ARG C 527 19.09 22.14 17.94
N GLN C 528 18.03 21.75 17.21
CA GLN C 528 18.19 21.02 15.96
C GLN C 528 18.90 21.86 14.89
N ILE C 529 18.47 23.12 14.75
CA ILE C 529 19.08 24.02 13.78
C ILE C 529 20.56 24.17 14.11
N LYS C 530 20.92 24.20 15.39
CA LYS C 530 22.31 24.34 15.79
C LYS C 530 23.15 23.09 15.51
N LYS C 531 22.52 21.90 15.61
CA LYS C 531 23.17 20.66 15.20
C LYS C 531 23.31 20.59 13.68
N GLN C 532 22.28 21.03 12.96
CA GLN C 532 22.29 21.00 11.50
C GLN C 532 23.32 21.99 10.96
N THR C 533 23.42 23.17 11.58
CA THR C 533 24.41 24.15 11.19
C THR C 533 25.81 23.57 11.32
N ALA C 534 26.01 22.78 12.38
CA ALA C 534 27.28 22.09 12.59
C ALA C 534 27.54 21.08 11.47
N LEU C 535 26.50 20.31 11.13
CA LEU C 535 26.61 19.27 10.12
C LEU C 535 27.04 19.84 8.76
N VAL C 536 26.41 20.94 8.33
CA VAL C 536 26.84 21.70 7.17
C VAL C 536 28.31 22.09 7.27
N GLU C 537 28.67 22.72 8.40
CA GLU C 537 30.02 23.23 8.60
C GLU C 537 31.04 22.11 8.62
N LEU C 538 30.60 20.91 9.02
CA LEU C 538 31.43 19.72 8.98
C LEU C 538 31.68 19.33 7.52
N VAL C 539 30.59 19.26 6.75
CA VAL C 539 30.66 18.85 5.36
C VAL C 539 31.46 19.88 4.58
N LYS C 540 31.28 21.16 4.92
CA LYS C 540 31.96 22.23 4.23
C LYS C 540 33.48 22.19 4.43
N HIS C 541 33.88 21.86 5.66
CA HIS C 541 35.30 21.73 6.02
C HIS C 541 35.93 20.49 5.40
N LYS C 542 35.19 19.37 5.37
CA LYS C 542 35.71 18.10 4.88
C LYS C 542 34.77 17.46 3.86
N PRO C 543 34.60 18.03 2.64
CA PRO C 543 33.59 17.51 1.71
C PRO C 543 33.73 16.10 1.16
N LYS C 544 34.88 15.46 1.36
CA LYS C 544 35.14 14.11 0.80
C LYS C 544 34.65 13.04 1.78
N ALA C 545 34.14 13.43 2.94
CA ALA C 545 33.79 12.44 3.99
C ALA C 545 32.70 11.48 3.54
N THR C 546 32.80 10.22 3.94
CA THR C 546 31.85 9.18 3.49
C THR C 546 30.71 8.98 4.46
N LYS C 547 29.63 8.34 4.00
CA LYS C 547 28.43 8.11 4.79
C LYS C 547 28.70 7.52 6.17
N GLU C 548 29.57 6.51 6.23
CA GLU C 548 29.85 5.82 7.47
C GLU C 548 30.63 6.72 8.42
N GLN C 549 31.54 7.54 7.88
CA GLN C 549 32.32 8.49 8.66
C GLN C 549 31.44 9.59 9.28
N LEU C 550 30.42 10.02 8.53
CA LEU C 550 29.50 11.04 9.03
C LEU C 550 28.68 10.40 10.14
N LYS C 551 28.21 9.17 9.90
CA LYS C 551 27.44 8.43 10.90
C LYS C 551 28.22 8.31 12.21
N ALA C 552 29.53 8.04 12.11
CA ALA C 552 30.40 7.90 13.26
C ALA C 552 30.43 9.16 14.11
N VAL C 553 30.68 10.30 13.45
CA VAL C 553 30.66 11.61 14.09
C VAL C 553 29.28 12.08 14.55
N MET C 554 28.21 11.58 13.90
CA MET C 554 26.84 11.95 14.27
C MET C 554 26.52 11.26 15.59
N ASP C 555 27.03 10.04 15.74
CA ASP C 555 26.79 9.22 16.93
C ASP C 555 27.64 9.69 18.10
N ASP C 556 28.91 10.02 17.84
CA ASP C 556 29.83 10.55 18.86
C ASP C 556 29.40 11.91 19.37
N PHE C 557 28.70 12.68 18.53
CA PHE C 557 28.18 13.98 18.91
C PHE C 557 26.93 13.79 19.76
N ALA C 558 26.02 12.90 19.34
CA ALA C 558 24.86 12.53 20.13
C ALA C 558 25.28 12.05 21.52
N ALA C 559 26.42 11.36 21.58
CA ALA C 559 27.00 10.86 22.81
C ALA C 559 27.64 11.95 23.66
N PHE C 560 28.31 12.91 23.00
CA PHE C 560 28.92 14.05 23.66
C PHE C 560 27.88 14.99 24.28
N VAL C 561 26.78 15.21 23.54
CA VAL C 561 25.67 16.03 24.00
C VAL C 561 24.91 15.39 25.15
N GLU C 562 24.59 14.09 25.04
CA GLU C 562 23.86 13.40 26.09
C GLU C 562 24.70 13.31 27.36
N LYS C 563 26.03 13.19 27.20
CA LYS C 563 26.96 13.17 28.32
C LYS C 563 26.95 14.50 29.08
N CYS C 564 27.30 15.58 28.37
CA CYS C 564 27.44 16.87 29.08
C CYS C 564 26.11 17.23 29.74
N CYS C 565 25.01 17.08 29.00
CA CYS C 565 23.71 17.49 29.57
C CYS C 565 23.46 16.60 30.79
N LYS C 566 23.78 15.32 30.68
CA LYS C 566 23.66 14.43 31.86
C LYS C 566 24.62 14.88 32.98
N ALA C 567 25.86 15.26 32.65
CA ALA C 567 26.83 15.58 33.74
C ALA C 567 26.35 16.80 34.52
N ASP C 568 26.44 16.75 35.85
CA ASP C 568 25.95 17.90 36.66
C ASP C 568 26.73 19.19 36.42
N ASP C 569 28.07 19.15 36.33
CA ASP C 569 28.75 20.46 36.11
C ASP C 569 28.34 21.04 34.76
N GLU C 571 29.09 22.70 32.22
CA GLU C 571 29.92 23.70 31.47
C GLU C 571 31.39 23.28 31.23
N THR C 572 32.03 22.71 32.25
CA THR C 572 33.44 22.29 32.10
C THR C 572 33.46 21.21 31.07
N CYS C 573 32.46 20.34 31.15
CA CYS C 573 32.46 19.15 30.26
C CYS C 573 32.36 19.64 28.81
N PHE C 574 31.54 20.66 28.54
CA PHE C 574 31.31 21.08 27.13
C PHE C 574 32.58 21.58 26.44
N ALA C 575 33.44 22.36 27.12
CA ALA C 575 34.59 22.97 26.41
C ALA C 575 35.72 21.97 26.19
N GLU C 576 36.08 21.21 27.22
CA GLU C 576 37.17 20.27 27.13
C GLU C 576 36.84 19.03 26.29
N GLU C 577 35.69 18.39 26.54
CA GLU C 577 35.34 17.18 25.80
C GLU C 577 34.75 17.49 24.42
N GLY C 578 34.38 18.75 24.21
CA GLY C 578 34.04 19.24 22.89
C GLY C 578 35.26 19.29 21.96
N LYS C 579 36.39 19.80 22.48
CA LYS C 579 37.63 19.83 21.71
C LYS C 579 38.31 18.46 21.69
N LYS C 580 37.87 17.54 22.56
CA LYS C 580 38.28 16.14 22.47
C LYS C 580 37.54 15.45 21.31
N LEU C 581 36.27 15.83 21.12
CA LEU C 581 35.47 15.33 20.01
C LEU C 581 36.00 15.85 18.68
N VAL C 582 36.37 17.14 18.65
CA VAL C 582 37.03 17.76 17.52
C VAL C 582 38.25 16.94 17.14
N ALA C 583 39.21 16.79 18.07
CA ALA C 583 40.43 16.04 17.81
C ALA C 583 40.15 14.62 17.33
N ALA C 584 39.21 13.93 17.99
CA ALA C 584 38.84 12.56 17.64
C ALA C 584 38.35 12.43 16.20
N SER C 585 37.55 13.41 15.74
CA SER C 585 36.98 13.40 14.40
C SER C 585 37.90 13.96 13.33
N GLN C 586 38.84 14.85 13.72
CA GLN C 586 39.84 15.36 12.81
C GLN C 586 40.70 14.18 12.36
N ALA C 587 41.08 13.33 13.33
CA ALA C 587 41.80 12.10 13.06
C ALA C 587 41.01 11.18 12.16
N ALA C 588 39.74 10.93 12.50
CA ALA C 588 38.85 10.11 11.70
C ALA C 588 38.43 10.89 10.45
N GLU D 1 -28.13 9.47 -27.62
CA GLU D 1 -27.38 9.94 -28.78
C GLU D 1 -27.88 11.29 -29.27
N VAL D 2 -26.94 12.15 -29.68
CA VAL D 2 -27.22 13.55 -29.90
C VAL D 2 -28.13 13.67 -31.12
N GLN D 3 -29.13 14.55 -31.02
CA GLN D 3 -30.00 14.87 -32.14
C GLN D 3 -30.36 16.36 -32.22
N LEU D 4 -30.06 16.98 -33.36
CA LEU D 4 -30.45 18.35 -33.65
C LEU D 4 -31.22 18.47 -34.97
N GLN D 5 -32.19 19.37 -35.00
CA GLN D 5 -32.99 19.63 -36.23
C GLN D 5 -33.20 21.14 -36.36
N GLU D 6 -32.61 21.76 -37.39
CA GLU D 6 -32.70 23.24 -37.51
C GLU D 6 -34.03 23.62 -38.15
N SER D 7 -34.42 24.89 -38.01
CA SER D 7 -35.72 25.37 -38.55
C SER D 7 -35.60 26.87 -38.80
N GLY D 8 -36.63 27.48 -39.38
CA GLY D 8 -36.52 28.90 -39.76
C GLY D 8 -35.66 29.03 -40.99
N GLY D 9 -35.72 30.17 -41.68
CA GLY D 9 -34.95 30.28 -42.93
C GLY D 9 -35.86 30.52 -44.11
N GLY D 10 -35.30 31.06 -45.18
CA GLY D 10 -36.11 31.36 -46.38
C GLY D 10 -35.47 32.47 -47.18
N LEU D 11 -36.23 33.05 -48.11
CA LEU D 11 -35.71 34.18 -48.90
C LEU D 11 -36.10 35.45 -48.15
N VAL D 12 -35.13 36.32 -47.90
CA VAL D 12 -35.42 37.62 -47.24
C VAL D 12 -34.73 38.71 -48.06
N GLN D 13 -35.23 39.93 -47.97
CA GLN D 13 -34.62 41.03 -48.76
C GLN D 13 -33.42 41.55 -47.99
N PRO D 14 -32.46 42.24 -48.66
CA PRO D 14 -31.35 42.82 -47.94
C PRO D 14 -31.84 43.77 -46.86
N GLY D 15 -31.31 43.59 -45.64
CA GLY D 15 -31.71 44.38 -44.48
C GLY D 15 -32.97 43.87 -43.80
N GLY D 16 -33.33 42.60 -44.08
CA GLY D 16 -34.47 41.97 -43.45
C GLY D 16 -34.01 41.06 -42.33
N SER D 17 -34.96 40.31 -41.78
CA SER D 17 -34.74 39.50 -40.59
C SER D 17 -35.28 38.07 -40.67
N LEU D 18 -34.64 37.19 -39.90
CA LEU D 18 -35.10 35.83 -39.69
C LEU D 18 -34.70 35.36 -38.29
N ARG D 19 -35.33 34.29 -37.85
CA ARG D 19 -35.08 33.74 -36.53
C ARG D 19 -35.01 32.23 -36.62
N LEU D 20 -33.79 31.71 -36.68
CA LEU D 20 -33.59 30.28 -36.77
C LEU D 20 -33.87 29.66 -35.41
N SER D 21 -34.54 28.50 -35.40
CA SER D 21 -34.74 27.78 -34.17
C SER D 21 -34.10 26.41 -34.36
N CYS D 22 -33.67 25.77 -33.27
CA CYS D 22 -33.11 24.44 -33.34
C CYS D 22 -33.56 23.57 -32.16
N ALA D 23 -34.06 22.37 -32.48
CA ALA D 23 -34.62 21.47 -31.47
C ALA D 23 -33.58 20.41 -31.09
N ALA D 24 -33.36 20.21 -29.78
CA ALA D 24 -32.27 19.28 -29.34
C ALA D 24 -32.73 18.15 -28.41
N SER D 25 -33.44 17.16 -28.93
CA SER D 25 -33.92 15.98 -28.16
C SER D 25 -32.83 15.07 -27.57
N GLY D 26 -31.75 14.80 -28.29
CA GLY D 26 -30.76 13.77 -27.91
C GLY D 26 -29.98 13.93 -26.62
N PHE D 27 -29.56 15.13 -26.25
CA PHE D 27 -28.60 15.35 -25.14
C PHE D 27 -29.17 16.37 -24.18
N ARG D 28 -28.66 16.39 -22.95
CA ARG D 28 -29.30 17.23 -21.91
C ARG D 28 -29.24 18.69 -22.36
N PHE D 29 -28.14 19.14 -22.95
CA PHE D 29 -28.13 20.50 -23.55
C PHE D 29 -28.05 21.52 -22.45
N SER D 30 -28.93 21.46 -21.46
CA SER D 30 -28.78 22.50 -20.44
C SER D 30 -27.36 22.59 -19.88
N SER D 31 -26.56 21.53 -20.09
CA SER D 31 -25.22 21.44 -19.53
C SER D 31 -24.11 21.68 -20.53
N TYR D 32 -24.50 21.93 -21.77
CA TYR D 32 -23.47 21.99 -22.83
C TYR D 32 -23.59 23.21 -23.67
N TRP D 33 -22.45 23.66 -24.15
CA TRP D 33 -22.42 24.83 -25.05
C TRP D 33 -23.04 24.46 -26.36
N MET D 34 -23.75 25.41 -26.96
CA MET D 34 -24.41 25.18 -28.25
C MET D 34 -23.85 26.23 -29.19
N TYR D 35 -23.52 25.84 -30.41
CA TYR D 35 -22.90 26.78 -31.37
C TYR D 35 -23.68 26.82 -32.65
N TRP D 36 -23.60 27.94 -33.35
CA TRP D 36 -24.26 28.09 -34.66
C TRP D 36 -23.15 28.22 -35.70
N VAL D 37 -23.22 27.46 -36.78
CA VAL D 37 -22.18 27.50 -37.84
C VAL D 37 -22.89 27.61 -39.20
N ARG D 38 -22.21 28.13 -40.22
CA ARG D 38 -22.79 28.29 -41.57
C ARG D 38 -21.82 27.93 -42.67
N GLN D 39 -22.32 27.59 -43.86
CA GLN D 39 -21.45 27.33 -45.01
C GLN D 39 -22.04 28.07 -46.19
N ALA D 40 -21.28 28.99 -46.79
CA ALA D 40 -21.75 29.69 -47.97
C ALA D 40 -21.67 28.77 -49.18
N PRO D 41 -22.48 29.03 -50.23
CA PRO D 41 -22.43 28.25 -51.45
C PRO D 41 -21.00 28.14 -51.96
N GLY D 42 -20.47 26.92 -51.91
CA GLY D 42 -19.18 26.61 -52.51
C GLY D 42 -17.97 26.89 -51.63
N LYS D 43 -18.21 27.36 -50.40
CA LYS D 43 -17.15 27.76 -49.50
C LYS D 43 -17.09 26.78 -48.34
N GLY D 44 -16.11 26.99 -47.45
CA GLY D 44 -15.99 26.21 -46.23
C GLY D 44 -16.93 26.68 -45.12
N LEU D 45 -17.05 25.85 -44.08
CA LEU D 45 -17.76 26.23 -42.86
C LEU D 45 -17.13 27.43 -42.17
N GLU D 46 -17.99 28.36 -41.75
CA GLU D 46 -17.69 29.47 -40.88
C GLU D 46 -18.31 29.19 -39.50
N TRP D 47 -17.56 29.54 -38.44
CA TRP D 47 -18.14 29.71 -37.11
C TRP D 47 -18.87 31.05 -37.10
N VAL D 48 -20.12 31.03 -36.60
CA VAL D 48 -20.94 32.22 -36.58
C VAL D 48 -21.09 32.73 -35.15
N SER D 49 -21.44 31.85 -34.20
CA SER D 49 -21.58 32.26 -32.82
C SER D 49 -21.68 31.09 -31.84
N ALA D 50 -21.59 31.41 -30.53
CA ALA D 50 -21.49 30.43 -29.47
C ALA D 50 -22.19 30.92 -28.21
N ILE D 51 -22.68 29.98 -27.39
CA ILE D 51 -23.39 30.33 -26.18
C ILE D 51 -23.03 29.31 -25.09
N ASN D 52 -22.90 29.78 -23.85
CA ASN D 52 -22.51 28.88 -22.77
C ASN D 52 -23.71 28.09 -22.27
N SER D 53 -23.44 27.17 -21.35
CA SER D 53 -24.41 26.20 -20.89
C SER D 53 -25.68 26.86 -20.36
N SER D 54 -25.48 27.94 -19.61
CA SER D 54 -26.56 28.61 -18.90
C SER D 54 -27.24 29.69 -19.72
N GLY D 55 -26.44 30.38 -20.51
CA GLY D 55 -26.96 31.54 -21.23
C GLY D 55 -26.16 32.68 -20.67
N GLY D 56 -26.16 33.82 -21.31
CA GLY D 56 -25.50 34.98 -20.71
C GLY D 56 -24.03 35.03 -21.02
N TYR D 57 -23.50 34.01 -21.68
CA TYR D 57 -22.13 34.18 -22.21
C TYR D 57 -22.38 33.99 -23.70
N THR D 58 -21.97 34.94 -24.52
CA THR D 58 -22.30 34.86 -25.93
C THR D 58 -21.15 35.40 -26.70
N ARG D 59 -20.69 34.64 -27.69
CA ARG D 59 -19.64 35.15 -28.56
C ARG D 59 -20.13 35.17 -30.00
N TYR D 60 -19.51 36.00 -30.83
CA TYR D 60 -19.89 36.17 -32.21
C TYR D 60 -18.66 36.34 -33.09
N ALA D 61 -18.70 35.70 -34.26
CA ALA D 61 -17.82 36.03 -35.37
C ALA D 61 -17.89 37.50 -35.74
N ASP D 62 -16.74 38.06 -36.10
CA ASP D 62 -16.68 39.51 -36.28
C ASP D 62 -17.74 39.99 -37.25
N SER D 63 -17.91 39.27 -38.36
CA SER D 63 -18.87 39.61 -39.40
C SER D 63 -20.31 39.77 -38.93
N VAL D 64 -20.75 38.89 -38.04
CA VAL D 64 -22.11 38.94 -37.53
C VAL D 64 -22.28 39.75 -36.24
N LYS D 65 -21.21 40.32 -35.69
CA LYS D 65 -21.31 41.02 -34.43
C LYS D 65 -22.15 42.28 -34.57
N GLY D 66 -23.24 42.35 -33.82
CA GLY D 66 -24.12 43.51 -33.83
C GLY D 66 -25.37 43.27 -34.68
N ARG D 67 -25.37 42.13 -35.37
CA ARG D 67 -26.35 41.82 -36.41
C ARG D 67 -27.15 40.59 -36.01
N PHE D 68 -26.48 39.54 -35.53
CA PHE D 68 -27.14 38.34 -35.03
C PHE D 68 -27.10 38.18 -33.50
N THR D 69 -28.18 37.64 -32.94
CA THR D 69 -28.25 37.40 -31.51
C THR D 69 -28.59 35.94 -31.20
N ILE D 70 -27.62 35.20 -30.67
CA ILE D 70 -27.82 33.83 -30.26
C ILE D 70 -28.42 33.80 -28.86
N SER D 71 -29.25 32.81 -28.59
CA SER D 71 -29.85 32.63 -27.28
C SER D 71 -30.40 31.22 -27.15
N ARG D 72 -30.66 30.81 -25.91
CA ARG D 72 -31.16 29.46 -25.69
C ARG D 72 -32.29 29.49 -24.67
N ASP D 73 -33.19 28.51 -24.80
CA ASP D 73 -34.24 28.29 -23.83
C ASP D 73 -34.08 26.86 -23.34
N ASN D 74 -33.48 26.69 -22.16
CA ASN D 74 -33.13 25.35 -21.71
C ASN D 74 -34.38 24.64 -21.23
N ALA D 75 -35.43 25.41 -20.96
CA ALA D 75 -36.72 24.85 -20.62
C ALA D 75 -37.28 24.04 -21.79
N LYS D 76 -37.02 24.53 -23.01
CA LYS D 76 -37.53 23.93 -24.23
C LYS D 76 -36.50 23.18 -25.08
N ASN D 77 -35.25 23.09 -24.61
CA ASN D 77 -34.17 22.56 -25.43
C ASN D 77 -34.22 23.14 -26.85
N THR D 78 -34.30 24.46 -26.94
CA THR D 78 -34.28 25.15 -28.21
C THR D 78 -33.14 26.16 -28.21
N LEU D 79 -32.39 26.18 -29.32
CA LEU D 79 -31.41 27.20 -29.57
C LEU D 79 -31.97 28.16 -30.62
N TYR D 80 -31.87 29.46 -30.38
CA TYR D 80 -32.39 30.43 -31.34
C TYR D 80 -31.21 31.18 -31.93
N LEU D 81 -31.41 31.78 -33.13
CA LEU D 81 -30.47 32.70 -33.74
C LEU D 81 -31.25 33.80 -34.44
N GLN D 82 -31.21 35.00 -33.86
CA GLN D 82 -32.01 36.12 -34.35
C GLN D 82 -31.17 36.89 -35.35
N MET D 83 -31.57 36.82 -36.62
CA MET D 83 -30.80 37.41 -37.70
C MET D 83 -31.44 38.74 -38.04
N ASN D 84 -30.75 39.83 -37.72
CA ASN D 84 -31.17 41.15 -38.14
C ASN D 84 -30.11 41.69 -39.07
N SER D 85 -30.40 42.87 -39.62
CA SER D 85 -29.52 43.55 -40.54
C SER D 85 -28.86 42.54 -41.47
N LEU D 86 -29.69 41.79 -42.24
CA LEU D 86 -29.22 40.74 -43.11
C LEU D 86 -28.56 41.34 -44.35
N ARG D 87 -27.61 40.58 -44.91
CA ARG D 87 -26.87 40.99 -46.09
C ARG D 87 -26.89 39.86 -47.10
N ALA D 88 -26.61 40.22 -48.36
CA ALA D 88 -26.39 39.25 -49.42
C ALA D 88 -25.40 38.14 -49.03
N GLU D 89 -24.27 38.54 -48.42
CA GLU D 89 -23.25 37.58 -48.02
C GLU D 89 -23.68 36.67 -46.87
N ASP D 90 -24.82 36.95 -46.24
CA ASP D 90 -25.29 36.05 -45.21
C ASP D 90 -26.00 34.84 -45.83
N THR D 91 -26.05 34.75 -47.17
CA THR D 91 -26.68 33.63 -47.83
C THR D 91 -25.82 32.41 -47.60
N ALA D 92 -26.38 31.40 -46.94
CA ALA D 92 -25.66 30.19 -46.58
C ALA D 92 -26.58 29.20 -45.89
N VAL D 93 -26.05 28.00 -45.66
CA VAL D 93 -26.76 26.96 -44.95
C VAL D 93 -26.27 27.04 -43.51
N TYR D 94 -27.23 27.25 -42.58
CA TYR D 94 -26.93 27.44 -41.16
C TYR D 94 -27.22 26.17 -40.37
N TYR D 95 -26.15 25.55 -39.86
CA TYR D 95 -26.29 24.44 -38.96
C TYR D 95 -26.12 24.95 -37.53
N CYS D 96 -26.76 24.28 -36.58
CA CYS D 96 -26.43 24.42 -35.17
C CYS D 96 -25.61 23.19 -34.78
N ALA D 97 -24.66 23.37 -33.86
CA ALA D 97 -23.74 22.30 -33.47
C ALA D 97 -23.54 22.24 -31.96
N THR D 98 -23.02 21.10 -31.49
CA THR D 98 -22.65 20.90 -30.10
C THR D 98 -21.41 20.01 -30.05
N ASP D 99 -20.71 20.03 -28.90
CA ASP D 99 -19.59 19.13 -28.66
C ASP D 99 -19.99 18.03 -27.67
N SER D 100 -21.27 17.91 -27.33
CA SER D 100 -21.74 16.74 -26.60
C SER D 100 -21.46 15.45 -27.38
N GLY D 101 -20.88 14.47 -26.70
CA GLY D 101 -20.76 13.12 -27.23
C GLY D 101 -19.36 12.51 -27.12
N ASP D 102 -19.30 11.19 -27.31
CA ASP D 102 -18.05 10.44 -27.34
C ASP D 102 -17.51 10.26 -28.77
N GLY D 103 -18.10 10.97 -29.73
CA GLY D 103 -17.77 10.74 -31.12
C GLY D 103 -16.64 11.61 -31.65
N LYS D 104 -16.46 11.56 -32.98
CA LYS D 104 -15.38 12.27 -33.64
C LYS D 104 -15.56 13.79 -33.55
N ARG D 105 -14.44 14.51 -33.55
CA ARG D 105 -14.46 15.96 -33.52
C ARG D 105 -14.16 16.60 -34.87
N TYR D 106 -14.76 17.78 -35.07
CA TYR D 106 -14.67 18.54 -36.29
C TYR D 106 -14.41 20.01 -35.98
N TRP D 107 -13.70 20.71 -36.86
CA TRP D 107 -13.31 22.09 -36.65
C TRP D 107 -14.24 23.08 -37.33
N SER D 108 -14.82 24.00 -36.58
CA SER D 108 -15.66 25.02 -37.16
C SER D 108 -14.91 26.32 -37.40
N GLY D 109 -13.63 26.39 -37.03
CA GLY D 109 -12.86 27.62 -37.16
C GLY D 109 -12.76 28.49 -35.92
N GLU D 110 -13.57 28.19 -34.91
CA GLU D 110 -13.35 28.70 -33.57
C GLU D 110 -13.52 27.57 -32.55
N TYR D 111 -14.54 26.72 -32.74
CA TYR D 111 -14.81 25.64 -31.80
C TYR D 111 -14.84 24.29 -32.49
N PHE D 112 -14.20 23.29 -31.89
CA PHE D 112 -14.48 21.91 -32.24
C PHE D 112 -15.93 21.61 -31.85
N TYR D 113 -16.58 20.72 -32.60
CA TYR D 113 -17.92 20.26 -32.29
C TYR D 113 -17.96 18.77 -32.60
N ARG D 114 -19.08 18.14 -32.25
CA ARG D 114 -19.20 16.71 -32.46
C ARG D 114 -20.40 16.32 -33.32
N SER D 115 -21.51 17.06 -33.14
CA SER D 115 -22.75 16.81 -33.83
C SER D 115 -23.32 18.14 -34.30
N ARG D 116 -23.95 18.10 -35.49
CA ARG D 116 -24.44 19.24 -36.22
C ARG D 116 -25.82 18.78 -36.68
N GLY D 117 -26.73 19.70 -36.98
CA GLY D 117 -27.98 19.30 -37.62
C GLY D 117 -27.87 19.13 -39.14
N GLN D 118 -29.05 19.03 -39.77
CA GLN D 118 -29.17 18.90 -41.20
C GLN D 118 -28.87 20.24 -41.89
N GLY D 119 -29.20 21.33 -41.22
CA GLY D 119 -29.04 22.65 -41.79
C GLY D 119 -30.38 23.28 -42.15
N THR D 120 -30.37 24.60 -42.31
CA THR D 120 -31.49 25.35 -42.85
C THR D 120 -30.92 26.35 -43.87
N LEU D 121 -31.56 26.50 -45.03
CA LEU D 121 -31.06 27.45 -46.02
C LEU D 121 -31.58 28.85 -45.73
N VAL D 122 -30.66 29.83 -45.68
CA VAL D 122 -31.04 31.24 -45.69
C VAL D 122 -30.56 31.90 -46.98
N THR D 123 -31.48 32.53 -47.70
CA THR D 123 -31.17 33.19 -48.95
C THR D 123 -31.50 34.67 -48.71
N VAL D 124 -30.62 35.55 -49.20
CA VAL D 124 -30.77 36.98 -49.01
C VAL D 124 -30.41 37.62 -50.34
N SER D 125 -31.43 38.14 -51.04
CA SER D 125 -31.20 38.90 -52.25
C SER D 125 -32.47 39.58 -52.73
N SER D 126 -32.30 40.42 -53.75
CA SER D 126 -33.34 41.29 -54.29
C SER D 126 -33.79 40.86 -55.70
#